data_8IK0
#
_entry.id   8IK0
#
_cell.length_a   1.00
_cell.length_b   1.00
_cell.length_c   1.00
_cell.angle_alpha   90.00
_cell.angle_beta   90.00
_cell.angle_gamma   90.00
#
_symmetry.space_group_name_H-M   'P 1'
#
_entity_poly.entity_id   1
_entity_poly.type   'polypeptide(L)'
_entity_poly.pdbx_seq_one_letter_code
;MPQDPSTRSSPARLLIPEPRAGRARHAACVLLAVCFVVLFLSGEPLAPITRRVCTQLAALQLGVLLKGCCCLAEEIFHLH
SRHHGSLWQVLCSCFPPRWHLALLLVGGSAYLDPPEDNGHSPRLALTLSCLCQLLVLALGLQKLSAVEVSELTESSKKNV
AHGLAWSYYIGYLKVVLPRLKECMEEISRTNPMLRAHRDTWKLHILVPLGCDIWDDLEKADSNIQYLADLPETILTRAGI
KRRVYKHSLYVIRDKDNKLRPCVLEFASPLQTLCAMSQDDCAAFSREQRLEQARLFYRSLRDILGSSKECAGLYRLIAYE
EPAEPESHFLSGLILWHLQQQQREEYMVLEVLFQGPVDFDKTLTHPNGLVVERPVGFDARRSAEGFRFDEGGKLRNPRQL
EVQRQDAPPPPDLASRRLGDGEARYKVEEDDGGSAGSEYRLWAAKPAGARWIVVSASEQSEDGEPTFALAWALLERARLQ
SSHHHHHHHH
;
_entity_poly.pdbx_strand_id   A,B,C,F,D,G,E,H
#
# COMPACT_ATOMS: atom_id res chain seq x y z
N SER A 10 -29.83 41.93 -0.33
CA SER A 10 -29.95 40.83 0.61
C SER A 10 -31.22 40.96 1.45
N PRO A 11 -31.99 39.88 1.54
CA PRO A 11 -33.21 39.92 2.37
C PRO A 11 -32.94 40.23 3.83
N ALA A 12 -31.80 39.77 4.36
CA ALA A 12 -31.41 40.02 5.75
C ALA A 12 -30.33 41.10 5.73
N ARG A 13 -30.71 42.32 6.09
CA ARG A 13 -29.78 43.44 6.13
C ARG A 13 -28.83 43.23 7.31
N LEU A 14 -27.60 42.79 7.00
CA LEU A 14 -26.62 42.52 8.03
C LEU A 14 -25.99 43.80 8.54
N LEU A 15 -25.75 43.85 9.86
CA LEU A 15 -25.12 44.99 10.50
C LEU A 15 -23.88 44.47 11.23
N ILE A 16 -22.72 44.64 10.59
CA ILE A 16 -21.46 44.14 11.14
C ILE A 16 -20.54 45.34 11.41
N PRO A 17 -19.85 45.38 12.54
CA PRO A 17 -18.92 46.49 12.80
C PRO A 17 -17.69 46.41 11.92
N GLU A 18 -17.07 47.58 11.69
CA GLU A 18 -15.85 47.70 10.93
C GLU A 18 -14.69 48.13 11.83
N PRO A 19 -13.46 47.72 11.52
CA PRO A 19 -12.32 48.10 12.35
C PRO A 19 -12.13 49.61 12.39
N ARG A 20 -11.71 50.10 13.55
CA ARG A 20 -11.52 51.53 13.72
C ARG A 20 -10.33 52.03 12.90
N ALA A 21 -10.44 53.24 12.37
CA ALA A 21 -9.40 53.78 11.52
C ALA A 21 -8.20 54.32 12.28
N GLY A 22 -8.25 54.40 13.60
CA GLY A 22 -7.19 55.03 14.36
C GLY A 22 -7.00 56.48 13.99
N ARG A 23 -8.10 57.19 13.71
CA ARG A 23 -8.10 58.58 13.28
C ARG A 23 -8.14 59.58 14.43
N ALA A 24 -8.17 59.12 15.69
CA ALA A 24 -8.13 60.05 16.82
C ALA A 24 -6.85 60.88 16.81
N ARG A 25 -5.77 60.32 16.26
CA ARG A 25 -4.52 61.06 16.17
C ARG A 25 -4.69 62.33 15.35
N HIS A 26 -5.43 62.25 14.24
CA HIS A 26 -5.67 63.43 13.41
C HIS A 26 -6.49 64.47 14.15
N ALA A 27 -7.53 64.05 14.88
CA ALA A 27 -8.31 65.00 15.66
C ALA A 27 -7.47 65.67 16.74
N ALA A 28 -6.63 64.90 17.41
CA ALA A 28 -5.73 65.47 18.41
C ALA A 28 -4.78 66.47 17.77
N CYS A 29 -4.25 66.15 16.60
CA CYS A 29 -3.34 67.07 15.92
C CYS A 29 -4.05 68.37 15.53
N VAL A 30 -5.28 68.28 15.01
CA VAL A 30 -5.96 69.50 14.57
C VAL A 30 -6.35 70.36 15.77
N LEU A 31 -6.79 69.73 16.88
CA LEU A 31 -7.08 70.55 18.06
C LEU A 31 -5.80 71.13 18.66
N LEU A 32 -4.69 70.41 18.57
CA LEU A 32 -3.41 70.94 19.02
C LEU A 32 -3.00 72.16 18.20
N ALA A 33 -3.18 72.08 16.87
CA ALA A 33 -2.88 73.22 16.00
C ALA A 33 -3.79 74.40 16.32
N VAL A 34 -5.08 74.14 16.57
CA VAL A 34 -5.99 75.20 16.97
C VAL A 34 -5.53 75.83 18.29
N CYS A 35 -5.03 75.00 19.21
CA CYS A 35 -4.51 75.51 20.46
C CYS A 35 -3.30 76.42 20.24
N PHE A 36 -2.39 76.01 19.35
CA PHE A 36 -1.26 76.86 19.01
C PHE A 36 -1.71 78.20 18.43
N VAL A 37 -2.64 78.16 17.47
CA VAL A 37 -3.03 79.41 16.81
C VAL A 37 -3.80 80.30 17.77
N VAL A 38 -4.51 79.72 18.74
CA VAL A 38 -5.19 80.52 19.75
C VAL A 38 -4.17 81.15 20.71
N LEU A 39 -3.19 80.36 21.16
CA LEU A 39 -2.24 80.85 22.15
C LEU A 39 -1.32 81.91 21.57
N PHE A 40 -0.87 81.72 20.33
CA PHE A 40 0.10 82.65 19.75
C PHE A 40 -0.49 84.05 19.61
N LEU A 41 -1.74 84.15 19.18
CA LEU A 41 -2.38 85.45 19.07
C LEU A 41 -2.64 86.03 20.46
N SER A 42 -2.41 87.34 20.58
CA SER A 42 -2.60 88.06 21.85
C SER A 42 -1.79 87.43 22.98
N LEU A 46 8.88 85.22 24.93
CA LEU A 46 8.13 84.45 25.93
C LEU A 46 8.85 83.16 26.28
N ALA A 47 10.18 83.22 26.31
CA ALA A 47 10.97 82.04 26.67
C ALA A 47 10.65 81.50 28.08
N PRO A 48 10.50 82.32 29.12
CA PRO A 48 10.13 81.75 30.43
C PRO A 48 8.80 81.01 30.40
N ILE A 49 7.85 81.45 29.59
CA ILE A 49 6.57 80.74 29.48
C ILE A 49 6.78 79.36 28.89
N THR A 50 7.62 79.25 27.85
CA THR A 50 7.93 77.95 27.27
C THR A 50 8.68 77.07 28.28
N ARG A 51 9.57 77.67 29.07
CA ARG A 51 10.27 76.91 30.09
C ARG A 51 9.30 76.38 31.14
N ARG A 52 8.33 77.20 31.54
CA ARG A 52 7.31 76.74 32.49
C ARG A 52 6.46 75.63 31.89
N VAL A 53 6.14 75.75 30.60
CA VAL A 53 5.39 74.69 29.93
C VAL A 53 6.16 73.38 29.93
N CYS A 54 7.47 73.45 29.64
CA CYS A 54 8.30 72.26 29.66
C CYS A 54 8.40 71.67 31.06
N THR A 55 8.52 72.53 32.08
CA THR A 55 8.56 72.05 33.45
C THR A 55 7.25 71.37 33.84
N GLN A 56 6.11 71.95 33.44
CA GLN A 56 4.83 71.33 33.72
C GLN A 56 4.69 69.99 33.01
N LEU A 57 5.17 69.91 31.77
CA LEU A 57 5.15 68.64 31.05
C LEU A 57 5.99 67.59 31.76
N ALA A 58 7.17 67.99 32.25
CA ALA A 58 8.01 67.07 33.02
C ALA A 58 7.42 66.74 34.38
N ALA A 59 6.49 67.56 34.88
CA ALA A 59 5.93 67.33 36.21
C ALA A 59 5.08 66.07 36.25
N LEU A 60 4.20 65.88 35.28
CA LEU A 60 3.34 64.71 35.25
C LEU A 60 3.95 63.54 34.49
N GLN A 61 5.17 63.69 33.99
CA GLN A 61 5.84 62.64 33.24
C GLN A 61 6.69 61.74 34.13
N LEU A 62 6.72 61.98 35.44
CA LEU A 62 7.47 61.13 36.36
C LEU A 62 6.61 60.03 36.98
N GLY A 63 5.31 60.00 36.69
CA GLY A 63 4.47 58.95 37.24
C GLY A 63 4.75 57.59 36.62
N VAL A 64 5.28 57.58 35.39
CA VAL A 64 5.62 56.31 34.75
C VAL A 64 6.75 55.63 35.51
N LEU A 65 7.68 56.42 36.06
CA LEU A 65 8.76 55.84 36.87
C LEU A 65 8.22 55.17 38.12
N LEU A 66 7.27 55.83 38.80
CA LEU A 66 6.67 55.24 39.99
C LEU A 66 5.89 53.98 39.64
N LYS A 67 5.15 54.01 38.53
CA LYS A 67 4.41 52.82 38.10
C LYS A 67 5.35 51.67 37.78
N GLY A 68 6.45 51.97 37.09
CA GLY A 68 7.43 50.93 36.78
C GLY A 68 8.08 50.37 38.03
N CYS A 69 8.37 51.23 39.01
CA CYS A 69 8.95 50.75 40.26
C CYS A 69 7.99 49.83 41.00
N CYS A 70 6.70 50.21 41.05
CA CYS A 70 5.71 49.36 41.70
C CYS A 70 5.57 48.03 40.96
N CYS A 71 5.55 48.07 39.62
CA CYS A 71 5.45 46.84 38.85
C CYS A 71 6.67 45.95 39.08
N LEU A 72 7.86 46.54 39.17
CA LEU A 72 9.06 45.76 39.44
C LEU A 72 9.00 45.13 40.82
N ALA A 73 8.53 45.88 41.82
CA ALA A 73 8.40 45.33 43.16
C ALA A 73 7.40 44.17 43.18
N GLU A 74 6.32 44.28 42.40
CA GLU A 74 5.33 43.22 42.36
C GLU A 74 5.79 42.02 41.53
N GLU A 75 6.66 42.23 40.55
CA GLU A 75 7.03 41.20 39.58
C GLU A 75 8.39 40.57 39.88
N ILE A 76 9.12 41.05 40.88
CA ILE A 76 10.37 40.42 41.25
C ILE A 76 10.16 38.98 41.68
N PHE A 77 8.97 38.65 42.17
CA PHE A 77 8.67 37.26 42.54
C PHE A 77 8.55 36.37 41.30
N HIS A 78 7.82 36.84 40.28
CA HIS A 78 7.65 36.09 39.05
C HIS A 78 8.86 36.19 38.13
N LEU A 79 9.86 37.01 38.49
CA LEU A 79 11.07 37.12 37.69
C LEU A 79 11.71 35.75 37.43
N HIS A 80 11.77 34.90 38.46
CA HIS A 80 12.37 33.59 38.29
C HIS A 80 11.54 32.69 37.40
N SER A 81 10.21 32.73 37.57
CA SER A 81 9.35 31.79 36.84
C SER A 81 9.16 32.18 35.38
N ARG A 82 9.13 33.48 35.06
CA ARG A 82 8.85 33.93 33.72
C ARG A 82 10.10 34.35 32.95
N HIS A 83 10.92 35.23 33.52
CA HIS A 83 12.10 35.74 32.85
C HIS A 83 13.40 35.16 33.39
N HIS A 84 13.32 34.18 34.29
CA HIS A 84 14.50 33.55 34.88
C HIS A 84 15.40 34.57 35.57
N LEU A 87 18.10 38.70 33.88
CA LEU A 87 17.47 39.57 34.87
C LEU A 87 17.22 40.95 34.25
N TRP A 88 17.97 41.26 33.19
CA TRP A 88 17.75 42.49 32.46
C TRP A 88 16.38 42.51 31.78
N GLN A 89 15.85 41.34 31.44
CA GLN A 89 14.51 41.26 30.87
C GLN A 89 13.47 41.79 31.83
N VAL A 90 13.63 41.50 33.13
CA VAL A 90 12.73 42.02 34.14
C VAL A 90 12.77 43.54 34.16
N LEU A 91 13.98 44.11 34.12
CA LEU A 91 14.12 45.57 34.17
C LEU A 91 13.50 46.22 32.94
N CYS A 92 13.77 45.69 31.75
CA CYS A 92 13.25 46.33 30.54
C CYS A 92 11.78 46.06 30.33
N SER A 93 11.23 45.00 30.91
CA SER A 93 9.81 44.69 30.73
C SER A 93 8.92 45.58 31.57
N CYS A 94 9.35 45.94 32.79
CA CYS A 94 8.51 46.69 33.70
C CYS A 94 8.33 48.14 33.30
N PHE A 95 9.08 48.63 32.32
CA PHE A 95 8.98 50.02 31.89
C PHE A 95 8.82 50.07 30.38
N PRO A 96 8.13 51.09 29.86
CA PRO A 96 8.02 51.24 28.41
C PRO A 96 9.38 51.53 27.81
N PRO A 97 9.60 51.16 26.54
CA PRO A 97 10.92 51.39 25.92
C PRO A 97 11.33 52.85 25.89
N ARG A 98 10.37 53.78 25.86
CA ARG A 98 10.66 55.21 25.87
C ARG A 98 10.58 55.74 27.31
N TRP A 99 11.51 55.25 28.13
CA TRP A 99 11.53 55.61 29.55
C TRP A 99 12.59 56.65 29.89
N HIS A 100 13.70 56.68 29.15
CA HIS A 100 14.76 57.65 29.43
C HIS A 100 14.33 59.08 29.13
N LEU A 101 13.28 59.27 28.32
CA LEU A 101 12.79 60.61 28.04
C LEU A 101 12.28 61.29 29.31
N ALA A 102 11.58 60.53 30.17
CA ALA A 102 11.13 61.10 31.44
C ALA A 102 12.32 61.48 32.32
N LEU A 103 13.36 60.63 32.33
CA LEU A 103 14.55 60.97 33.10
C LEU A 103 15.20 62.25 32.58
N LEU A 104 15.31 62.39 31.26
CA LEU A 104 15.89 63.60 30.69
C LEU A 104 15.06 64.83 31.05
N LEU A 105 13.73 64.72 30.94
CA LEU A 105 12.86 65.85 31.25
C LEU A 105 12.96 66.24 32.73
N VAL A 106 12.96 65.26 33.63
CA VAL A 106 13.03 65.59 35.06
C VAL A 106 14.41 66.16 35.41
N GLY A 107 15.47 65.66 34.77
CA GLY A 107 16.79 66.23 34.98
C GLY A 107 16.87 67.67 34.50
N GLY A 108 16.31 67.95 33.33
CA GLY A 108 16.29 69.32 32.83
C GLY A 108 15.49 70.24 33.72
N SER A 109 14.33 69.76 34.21
CA SER A 109 13.53 70.57 35.12
C SER A 109 14.26 70.85 36.42
N ALA A 110 14.96 69.85 36.97
CA ALA A 110 15.73 70.07 38.18
C ALA A 110 16.87 71.05 37.94
N TYR A 111 17.56 70.93 36.79
CA TYR A 111 18.66 71.84 36.48
C TYR A 111 18.16 73.27 36.32
N LEU A 112 17.01 73.45 35.67
CA LEU A 112 16.47 74.80 35.47
C LEU A 112 16.15 75.46 36.80
N ASP A 113 15.55 74.72 37.72
CA ASP A 113 15.19 75.26 39.03
C ASP A 113 16.41 75.36 39.93
N ARG A 123 11.88 72.76 46.14
CA ARG A 123 11.50 71.45 45.60
C ARG A 123 10.12 71.04 46.07
N LEU A 124 9.33 72.02 46.51
CA LEU A 124 7.96 71.75 46.96
C LEU A 124 7.10 71.22 45.82
N ALA A 125 7.27 71.79 44.62
CA ALA A 125 6.50 71.34 43.47
C ALA A 125 6.80 69.89 43.13
N LEU A 126 8.08 69.51 43.19
CA LEU A 126 8.47 68.14 42.84
C LEU A 126 7.84 67.12 43.78
N THR A 127 7.95 67.37 45.09
CA THR A 127 7.39 66.42 46.05
C THR A 127 5.87 66.43 46.01
N LEU A 128 5.26 67.59 45.77
CA LEU A 128 3.80 67.62 45.62
C LEU A 128 3.35 66.81 44.41
N SER A 129 4.07 66.94 43.29
CA SER A 129 3.73 66.17 42.10
C SER A 129 3.91 64.68 42.34
N CYS A 130 5.00 64.30 43.01
CA CYS A 130 5.20 62.89 43.33
C CYS A 130 4.08 62.36 44.21
N LEU A 131 3.69 63.14 45.23
CA LEU A 131 2.63 62.71 46.13
C LEU A 131 1.30 62.55 45.41
N CYS A 132 0.95 63.51 44.55
CA CYS A 132 -0.34 63.42 43.87
C CYS A 132 -0.34 62.28 42.85
N GLN A 133 0.78 62.08 42.15
CA GLN A 133 0.87 60.97 41.21
C GLN A 133 0.76 59.63 41.94
N LEU A 134 1.43 59.49 43.08
CA LEU A 134 1.34 58.24 43.83
C LEU A 134 -0.06 58.03 44.40
N LEU A 135 -0.72 59.11 44.82
CA LEU A 135 -2.10 59.01 45.27
C LEU A 135 -3.02 58.55 44.14
N VAL A 136 -2.81 59.10 42.94
CA VAL A 136 -3.59 58.68 41.78
C VAL A 136 -3.36 57.21 41.49
N LEU A 137 -2.11 56.76 41.55
CA LEU A 137 -1.80 55.36 41.30
C LEU A 137 -2.45 54.46 42.34
N ALA A 138 -2.41 54.86 43.61
CA ALA A 138 -2.96 54.04 44.68
C ALA A 138 -4.49 53.94 44.58
N LEU A 139 -5.14 55.09 44.38
CA LEU A 139 -6.61 55.07 44.31
C LEU A 139 -7.11 54.37 43.05
N GLY A 140 -6.33 54.41 41.97
CA GLY A 140 -6.71 53.73 40.74
C GLY A 140 -7.91 54.34 40.05
N LEU A 141 -8.00 55.66 39.99
CA LEU A 141 -9.09 56.33 39.29
C LEU A 141 -8.83 56.49 37.80
N GLN A 142 -7.62 56.19 37.33
CA GLN A 142 -7.29 56.28 35.91
C GLN A 142 -7.38 54.87 35.32
N LYS A 143 -8.62 54.44 35.08
CA LYS A 143 -8.91 53.12 34.54
C LYS A 143 -9.15 53.23 33.04
N LEU A 144 -9.57 52.11 32.44
CA LEU A 144 -9.79 52.02 31.00
C LEU A 144 -11.29 52.00 30.70
N SER A 145 -11.68 52.75 29.66
CA SER A 145 -13.07 52.82 29.26
C SER A 145 -13.42 51.62 28.37
N ALA A 146 -14.62 51.65 27.78
CA ALA A 146 -15.06 50.52 26.97
C ALA A 146 -14.34 50.47 25.63
N VAL A 147 -14.03 51.64 25.05
CA VAL A 147 -13.40 51.67 23.73
C VAL A 147 -12.02 51.03 23.79
N GLU A 148 -11.25 51.32 24.84
CA GLU A 148 -9.90 50.78 24.93
C GLU A 148 -9.89 49.27 25.07
N VAL A 149 -10.74 48.73 25.95
CA VAL A 149 -10.78 47.28 26.13
C VAL A 149 -11.33 46.60 24.88
N SER A 150 -12.31 47.23 24.22
CA SER A 150 -12.82 46.67 22.97
C SER A 150 -11.73 46.61 21.90
N GLU A 151 -10.94 47.68 21.79
CA GLU A 151 -9.85 47.71 20.81
C GLU A 151 -8.78 46.67 21.16
N LEU A 152 -8.49 46.49 22.45
CA LEU A 152 -7.52 45.47 22.85
C LEU A 152 -8.02 44.07 22.51
N THR A 153 -9.31 43.80 22.72
CA THR A 153 -9.85 42.49 22.36
C THR A 153 -9.85 42.29 20.84
N GLU A 154 -10.16 43.33 20.08
CA GLU A 154 -10.23 43.19 18.62
C GLU A 154 -8.85 43.06 17.99
N SER A 155 -7.85 43.77 18.54
CA SER A 155 -6.57 43.89 17.85
C SER A 155 -5.76 42.60 17.93
N SER A 156 -5.77 41.93 19.07
CA SER A 156 -4.96 40.73 19.25
C SER A 156 -5.60 39.56 18.52
N LYS A 157 -5.04 39.20 17.37
CA LYS A 157 -5.55 38.11 16.54
C LYS A 157 -4.85 36.79 16.82
N LYS A 158 -4.01 36.73 17.85
CA LYS A 158 -3.25 35.53 18.15
C LYS A 158 -3.57 34.90 19.50
N ASN A 159 -4.59 35.39 20.20
CA ASN A 159 -5.00 34.77 21.46
C ASN A 159 -5.78 33.49 21.17
N VAL A 160 -5.06 32.44 20.74
CA VAL A 160 -5.68 31.20 20.29
C VAL A 160 -5.76 30.16 21.40
N ALA A 161 -5.06 30.35 22.51
CA ALA A 161 -4.97 29.32 23.55
C ALA A 161 -6.32 29.04 24.19
N HIS A 162 -7.05 30.09 24.58
CA HIS A 162 -8.35 29.91 25.21
C HIS A 162 -9.33 29.22 24.26
N GLY A 163 -9.33 29.65 23.00
CA GLY A 163 -10.20 29.03 22.02
C GLY A 163 -9.91 27.55 21.84
N LEU A 164 -8.62 27.22 21.71
CA LEU A 164 -8.24 25.82 21.57
C LEU A 164 -8.63 25.01 22.80
N ALA A 165 -8.41 25.56 23.99
CA ALA A 165 -8.76 24.84 25.22
C ALA A 165 -10.25 24.55 25.28
N TRP A 166 -11.08 25.57 25.09
CA TRP A 166 -12.52 25.38 25.18
C TRP A 166 -13.03 24.47 24.07
N SER A 167 -12.51 24.63 22.85
CA SER A 167 -12.93 23.79 21.73
C SER A 167 -12.58 22.33 22.00
N TYR A 168 -11.33 22.06 22.39
CA TYR A 168 -10.93 20.70 22.71
C TYR A 168 -11.81 20.10 23.78
N TYR A 169 -12.01 20.84 24.88
CA TYR A 169 -12.84 20.37 25.97
C TYR A 169 -14.22 19.97 25.47
N ILE A 170 -14.98 20.95 24.96
CA ILE A 170 -16.38 20.72 24.60
C ILE A 170 -16.49 19.65 23.52
N GLY A 171 -15.65 19.74 22.48
CA GLY A 171 -15.78 18.83 21.36
C GLY A 171 -15.44 17.39 21.69
N TYR A 172 -14.39 17.17 22.49
CA TYR A 172 -13.87 15.83 22.68
C TYR A 172 -14.02 15.31 24.10
N LEU A 173 -13.56 16.07 25.11
CA LEU A 173 -13.42 15.50 26.44
C LEU A 173 -14.78 15.37 27.12
N LYS A 174 -15.69 16.31 26.87
CA LYS A 174 -17.01 16.24 27.47
C LYS A 174 -17.84 15.08 26.93
N VAL A 175 -17.45 14.50 25.80
CA VAL A 175 -18.23 13.45 25.16
C VAL A 175 -17.55 12.10 25.15
N VAL A 176 -16.24 12.02 25.33
CA VAL A 176 -15.54 10.74 25.29
C VAL A 176 -15.04 10.30 26.67
N LEU A 177 -14.73 11.24 27.57
CA LEU A 177 -14.18 10.86 28.87
C LEU A 177 -15.14 10.04 29.74
N PRO A 178 -16.40 10.43 29.92
CA PRO A 178 -17.25 9.66 30.86
C PRO A 178 -17.43 8.20 30.51
N ARG A 179 -17.46 7.86 29.22
CA ARG A 179 -17.68 6.47 28.80
C ARG A 179 -16.37 5.70 28.63
N LEU A 180 -15.52 5.79 29.64
CA LEU A 180 -14.23 5.12 29.65
C LEU A 180 -14.14 4.00 30.68
N LYS A 181 -14.61 4.23 31.91
CA LYS A 181 -14.59 3.17 32.92
C LYS A 181 -15.46 2.01 32.50
N GLU A 182 -16.66 2.30 31.98
CA GLU A 182 -17.55 1.24 31.51
C GLU A 182 -16.98 0.53 30.30
N CYS A 183 -16.30 1.27 29.41
CA CYS A 183 -15.69 0.66 28.24
C CYS A 183 -14.48 -0.20 28.59
N MET A 184 -13.82 0.07 29.71
CA MET A 184 -12.65 -0.69 30.11
C MET A 184 -12.98 -1.86 31.04
N GLU A 185 -14.08 -1.77 31.79
CA GLU A 185 -14.43 -2.86 32.71
C GLU A 185 -14.70 -4.16 31.96
N GLU A 186 -15.28 -4.08 30.76
CA GLU A 186 -15.57 -5.30 30.00
C GLU A 186 -14.30 -6.05 29.64
N ILE A 187 -13.25 -5.33 29.25
CA ILE A 187 -11.96 -5.98 29.00
C ILE A 187 -11.36 -6.46 30.31
N SER A 188 -11.52 -5.67 31.39
CA SER A 188 -11.03 -6.09 32.69
C SER A 188 -11.68 -7.37 33.17
N ARG A 189 -12.87 -7.70 32.66
CA ARG A 189 -13.53 -8.94 33.03
C ARG A 189 -12.72 -10.17 32.59
N THR A 190 -12.15 -10.12 31.39
CA THR A 190 -11.42 -11.27 30.85
C THR A 190 -9.92 -11.15 30.98
N ASN A 191 -9.37 -9.93 31.08
CA ASN A 191 -7.94 -9.75 31.20
C ASN A 191 -7.59 -9.45 32.65
N PRO A 192 -6.92 -10.36 33.36
CA PRO A 192 -6.55 -10.07 34.76
C PRO A 192 -5.56 -8.94 34.92
N MET A 193 -4.75 -8.65 33.89
CA MET A 193 -3.76 -7.59 34.00
C MET A 193 -4.42 -6.23 34.18
N LEU A 194 -5.47 -5.95 33.41
CA LEU A 194 -6.20 -4.70 33.59
C LEU A 194 -6.88 -4.64 34.94
N ARG A 195 -7.41 -5.77 35.41
CA ARG A 195 -8.04 -5.82 36.72
C ARG A 195 -7.03 -5.53 37.83
N ALA A 196 -5.79 -5.97 37.67
CA ALA A 196 -4.77 -5.72 38.69
C ALA A 196 -4.51 -4.23 38.87
N HIS A 197 -4.40 -3.49 37.76
CA HIS A 197 -4.13 -2.06 37.81
C HIS A 197 -5.45 -1.31 37.65
N ARG A 198 -6.22 -1.27 38.74
CA ARG A 198 -7.53 -0.64 38.71
C ARG A 198 -7.45 0.87 38.95
N ASP A 199 -6.39 1.33 39.63
CA ASP A 199 -6.29 2.73 40.01
C ASP A 199 -5.85 3.64 38.88
N THR A 200 -5.41 3.10 37.74
CA THR A 200 -4.89 3.91 36.65
C THR A 200 -5.69 3.72 35.37
N TRP A 201 -7.03 3.74 35.48
CA TRP A 201 -7.91 3.58 34.33
C TRP A 201 -8.29 4.92 33.70
N LYS A 202 -7.47 5.95 33.89
CA LYS A 202 -7.75 7.27 33.34
C LYS A 202 -7.19 7.40 31.94
N LEU A 203 -7.46 8.54 31.30
CA LEU A 203 -6.90 8.85 30.00
C LEU A 203 -5.75 9.83 30.19
N HIS A 204 -4.58 9.49 29.64
CA HIS A 204 -3.37 10.29 29.81
C HIS A 204 -3.19 11.17 28.59
N ILE A 205 -3.14 12.48 28.82
CA ILE A 205 -3.00 13.48 27.76
C ILE A 205 -1.56 13.95 27.74
N LEU A 206 -0.88 13.74 26.61
CA LEU A 206 0.50 14.17 26.43
C LEU A 206 0.50 15.57 25.83
N VAL A 207 0.94 16.55 26.61
CA VAL A 207 1.01 17.93 26.14
C VAL A 207 2.42 18.47 26.29
N PRO A 208 3.30 18.23 25.33
CA PRO A 208 4.65 18.82 25.38
C PRO A 208 4.57 20.32 25.16
N LEU A 209 5.35 21.07 25.96
CA LEU A 209 5.32 22.52 25.85
C LEU A 209 5.83 23.02 24.51
N GLY A 210 6.50 22.18 23.72
CA GLY A 210 6.80 22.51 22.34
C GLY A 210 5.60 22.24 21.45
N CYS A 211 5.84 21.76 20.24
CA CYS A 211 4.73 21.41 19.35
C CYS A 211 4.95 20.15 18.54
N ASP A 212 6.04 19.40 18.76
CA ASP A 212 6.26 18.18 18.01
C ASP A 212 5.29 17.08 18.44
N ILE A 213 4.78 16.34 17.47
CA ILE A 213 3.87 15.22 17.72
C ILE A 213 4.43 14.00 16.99
N TRP A 214 4.71 12.94 17.74
CA TRP A 214 5.20 11.71 17.13
C TRP A 214 4.06 10.98 16.44
N ASP A 215 4.37 10.36 15.29
CA ASP A 215 3.35 9.60 14.58
C ASP A 215 2.86 8.41 15.41
N ASP A 216 3.77 7.74 16.10
CA ASP A 216 3.41 6.69 17.03
C ASP A 216 4.37 6.73 18.22
N LEU A 217 3.90 6.21 19.36
CA LEU A 217 4.71 6.20 20.56
C LEU A 217 5.69 5.03 20.62
N GLU A 218 5.65 4.12 19.64
CA GLU A 218 6.60 3.01 19.64
C GLU A 218 7.99 3.48 19.21
N LYS A 219 8.06 4.37 18.23
CA LYS A 219 9.35 4.89 17.78
C LYS A 219 9.79 6.13 18.56
N ALA A 220 8.88 6.78 19.28
CA ALA A 220 9.28 7.89 20.14
C ALA A 220 10.17 7.40 21.26
N ASP A 221 9.84 6.27 21.86
CA ASP A 221 10.67 5.63 22.87
C ASP A 221 10.55 4.12 22.70
N SER A 222 11.70 3.44 22.75
CA SER A 222 11.71 1.99 22.59
C SER A 222 11.12 1.26 23.78
N ASN A 223 10.83 1.96 24.87
CA ASN A 223 10.31 1.35 26.09
C ASN A 223 8.79 1.31 26.11
N ILE A 224 8.13 1.76 25.04
CA ILE A 224 6.67 1.79 24.95
C ILE A 224 6.23 0.75 23.92
N GLN A 225 5.38 -0.17 24.34
CA GLN A 225 4.92 -1.26 23.48
C GLN A 225 3.41 -1.13 23.27
N TYR A 226 2.99 -1.18 22.01
CA TYR A 226 1.57 -1.18 21.67
C TYR A 226 0.97 -2.56 21.93
N LEU A 227 -0.24 -2.58 22.48
CA LEU A 227 -0.91 -3.83 22.81
C LEU A 227 -2.12 -4.10 21.91
N ALA A 228 -3.10 -3.21 21.90
CA ALA A 228 -4.33 -3.41 21.15
C ALA A 228 -5.13 -2.12 21.16
N ASP A 229 -6.21 -2.12 20.36
CA ASP A 229 -7.15 -1.02 20.31
C ASP A 229 -8.36 -1.34 21.18
N LEU A 230 -8.84 -0.35 21.92
CA LEU A 230 -10.04 -0.54 22.72
C LEU A 230 -11.26 -0.69 21.81
N PRO A 231 -12.31 -1.37 22.29
CA PRO A 231 -13.49 -1.60 21.45
C PRO A 231 -14.10 -0.29 20.95
N GLU A 232 -14.88 -0.43 19.88
CA GLU A 232 -15.45 0.73 19.21
C GLU A 232 -16.38 1.50 20.14
N THR A 233 -16.39 2.81 19.99
CA THR A 233 -17.32 3.70 20.69
C THR A 233 -18.33 4.23 19.69
N ILE A 234 -19.60 3.88 19.88
CA ILE A 234 -20.64 4.13 18.90
C ILE A 234 -21.52 5.27 19.39
N LEU A 235 -21.65 6.31 18.57
CA LEU A 235 -22.59 7.39 18.81
C LEU A 235 -23.46 7.55 17.57
N THR A 236 -24.76 7.76 17.78
CA THR A 236 -25.71 7.88 16.69
C THR A 236 -26.00 9.36 16.42
N ARG A 237 -26.15 9.71 15.15
CA ARG A 237 -26.48 11.06 14.73
C ARG A 237 -27.40 10.96 13.51
N ALA A 238 -28.70 11.17 13.73
CA ALA A 238 -29.77 11.10 12.74
C ALA A 238 -29.96 9.71 12.17
N GLY A 239 -29.22 8.71 12.63
CA GLY A 239 -29.38 7.34 12.19
C GLY A 239 -28.55 6.94 10.99
N ILE A 240 -27.93 7.90 10.29
CA ILE A 240 -27.12 7.60 9.12
C ILE A 240 -25.68 8.00 9.39
N LYS A 241 -25.50 9.03 10.21
CA LYS A 241 -24.17 9.50 10.60
C LYS A 241 -23.80 8.90 11.94
N ARG A 242 -22.67 8.20 11.99
CA ARG A 242 -22.22 7.53 13.20
C ARG A 242 -20.85 8.09 13.60
N ARG A 243 -20.75 8.50 14.86
CA ARG A 243 -19.49 9.01 15.41
C ARG A 243 -18.79 7.85 16.13
N VAL A 244 -17.66 7.41 15.58
CA VAL A 244 -16.92 6.26 16.10
C VAL A 244 -15.61 6.76 16.70
N TYR A 245 -15.35 6.36 17.93
CA TYR A 245 -14.17 6.77 18.67
C TYR A 245 -13.30 5.56 18.97
N LYS A 246 -12.00 5.69 18.70
CA LYS A 246 -11.03 4.63 18.97
C LYS A 246 -9.98 5.11 19.94
N HIS A 247 -9.64 4.24 20.90
CA HIS A 247 -8.56 4.49 21.85
C HIS A 247 -7.59 3.32 21.82
N SER A 248 -6.31 3.61 21.87
CA SER A 248 -5.26 2.61 21.83
C SER A 248 -4.70 2.39 23.23
N LEU A 249 -4.55 1.13 23.63
CA LEU A 249 -4.03 0.77 24.94
C LEU A 249 -2.59 0.28 24.78
N TYR A 250 -1.68 0.86 25.56
CA TYR A 250 -0.26 0.54 25.46
C TYR A 250 0.21 -0.19 26.71
N VAL A 251 1.36 -0.86 26.56
CA VAL A 251 2.06 -1.50 27.66
C VAL A 251 3.49 -1.00 27.64
N ILE A 252 3.96 -0.50 28.79
CA ILE A 252 5.27 0.15 28.88
C ILE A 252 6.10 -0.58 29.94
N ARG A 253 7.34 -0.88 29.59
CA ARG A 253 8.19 -1.75 30.39
C ARG A 253 8.97 -0.94 31.42
N ASP A 254 9.02 -1.46 32.64
CA ASP A 254 9.73 -0.83 33.76
C ASP A 254 11.17 -1.31 33.80
N LYS A 255 11.84 -1.08 34.92
CA LYS A 255 12.98 -1.88 35.30
C LYS A 255 12.46 -3.27 35.69
N ASP A 256 13.33 -4.12 36.21
CA ASP A 256 12.91 -5.50 36.45
C ASP A 256 11.91 -5.58 37.60
N ASN A 257 10.74 -4.94 37.44
CA ASN A 257 9.68 -5.01 38.44
C ASN A 257 8.39 -5.59 37.85
N LYS A 258 7.85 -5.00 36.79
CA LYS A 258 6.56 -5.41 36.21
C LYS A 258 6.35 -4.64 34.92
N LEU A 259 5.17 -4.83 34.32
CA LEU A 259 4.74 -4.10 33.12
C LEU A 259 3.49 -3.29 33.45
N ARG A 260 3.45 -2.05 32.96
CA ARG A 260 2.39 -1.12 33.30
C ARG A 260 1.56 -0.77 32.08
N PRO A 261 0.25 -1.01 32.08
CA PRO A 261 -0.59 -0.60 30.95
C PRO A 261 -1.21 0.78 31.17
N CYS A 262 -1.38 1.49 30.04
CA CYS A 262 -1.99 2.81 30.09
C CYS A 262 -2.50 3.18 28.71
N VAL A 263 -3.36 4.19 28.67
CA VAL A 263 -3.92 4.73 27.42
C VAL A 263 -3.30 6.10 27.19
N LEU A 264 -2.68 6.29 26.03
CA LEU A 264 -1.92 7.50 25.75
C LEU A 264 -2.38 8.12 24.44
N GLU A 265 -2.41 9.45 24.41
CA GLU A 265 -2.63 10.20 23.18
C GLU A 265 -2.16 11.63 23.39
N PHE A 266 -1.92 12.33 22.29
CA PHE A 266 -1.44 13.70 22.33
C PHE A 266 -2.62 14.65 22.35
N ALA A 267 -2.34 15.95 22.26
CA ALA A 267 -3.38 16.99 22.26
C ALA A 267 -3.48 17.58 20.85
N SER A 268 -4.68 17.53 20.28
CA SER A 268 -4.90 18.08 18.95
C SER A 268 -4.58 19.58 18.85
N PRO A 269 -4.93 20.43 19.82
CA PRO A 269 -4.58 21.86 19.69
C PRO A 269 -3.09 22.11 19.49
N LEU A 270 -2.22 21.26 20.04
CA LEU A 270 -0.80 21.41 19.75
C LEU A 270 -0.51 21.20 18.28
N GLN A 271 -1.15 20.20 17.66
CA GLN A 271 -1.00 19.99 16.23
C GLN A 271 -1.57 21.18 15.45
N THR A 272 -2.68 21.74 15.92
CA THR A 272 -3.24 22.93 15.28
C THR A 272 -2.25 24.10 15.32
N LEU A 273 -1.63 24.32 16.48
CA LEU A 273 -0.63 25.38 16.60
C LEU A 273 0.56 25.12 15.69
N CYS A 274 1.03 23.87 15.64
CA CYS A 274 2.18 23.54 14.79
C CYS A 274 1.86 23.78 13.31
N ALA A 275 0.67 23.38 12.87
CA ALA A 275 0.30 23.57 11.47
C ALA A 275 0.01 25.04 11.17
N MET A 276 -0.43 25.80 12.16
CA MET A 276 -0.67 27.23 11.98
C MET A 276 0.62 28.02 11.92
N SER A 277 1.67 27.55 12.62
CA SER A 277 2.96 28.22 12.56
C SER A 277 3.55 28.16 11.16
N GLN A 278 3.40 27.02 10.47
CA GLN A 278 3.94 26.84 9.13
C GLN A 278 3.20 27.65 8.08
N ASP A 279 2.00 28.15 8.38
CA ASP A 279 1.22 28.88 7.39
C ASP A 279 1.87 30.23 7.10
N ASP A 280 1.83 30.61 5.81
CA ASP A 280 2.49 31.85 5.39
C ASP A 280 1.72 33.09 5.83
N CYS A 281 0.40 33.07 5.72
CA CYS A 281 -0.39 34.24 6.10
C CYS A 281 -0.65 34.34 7.59
N ALA A 282 -0.28 33.32 8.36
CA ALA A 282 -0.50 33.37 9.80
C ALA A 282 0.54 34.24 10.49
N ALA A 283 1.77 34.27 9.98
CA ALA A 283 2.87 35.01 10.59
C ALA A 283 3.09 34.59 12.04
N PHE A 284 3.03 33.28 12.30
CA PHE A 284 3.15 32.72 13.64
C PHE A 284 4.59 32.26 13.83
N SER A 285 5.32 32.96 14.69
CA SER A 285 6.73 32.68 14.92
C SER A 285 6.86 31.52 15.92
N ARG A 286 8.09 31.29 16.39
CA ARG A 286 8.36 30.22 17.34
C ARG A 286 8.42 30.69 18.78
N GLU A 287 8.74 31.97 19.01
CA GLU A 287 8.82 32.47 20.38
C GLU A 287 7.42 32.60 20.99
N GLN A 288 6.45 33.05 20.20
CA GLN A 288 5.08 33.17 20.70
C GLN A 288 4.32 31.85 20.67
N ARG A 289 4.77 30.88 19.88
CA ARG A 289 4.15 29.57 19.89
C ARG A 289 4.34 28.88 21.24
N LEU A 290 5.52 29.03 21.84
CA LEU A 290 5.75 28.47 23.17
C LEU A 290 4.82 29.10 24.20
N GLU A 291 4.66 30.43 24.15
CA GLU A 291 3.75 31.11 25.07
C GLU A 291 2.32 30.66 24.85
N GLN A 292 1.91 30.49 23.59
CA GLN A 292 0.56 30.01 23.32
C GLN A 292 0.35 28.60 23.85
N ALA A 293 1.35 27.73 23.70
CA ALA A 293 1.23 26.37 24.23
C ALA A 293 1.14 26.37 25.75
N ARG A 294 1.95 27.21 26.41
CA ARG A 294 1.89 27.29 27.87
C ARG A 294 0.53 27.79 28.33
N LEU A 295 0.01 28.84 27.67
CA LEU A 295 -1.29 29.38 28.04
C LEU A 295 -2.39 28.35 27.79
N PHE A 296 -2.28 27.59 26.69
CA PHE A 296 -3.25 26.54 26.41
C PHE A 296 -3.25 25.48 27.50
N TYR A 297 -2.05 25.06 27.94
CA TYR A 297 -1.97 24.07 29.00
C TYR A 297 -2.58 24.60 30.29
N ARG A 298 -2.26 25.84 30.66
CA ARG A 298 -2.80 26.42 31.89
C ARG A 298 -4.32 26.54 31.82
N SER A 299 -4.85 27.02 30.69
CA SER A 299 -6.28 27.19 30.55
C SER A 299 -7.00 25.85 30.56
N LEU A 300 -6.44 24.85 29.88
CA LEU A 300 -7.06 23.52 29.87
C LEU A 300 -7.08 22.92 31.27
N ARG A 301 -5.98 23.08 32.02
CA ARG A 301 -5.95 22.59 33.39
C ARG A 301 -7.01 23.30 34.24
N ASP A 302 -7.12 24.63 34.09
CA ASP A 302 -8.04 25.38 34.92
C ASP A 302 -9.50 25.07 34.59
N ILE A 303 -9.81 24.77 33.32
CA ILE A 303 -11.18 24.45 32.96
C ILE A 303 -11.51 22.99 33.22
N LEU A 304 -10.52 22.10 33.22
CA LEU A 304 -10.77 20.71 33.55
C LEU A 304 -10.90 20.49 35.05
N GLY A 305 -10.17 21.27 35.86
CA GLY A 305 -10.19 21.08 37.30
C GLY A 305 -11.50 21.47 37.94
N SER A 306 -12.32 22.27 37.27
CA SER A 306 -13.61 22.71 37.79
C SER A 306 -14.78 21.94 37.19
N SER A 307 -14.51 20.90 36.41
CA SER A 307 -15.56 20.13 35.76
C SER A 307 -16.00 18.98 36.65
N LYS A 308 -17.32 18.83 36.81
CA LYS A 308 -17.86 17.75 37.62
C LYS A 308 -18.10 16.46 36.83
N GLU A 309 -18.15 16.54 35.50
CA GLU A 309 -18.31 15.33 34.69
C GLU A 309 -17.04 14.50 34.71
N CYS A 310 -15.93 15.08 34.26
CA CYS A 310 -14.63 14.42 34.26
C CYS A 310 -13.82 14.82 35.49
N ALA A 311 -14.38 14.49 36.67
CA ALA A 311 -13.74 14.87 37.92
C ALA A 311 -12.44 14.11 38.14
N GLY A 312 -12.43 12.81 37.85
CA GLY A 312 -11.25 12.00 38.06
C GLY A 312 -10.98 11.04 36.93
N LEU A 313 -11.35 11.42 35.71
CA LEU A 313 -11.25 10.58 34.54
C LEU A 313 -10.06 10.94 33.65
N TYR A 314 -9.19 11.82 34.11
CA TYR A 314 -8.12 12.35 33.27
C TYR A 314 -6.85 12.56 34.07
N ARG A 315 -5.73 12.59 33.36
CA ARG A 315 -4.47 13.10 33.91
C ARG A 315 -3.61 13.55 32.73
N LEU A 316 -3.33 14.84 32.66
CA LEU A 316 -2.55 15.42 31.58
C LEU A 316 -1.13 15.69 32.07
N ILE A 317 -0.14 15.28 31.28
CA ILE A 317 1.26 15.40 31.63
C ILE A 317 1.92 16.39 30.67
N ALA A 318 2.70 17.30 31.22
CA ALA A 318 3.38 18.33 30.43
C ALA A 318 4.87 18.24 30.65
N TYR A 319 5.64 18.44 29.58
CA TYR A 319 7.09 18.28 29.63
C TYR A 319 7.72 19.10 28.53
N GLU A 320 9.03 19.30 28.65
CA GLU A 320 9.85 19.90 27.62
C GLU A 320 10.96 18.94 27.24
N GLU A 321 11.25 18.85 25.94
CA GLU A 321 12.27 17.93 25.46
C GLU A 321 13.62 18.31 26.05
N PRO A 322 14.35 17.38 26.65
CA PRO A 322 15.62 17.73 27.28
C PRO A 322 16.69 18.08 26.25
N ALA A 323 17.63 18.93 26.67
CA ALA A 323 18.75 19.27 25.80
C ALA A 323 19.61 18.06 25.50
N GLU A 324 19.86 17.22 26.51
CA GLU A 324 20.60 15.99 26.30
C GLU A 324 19.65 14.91 25.81
N PRO A 325 19.88 14.35 24.61
CA PRO A 325 18.91 13.42 24.04
C PRO A 325 18.89 12.06 24.74
N GLU A 326 18.27 12.00 25.92
CA GLU A 326 18.08 10.72 26.59
C GLU A 326 17.06 9.89 25.83
N SER A 327 17.34 8.59 25.71
CA SER A 327 16.49 7.69 24.94
C SER A 327 15.27 7.22 25.72
N HIS A 328 15.23 7.40 27.03
CA HIS A 328 14.14 6.93 27.87
C HIS A 328 13.72 8.00 28.88
N PHE A 329 13.57 9.24 28.39
CA PHE A 329 13.11 10.32 29.25
C PHE A 329 11.60 10.33 29.38
N LEU A 330 10.90 10.23 28.25
CA LEU A 330 9.44 10.26 28.25
C LEU A 330 8.87 9.06 29.01
N SER A 331 9.49 7.88 28.82
CA SER A 331 9.02 6.70 29.54
C SER A 331 9.16 6.88 31.05
N GLY A 332 10.27 7.45 31.50
CA GLY A 332 10.43 7.67 32.93
C GLY A 332 9.39 8.61 33.49
N LEU A 333 9.05 9.66 32.73
CA LEU A 333 8.00 10.58 33.16
C LEU A 333 6.65 9.87 33.26
N ILE A 334 6.33 9.04 32.27
CA ILE A 334 5.06 8.32 32.32
C ILE A 334 5.02 7.35 33.49
N LEU A 335 6.15 6.69 33.78
CA LEU A 335 6.18 5.81 34.95
C LEU A 335 6.00 6.58 36.24
N TRP A 336 6.64 7.75 36.38
CA TRP A 336 6.44 8.55 37.59
C TRP A 336 4.97 8.93 37.74
N HIS A 337 4.36 9.39 36.64
CA HIS A 337 2.96 9.79 36.71
C HIS A 337 2.07 8.60 37.07
N LEU A 338 2.33 7.44 36.48
CA LEU A 338 1.52 6.26 36.79
C LEU A 338 1.68 5.83 38.23
N GLN A 339 2.91 5.87 38.75
CA GLN A 339 3.15 5.49 40.14
C GLN A 339 2.57 6.50 41.11
N GLN A 340 2.25 7.71 40.65
CA GLN A 340 1.64 8.69 41.55
C GLN A 340 0.24 8.28 41.99
N GLN A 341 -0.53 7.57 41.15
CA GLN A 341 -1.90 7.24 41.51
C GLN A 341 -1.96 6.30 42.72
N GLN A 342 -1.14 5.26 42.74
CA GLN A 342 -1.16 4.30 43.84
C GLN A 342 -0.81 4.96 45.17
N SER B 9 11.45 13.00 42.86
CA SER B 9 10.42 14.03 42.87
C SER B 9 9.70 14.09 41.53
N SER B 10 10.41 14.51 40.49
CA SER B 10 9.84 14.60 39.14
C SER B 10 10.95 14.51 38.10
N PRO B 11 10.87 13.56 37.17
CA PRO B 11 11.91 13.47 36.13
C PRO B 11 12.04 14.72 35.30
N ALA B 12 10.94 15.41 35.02
CA ALA B 12 10.97 16.65 34.27
C ALA B 12 10.99 17.84 35.22
N ARG B 13 10.89 19.04 34.68
CA ARG B 13 10.88 20.26 35.50
C ARG B 13 10.04 21.31 34.78
N LEU B 14 9.01 21.80 35.46
CA LEU B 14 8.10 22.77 34.90
C LEU B 14 8.04 24.01 35.79
N LEU B 15 8.05 25.18 35.16
CA LEU B 15 7.91 26.46 35.85
C LEU B 15 6.65 27.12 35.29
N ILE B 16 5.51 26.80 35.88
CA ILE B 16 4.22 27.33 35.41
C ILE B 16 4.04 28.74 35.94
N PRO B 17 3.86 29.72 35.05
CA PRO B 17 3.75 31.11 35.50
C PRO B 17 2.40 31.42 36.14
N GLU B 18 2.28 31.14 37.43
CA GLU B 18 1.05 31.47 38.15
C GLU B 18 0.79 32.97 38.08
N PRO B 19 -0.49 33.38 38.07
CA PRO B 19 -0.82 34.79 37.84
C PRO B 19 -0.26 35.70 38.93
N ARG B 20 -0.30 37.00 38.63
CA ARG B 20 0.25 38.00 39.54
C ARG B 20 -0.50 38.01 40.86
N ALA B 21 0.24 38.23 41.95
CA ALA B 21 -0.35 38.31 43.27
C ALA B 21 -0.99 39.67 43.56
N GLY B 22 -0.79 40.66 42.69
CA GLY B 22 -1.37 41.97 42.88
C GLY B 22 -0.86 42.72 44.09
N ARG B 23 0.45 42.69 44.32
CA ARG B 23 1.07 43.41 45.43
C ARG B 23 1.60 44.77 45.03
N ALA B 24 1.40 45.19 43.78
CA ALA B 24 1.80 46.54 43.38
C ALA B 24 1.02 47.60 44.13
N ARG B 25 -0.28 47.34 44.36
CA ARG B 25 -1.09 48.28 45.13
C ARG B 25 -0.57 48.41 46.56
N HIS B 26 -0.14 47.30 47.16
CA HIS B 26 0.44 47.35 48.50
C HIS B 26 1.71 48.18 48.52
N ALA B 27 2.55 48.03 47.50
CA ALA B 27 3.76 48.85 47.41
C ALA B 27 3.41 50.33 47.27
N ALA B 28 2.41 50.63 46.45
CA ALA B 28 1.98 52.03 46.32
C ALA B 28 1.46 52.57 47.65
N CYS B 29 0.69 51.78 48.39
CA CYS B 29 0.15 52.23 49.66
C CYS B 29 1.25 52.45 50.69
N VAL B 30 2.23 51.55 50.75
CA VAL B 30 3.31 51.72 51.72
C VAL B 30 4.18 52.92 51.36
N LEU B 31 4.40 53.13 50.05
CA LEU B 31 5.14 54.32 49.63
C LEU B 31 4.37 55.59 49.98
N LEU B 32 3.04 55.57 49.83
CA LEU B 32 2.24 56.72 50.20
C LEU B 32 2.30 56.98 51.70
N ALA B 33 2.27 55.91 52.51
CA ALA B 33 2.41 56.07 53.95
C ALA B 33 3.78 56.65 54.31
N VAL B 34 4.83 56.20 53.62
CA VAL B 34 6.16 56.75 53.83
C VAL B 34 6.18 58.23 53.47
N CYS B 35 5.50 58.60 52.39
CA CYS B 35 5.44 60.00 51.98
C CYS B 35 4.72 60.85 53.03
N PHE B 36 3.61 60.34 53.58
CA PHE B 36 2.92 61.06 54.65
C PHE B 36 3.82 61.18 55.89
N VAL B 37 4.56 60.13 56.23
CA VAL B 37 5.45 60.19 57.37
C VAL B 37 6.53 61.25 57.16
N VAL B 38 7.09 61.30 55.95
CA VAL B 38 8.11 62.30 55.63
C VAL B 38 7.53 63.70 55.72
N LEU B 39 6.32 63.89 55.17
CA LEU B 39 5.69 65.20 55.24
C LEU B 39 5.36 65.61 56.67
N PHE B 40 5.13 64.63 57.55
CA PHE B 40 4.90 64.92 58.96
C PHE B 40 6.13 65.58 59.58
N LEU B 41 7.32 65.09 59.24
CA LEU B 41 8.55 65.71 59.72
C LEU B 41 8.76 67.06 59.03
N SER B 42 9.57 67.89 59.67
CA SER B 42 9.89 69.24 59.18
C SER B 42 8.63 70.06 58.93
N LEU B 46 1.77 75.55 54.15
CA LEU B 46 1.34 74.16 54.22
C LEU B 46 -0.12 74.02 53.79
N ALA B 47 -1.01 74.72 54.48
CA ALA B 47 -2.43 74.70 54.13
C ALA B 47 -2.71 75.21 52.72
N PRO B 48 -2.17 76.35 52.27
CA PRO B 48 -2.45 76.79 50.89
C PRO B 48 -1.93 75.85 49.83
N ILE B 49 -0.97 74.96 50.15
CA ILE B 49 -0.46 74.01 49.18
C ILE B 49 -1.54 73.02 48.75
N THR B 50 -2.59 72.86 49.56
CA THR B 50 -3.70 72.00 49.17
C THR B 50 -4.40 72.52 47.91
N ARG B 51 -4.49 73.85 47.75
CA ARG B 51 -5.07 74.41 46.55
C ARG B 51 -4.24 74.05 45.32
N ARG B 52 -2.91 74.14 45.43
CA ARG B 52 -2.05 73.75 44.31
C ARG B 52 -2.18 72.26 44.02
N VAL B 53 -2.27 71.45 45.07
CA VAL B 53 -2.43 70.01 44.88
C VAL B 53 -3.74 69.72 44.13
N CYS B 54 -4.82 70.38 44.53
CA CYS B 54 -6.11 70.19 43.87
C CYS B 54 -6.06 70.64 42.42
N THR B 55 -5.42 71.77 42.15
CA THR B 55 -5.31 72.25 40.76
C THR B 55 -4.51 71.28 39.90
N GLN B 56 -3.42 70.74 40.45
CA GLN B 56 -2.63 69.76 39.71
C GLN B 56 -3.41 68.48 39.48
N LEU B 57 -4.22 68.08 40.47
CA LEU B 57 -5.07 66.90 40.30
C LEU B 57 -6.09 67.13 39.19
N ALA B 58 -6.68 68.33 39.14
CA ALA B 58 -7.61 68.65 38.07
C ALA B 58 -6.92 68.66 36.71
N ALA B 59 -5.69 69.19 36.66
CA ALA B 59 -4.94 69.19 35.41
C ALA B 59 -4.64 67.77 34.94
N LEU B 60 -4.31 66.87 35.87
CA LEU B 60 -4.08 65.47 35.51
C LEU B 60 -5.38 64.78 35.12
N GLN B 61 -6.50 65.18 35.73
CA GLN B 61 -7.78 64.53 35.45
C GLN B 61 -8.37 64.95 34.11
N LEU B 62 -8.13 66.19 33.67
CA LEU B 62 -8.69 66.63 32.40
C LEU B 62 -8.12 65.87 31.21
N GLY B 63 -7.01 65.15 31.39
CA GLY B 63 -6.46 64.36 30.30
C GLY B 63 -7.40 63.26 29.85
N VAL B 64 -8.01 62.55 30.81
CA VAL B 64 -8.94 61.50 30.44
C VAL B 64 -10.21 62.09 29.82
N LEU B 65 -10.59 63.31 30.23
CA LEU B 65 -11.73 63.97 29.59
C LEU B 65 -11.40 64.29 28.13
N LEU B 66 -10.20 64.80 27.87
CA LEU B 66 -9.79 65.06 26.49
C LEU B 66 -9.75 63.76 25.68
N LYS B 67 -9.22 62.68 26.28
CA LYS B 67 -9.17 61.39 25.60
C LYS B 67 -10.57 60.89 25.27
N GLY B 68 -11.50 61.04 26.21
CA GLY B 68 -12.87 60.62 25.96
C GLY B 68 -13.55 61.43 24.88
N CYS B 69 -13.31 62.75 24.86
CA CYS B 69 -13.85 63.58 23.80
C CYS B 69 -13.31 63.15 22.44
N CYS B 70 -12.00 62.91 22.35
CA CYS B 70 -11.42 62.44 21.09
C CYS B 70 -11.97 61.08 20.69
N CYS B 71 -12.15 60.18 21.66
CA CYS B 71 -12.67 58.86 21.38
C CYS B 71 -14.11 58.92 20.86
N LEU B 72 -14.95 59.78 21.45
CA LEU B 72 -16.31 59.91 20.94
C LEU B 72 -16.33 60.58 19.57
N ALA B 73 -15.43 61.55 19.33
CA ALA B 73 -15.32 62.13 18.01
C ALA B 73 -14.96 61.07 16.96
N GLU B 74 -14.11 60.12 17.33
CA GLU B 74 -13.77 59.04 16.41
C GLU B 74 -14.87 57.98 16.31
N GLU B 75 -15.69 57.83 17.36
CA GLU B 75 -16.74 56.81 17.40
C GLU B 75 -18.08 57.30 16.90
N ILE B 76 -18.18 58.58 16.49
CA ILE B 76 -19.43 59.09 15.92
C ILE B 76 -19.89 58.22 14.75
N PHE B 77 -18.97 57.85 13.85
CA PHE B 77 -19.36 57.04 12.70
C PHE B 77 -19.76 55.63 13.08
N HIS B 78 -19.10 55.04 14.08
CA HIS B 78 -19.47 53.71 14.56
C HIS B 78 -20.68 53.73 15.51
N LEU B 79 -21.21 54.92 15.81
CA LEU B 79 -22.40 55.02 16.66
C LEU B 79 -23.54 54.16 16.13
N HIS B 80 -23.89 54.32 14.86
CA HIS B 80 -25.02 53.56 14.30
C HIS B 80 -24.73 52.07 14.26
N SER B 81 -23.48 51.69 13.98
CA SER B 81 -23.14 50.28 13.83
C SER B 81 -23.08 49.55 15.17
N ARG B 82 -22.70 50.23 16.25
CA ARG B 82 -22.50 49.56 17.53
C ARG B 82 -23.48 50.01 18.61
N HIS B 83 -23.60 51.32 18.85
CA HIS B 83 -24.33 51.82 19.99
C HIS B 83 -25.73 52.35 19.64
N HIS B 84 -25.94 52.78 18.40
CA HIS B 84 -27.22 53.34 17.97
C HIS B 84 -27.64 54.53 18.84
N LEU B 87 -27.32 57.97 21.12
CA LEU B 87 -26.33 59.00 21.35
C LEU B 87 -25.71 58.88 22.74
N TRP B 88 -26.54 58.54 23.72
CA TRP B 88 -26.06 58.41 25.09
C TRP B 88 -25.10 57.23 25.25
N GLN B 89 -25.32 56.15 24.51
CA GLN B 89 -24.45 54.99 24.62
C GLN B 89 -23.03 55.30 24.18
N VAL B 90 -22.88 56.11 23.12
CA VAL B 90 -21.56 56.44 22.61
C VAL B 90 -20.76 57.21 23.66
N LEU B 91 -21.38 58.24 24.25
CA LEU B 91 -20.67 59.03 25.26
C LEU B 91 -20.45 58.24 26.53
N CYS B 92 -21.37 57.31 26.85
CA CYS B 92 -21.16 56.44 28.02
C CYS B 92 -19.96 55.52 27.81
N SER B 93 -19.80 54.99 26.60
CA SER B 93 -18.70 54.08 26.33
C SER B 93 -17.38 54.83 26.22
N CYS B 94 -17.37 56.00 25.57
CA CYS B 94 -16.12 56.74 25.38
C CYS B 94 -15.57 57.25 26.72
N PHE B 95 -16.44 57.79 27.57
CA PHE B 95 -15.99 58.36 28.83
C PHE B 95 -16.00 57.31 29.93
N PRO B 96 -14.91 57.11 30.65
CA PRO B 96 -14.92 56.25 31.84
C PRO B 96 -15.90 56.79 32.87
N PRO B 97 -16.61 55.90 33.58
CA PRO B 97 -17.61 56.37 34.54
C PRO B 97 -17.03 57.20 35.69
N ARG B 98 -15.75 57.05 35.99
CA ARG B 98 -15.12 57.83 37.06
C ARG B 98 -14.64 59.19 36.54
N TRP B 99 -15.63 60.02 36.16
CA TRP B 99 -15.34 61.32 35.57
C TRP B 99 -16.08 62.48 36.24
N HIS B 100 -17.02 62.19 37.15
CA HIS B 100 -17.70 63.28 37.85
C HIS B 100 -16.74 64.05 38.75
N LEU B 101 -15.84 63.35 39.43
CA LEU B 101 -14.86 64.01 40.28
C LEU B 101 -13.91 64.87 39.46
N ALA B 102 -13.62 64.46 38.22
CA ALA B 102 -12.81 65.29 37.35
C ALA B 102 -13.50 66.62 37.05
N LEU B 103 -14.81 66.57 36.74
CA LEU B 103 -15.56 67.80 36.51
C LEU B 103 -15.61 68.65 37.76
N LEU B 104 -15.78 68.03 38.92
CA LEU B 104 -15.78 68.78 40.18
C LEU B 104 -14.44 69.48 40.40
N LEU B 105 -13.34 68.78 40.15
CA LEU B 105 -12.01 69.38 40.31
C LEU B 105 -11.80 70.52 39.33
N VAL B 106 -12.22 70.35 38.08
CA VAL B 106 -12.07 71.42 37.09
C VAL B 106 -12.89 72.64 37.50
N GLY B 107 -14.12 72.42 37.96
CA GLY B 107 -14.94 73.54 38.41
C GLY B 107 -14.35 74.26 39.60
N GLY B 108 -13.82 73.49 40.56
CA GLY B 108 -13.17 74.10 41.71
C GLY B 108 -11.94 74.91 41.32
N SER B 109 -11.13 74.38 40.42
CA SER B 109 -9.96 75.10 39.95
C SER B 109 -10.36 76.39 39.22
N ALA B 110 -11.40 76.32 38.39
CA ALA B 110 -11.86 77.50 37.69
C ALA B 110 -12.40 78.55 38.65
N TYR B 111 -13.16 78.12 39.66
CA TYR B 111 -13.70 79.06 40.64
C TYR B 111 -12.59 79.69 41.48
N LEU B 112 -11.57 78.90 41.83
CA LEU B 112 -10.49 79.41 42.67
C LEU B 112 -9.72 80.52 41.96
N ASP B 113 -9.45 80.35 40.67
CA ASP B 113 -8.72 81.35 39.90
C ASP B 113 -9.54 82.61 39.70
N ARG B 123 -6.48 82.72 32.37
CA ARG B 123 -6.56 81.27 32.26
C ARG B 123 -5.31 80.70 31.59
N LEU B 124 -4.16 81.36 31.84
CA LEU B 124 -2.91 80.88 31.25
C LEU B 124 -2.52 79.53 31.80
N ALA B 125 -2.71 79.31 33.11
CA ALA B 125 -2.34 78.03 33.71
C ALA B 125 -3.17 76.89 33.13
N LEU B 126 -4.48 77.09 33.01
CA LEU B 126 -5.33 76.08 32.40
C LEU B 126 -4.94 75.83 30.94
N THR B 127 -4.62 76.89 30.21
CA THR B 127 -4.23 76.75 28.81
C THR B 127 -2.96 75.93 28.68
N LEU B 128 -1.95 76.22 29.49
CA LEU B 128 -0.71 75.47 29.39
C LEU B 128 -0.88 74.03 29.86
N SER B 129 -1.71 73.81 30.88
CA SER B 129 -1.93 72.45 31.37
C SER B 129 -2.63 71.61 30.30
N CYS B 130 -3.69 72.14 29.70
CA CYS B 130 -4.38 71.39 28.66
C CYS B 130 -3.50 71.22 27.43
N LEU B 131 -2.69 72.24 27.11
CA LEU B 131 -1.73 72.10 26.01
C LEU B 131 -0.79 70.93 26.24
N CYS B 132 -0.20 70.85 27.44
CA CYS B 132 0.71 69.75 27.74
C CYS B 132 -0.01 68.41 27.69
N GLN B 133 -1.21 68.34 28.26
CA GLN B 133 -1.95 67.08 28.29
C GLN B 133 -2.26 66.59 26.88
N LEU B 134 -2.83 67.46 26.04
CA LEU B 134 -3.21 67.02 24.70
C LEU B 134 -2.00 66.86 23.78
N LEU B 135 -0.90 67.57 24.04
CA LEU B 135 0.33 67.31 23.30
C LEU B 135 0.88 65.92 23.62
N VAL B 136 0.87 65.54 24.89
CA VAL B 136 1.28 64.19 25.27
C VAL B 136 0.35 63.16 24.64
N LEU B 137 -0.95 63.43 24.65
CA LEU B 137 -1.90 62.48 24.06
C LEU B 137 -1.69 62.33 22.55
N ALA B 138 -1.46 63.45 21.86
CA ALA B 138 -1.31 63.40 20.40
C ALA B 138 0.02 62.78 19.99
N LEU B 139 1.10 63.10 20.71
CA LEU B 139 2.40 62.54 20.36
C LEU B 139 2.43 61.03 20.52
N GLY B 140 1.62 60.49 21.44
CA GLY B 140 1.58 59.05 21.66
C GLY B 140 2.86 58.48 22.25
N LEU B 141 3.52 59.22 23.12
CA LEU B 141 4.73 58.75 23.79
C LEU B 141 4.44 57.96 25.05
N GLN B 142 3.19 57.93 25.51
CA GLN B 142 2.77 57.15 26.67
C GLN B 142 2.07 55.90 26.19
N LYS B 143 2.76 54.77 26.23
CA LYS B 143 2.24 53.49 25.78
C LYS B 143 2.32 52.48 26.91
N LEU B 144 1.85 51.26 26.63
CA LEU B 144 1.76 50.21 27.64
C LEU B 144 2.99 49.31 27.58
N SER B 145 3.59 49.08 28.74
CA SER B 145 4.72 48.17 28.86
C SER B 145 4.23 46.73 28.76
N ALA B 146 5.18 45.78 28.83
CA ALA B 146 4.86 44.38 28.64
C ALA B 146 4.00 43.82 29.77
N VAL B 147 4.20 44.31 31.00
CA VAL B 147 3.54 43.71 32.16
C VAL B 147 2.02 43.85 32.04
N GLU B 148 1.54 45.07 31.78
CA GLU B 148 0.09 45.29 31.77
C GLU B 148 -0.57 44.64 30.56
N VAL B 149 0.08 44.65 29.40
CA VAL B 149 -0.52 44.00 28.24
C VAL B 149 -0.56 42.49 28.44
N SER B 150 0.47 41.91 29.04
CA SER B 150 0.45 40.48 29.36
C SER B 150 -0.64 40.16 30.36
N GLU B 151 -0.81 41.01 31.38
CA GLU B 151 -1.87 40.80 32.36
C GLU B 151 -3.25 40.86 31.71
N LEU B 152 -3.46 41.83 30.81
CA LEU B 152 -4.72 41.91 30.10
C LEU B 152 -4.94 40.70 29.22
N THR B 153 -3.88 40.22 28.56
CA THR B 153 -3.99 39.04 27.71
C THR B 153 -4.38 37.81 28.51
N GLU B 154 -3.76 37.61 29.67
CA GLU B 154 -4.00 36.40 30.45
C GLU B 154 -5.18 36.51 31.42
N SER B 155 -5.75 37.71 31.57
CA SER B 155 -6.86 37.89 32.51
C SER B 155 -8.22 37.74 31.86
N SER B 156 -8.35 38.10 30.58
CA SER B 156 -9.61 37.95 29.86
C SER B 156 -9.77 36.49 29.47
N LYS B 157 -10.59 35.76 30.24
CA LYS B 157 -10.69 34.32 30.05
C LYS B 157 -11.49 33.95 28.81
N LYS B 158 -12.44 34.80 28.39
CA LYS B 158 -13.37 34.47 27.32
C LYS B 158 -13.04 35.30 26.08
N ASN B 159 -12.11 34.78 25.27
CA ASN B 159 -11.81 35.34 23.96
C ASN B 159 -11.66 34.21 22.94
N VAL B 160 -12.63 33.29 22.94
CA VAL B 160 -12.52 32.07 22.14
C VAL B 160 -12.76 32.30 20.66
N ALA B 161 -13.05 33.53 20.23
CA ALA B 161 -13.41 33.76 18.84
C ALA B 161 -12.26 33.44 17.90
N HIS B 162 -11.08 34.02 18.14
CA HIS B 162 -9.95 33.81 17.25
C HIS B 162 -9.46 32.36 17.30
N GLY B 163 -9.41 31.78 18.49
CA GLY B 163 -8.98 30.39 18.61
C GLY B 163 -9.93 29.44 17.90
N LEU B 164 -11.24 29.66 18.05
CA LEU B 164 -12.22 28.83 17.36
C LEU B 164 -12.12 29.00 15.85
N ALA B 165 -11.94 30.24 15.38
CA ALA B 165 -11.82 30.47 13.94
C ALA B 165 -10.61 29.74 13.37
N TRP B 166 -9.45 29.89 14.02
CA TRP B 166 -8.25 29.24 13.53
C TRP B 166 -8.36 27.72 13.59
N SER B 167 -8.90 27.19 14.69
CA SER B 167 -9.06 25.74 14.82
C SER B 167 -10.01 25.19 13.77
N TYR B 168 -11.15 25.86 13.55
CA TYR B 168 -12.09 25.42 12.53
C TYR B 168 -11.42 25.43 11.16
N TYR B 169 -10.76 26.53 10.81
CA TYR B 169 -10.13 26.64 9.49
C TYR B 169 -9.12 25.51 9.28
N ILE B 170 -8.17 25.37 10.21
CA ILE B 170 -7.10 24.38 10.04
C ILE B 170 -7.67 22.97 10.03
N GLY B 171 -8.56 22.66 10.97
CA GLY B 171 -9.05 21.29 11.09
C GLY B 171 -9.94 20.87 9.93
N TYR B 172 -10.83 21.75 9.47
CA TYR B 172 -11.85 21.36 8.52
C TYR B 172 -11.70 22.05 7.17
N LEU B 173 -11.56 23.38 7.16
CA LEU B 173 -11.66 24.10 5.90
C LEU B 173 -10.42 24.01 5.04
N LYS B 174 -9.29 23.58 5.60
CA LYS B 174 -8.05 23.43 4.85
C LYS B 174 -7.83 21.99 4.38
N VAL B 175 -8.78 21.10 4.63
CA VAL B 175 -8.62 19.70 4.25
C VAL B 175 -9.75 19.19 3.36
N VAL B 176 -10.97 19.75 3.40
CA VAL B 176 -12.06 19.28 2.58
C VAL B 176 -12.37 20.23 1.42
N LEU B 177 -12.10 21.52 1.56
CA LEU B 177 -12.38 22.45 0.47
C LEU B 177 -11.59 22.16 -0.80
N PRO B 178 -10.28 21.90 -0.76
CA PRO B 178 -9.58 21.54 -2.01
C PRO B 178 -10.13 20.30 -2.68
N ARG B 179 -10.55 19.31 -1.90
CA ARG B 179 -11.14 18.08 -2.44
C ARG B 179 -12.66 18.18 -2.48
N LEU B 180 -13.14 19.21 -3.19
CA LEU B 180 -14.57 19.42 -3.38
C LEU B 180 -15.02 19.23 -4.82
N LYS B 181 -14.13 19.46 -5.80
CA LYS B 181 -14.50 19.26 -7.19
C LYS B 181 -14.71 17.78 -7.49
N GLU B 182 -13.85 16.91 -6.95
CA GLU B 182 -13.94 15.49 -7.26
C GLU B 182 -15.12 14.82 -6.57
N CYS B 183 -15.40 15.20 -5.33
CA CYS B 183 -16.57 14.64 -4.65
C CYS B 183 -17.84 14.93 -5.43
N MET B 184 -18.03 16.19 -5.83
CA MET B 184 -19.19 16.55 -6.64
C MET B 184 -19.10 15.97 -8.04
N GLU B 185 -17.91 15.65 -8.54
CA GLU B 185 -17.81 15.01 -9.84
C GLU B 185 -18.38 13.60 -9.81
N GLU B 186 -18.00 12.81 -8.81
CA GLU B 186 -18.65 11.51 -8.61
C GLU B 186 -20.14 11.64 -8.30
N ILE B 187 -20.53 12.66 -7.53
CA ILE B 187 -21.96 12.88 -7.29
C ILE B 187 -22.71 13.11 -8.60
N SER B 188 -22.16 13.97 -9.47
CA SER B 188 -22.78 14.22 -10.76
C SER B 188 -22.74 12.97 -11.65
N ARG B 189 -21.73 12.13 -11.48
CA ARG B 189 -21.71 10.85 -12.18
C ARG B 189 -22.90 9.99 -11.73
N THR B 190 -23.21 10.02 -10.44
CA THR B 190 -24.38 9.28 -9.95
C THR B 190 -25.66 9.84 -10.55
N ASN B 191 -25.83 11.16 -10.55
CA ASN B 191 -26.99 11.79 -11.19
C ASN B 191 -26.57 13.08 -11.88
N PRO B 192 -26.65 13.13 -13.21
CA PRO B 192 -26.15 14.32 -13.94
C PRO B 192 -26.98 15.58 -13.74
N MET B 193 -27.91 15.58 -12.79
CA MET B 193 -28.82 16.71 -12.65
C MET B 193 -28.08 17.99 -12.30
N LEU B 194 -27.09 17.92 -11.40
CA LEU B 194 -26.35 19.10 -11.00
C LEU B 194 -25.19 19.43 -11.93
N ARG B 195 -24.98 18.64 -12.99
CA ARG B 195 -23.93 18.97 -13.95
C ARG B 195 -24.24 20.25 -14.72
N ALA B 196 -25.52 20.59 -14.86
CA ALA B 196 -25.89 21.80 -15.58
C ALA B 196 -25.37 23.05 -14.86
N HIS B 197 -25.49 23.07 -13.53
CA HIS B 197 -25.00 24.19 -12.74
C HIS B 197 -23.52 23.95 -12.41
N ARG B 198 -22.63 24.70 -13.07
CA ARG B 198 -21.20 24.55 -12.87
C ARG B 198 -20.56 25.70 -12.10
N ASP B 199 -21.19 26.88 -12.09
CA ASP B 199 -20.63 28.05 -11.42
C ASP B 199 -20.97 28.11 -9.94
N THR B 200 -21.71 27.14 -9.41
CA THR B 200 -22.09 27.10 -8.01
C THR B 200 -21.58 25.78 -7.40
N TRP B 201 -20.35 25.43 -7.74
CA TRP B 201 -19.71 24.22 -7.21
C TRP B 201 -18.82 24.53 -6.01
N LYS B 202 -19.38 25.18 -5.00
CA LYS B 202 -18.62 25.57 -3.82
C LYS B 202 -19.45 25.34 -2.57
N LEU B 203 -18.77 25.03 -1.47
CA LEU B 203 -19.46 24.74 -0.23
C LEU B 203 -20.03 26.00 0.40
N HIS B 204 -21.29 25.95 0.79
CA HIS B 204 -21.97 27.07 1.44
C HIS B 204 -21.97 26.86 2.95
N ILE B 205 -21.62 27.91 3.69
CA ILE B 205 -21.53 27.86 5.14
C ILE B 205 -22.53 28.85 5.71
N LEU B 206 -23.37 28.38 6.64
CA LEU B 206 -24.35 29.21 7.31
C LEU B 206 -23.86 29.53 8.71
N VAL B 207 -23.75 30.82 9.04
CA VAL B 207 -23.29 31.25 10.35
C VAL B 207 -24.30 32.21 10.96
N PRO B 208 -25.37 31.70 11.57
CA PRO B 208 -26.32 32.60 12.25
C PRO B 208 -25.63 33.36 13.37
N LEU B 209 -25.95 34.65 13.48
CA LEU B 209 -25.32 35.47 14.51
C LEU B 209 -25.79 35.12 15.90
N GLY B 210 -26.84 34.31 16.03
CA GLY B 210 -27.19 33.74 17.31
C GLY B 210 -26.41 32.46 17.55
N CYS B 211 -27.08 31.41 18.04
CA CYS B 211 -26.42 30.13 18.19
C CYS B 211 -27.29 28.92 17.85
N ASP B 212 -28.51 29.11 17.37
CA ASP B 212 -29.38 27.98 17.06
C ASP B 212 -28.82 27.19 15.87
N ILE B 213 -28.84 25.86 16.00
CA ILE B 213 -28.37 24.96 14.97
C ILE B 213 -29.42 23.87 14.77
N TRP B 214 -29.83 23.65 13.53
CA TRP B 214 -30.80 22.61 13.21
C TRP B 214 -30.08 21.35 12.77
N ASP B 215 -30.40 20.22 13.42
CA ASP B 215 -29.80 18.95 13.04
C ASP B 215 -30.38 18.44 11.72
N ASP B 216 -31.68 18.64 11.50
CA ASP B 216 -32.35 18.27 10.26
C ASP B 216 -32.63 19.56 9.50
N LEU B 217 -31.74 19.91 8.57
CA LEU B 217 -31.89 21.14 7.83
C LEU B 217 -33.14 21.13 6.94
N GLU B 218 -33.65 19.94 6.59
CA GLU B 218 -34.91 19.85 5.86
C GLU B 218 -36.08 20.40 6.67
N LYS B 219 -35.95 20.44 8.00
CA LYS B 219 -37.02 20.93 8.86
C LYS B 219 -36.94 22.42 9.12
N ALA B 220 -35.76 23.03 8.91
CA ALA B 220 -35.63 24.47 9.14
C ALA B 220 -36.51 25.27 8.19
N ASP B 221 -36.54 24.89 6.92
CA ASP B 221 -37.41 25.52 5.93
C ASP B 221 -38.12 24.43 5.13
N SER B 222 -39.34 24.74 4.70
CA SER B 222 -40.14 23.76 3.99
C SER B 222 -39.68 23.56 2.54
N ASN B 223 -38.87 24.47 2.01
CA ASN B 223 -38.44 24.40 0.62
C ASN B 223 -37.08 23.76 0.44
N ILE B 224 -36.44 23.28 1.51
CA ILE B 224 -35.15 22.61 1.43
C ILE B 224 -35.38 21.11 1.59
N GLN B 225 -35.00 20.35 0.57
CA GLN B 225 -35.20 18.90 0.56
C GLN B 225 -33.92 18.20 0.13
N TYR B 226 -33.70 17.02 0.69
CA TYR B 226 -32.52 16.23 0.37
C TYR B 226 -32.57 15.75 -1.08
N LEU B 227 -31.39 15.50 -1.63
CA LEU B 227 -31.28 14.91 -2.96
C LEU B 227 -30.37 13.70 -2.93
N ALA B 228 -29.36 13.73 -2.05
CA ALA B 228 -28.40 12.65 -1.95
C ALA B 228 -27.66 12.78 -0.62
N ASP B 229 -27.68 11.72 0.18
CA ASP B 229 -26.91 11.66 1.42
C ASP B 229 -26.50 10.21 1.63
N LEU B 230 -25.32 9.86 1.16
CA LEU B 230 -24.82 8.50 1.33
C LEU B 230 -24.26 8.32 2.73
N PRO B 231 -24.41 7.13 3.33
CA PRO B 231 -23.90 6.91 4.68
C PRO B 231 -22.39 7.05 4.75
N GLU B 232 -21.91 7.59 5.86
CA GLU B 232 -20.49 7.73 6.11
C GLU B 232 -20.24 7.71 7.61
N THR B 233 -19.15 7.08 8.02
CA THR B 233 -18.78 6.98 9.42
C THR B 233 -17.56 7.85 9.69
N ILE B 234 -17.63 8.66 10.74
CA ILE B 234 -16.53 9.52 11.15
C ILE B 234 -15.75 8.77 12.21
N LEU B 235 -14.49 8.43 11.89
CA LEU B 235 -13.66 7.61 12.76
C LEU B 235 -12.48 8.43 13.26
N THR B 236 -12.24 8.38 14.57
CA THR B 236 -11.10 9.01 15.20
C THR B 236 -10.30 7.95 15.93
N ARG B 237 -9.02 7.81 15.58
CA ARG B 237 -8.13 6.86 16.22
C ARG B 237 -7.15 7.61 17.11
N ALA B 238 -7.34 7.48 18.43
CA ALA B 238 -6.49 8.15 19.42
C ALA B 238 -6.43 9.66 19.18
N GLY B 239 -7.59 10.23 18.85
CA GLY B 239 -7.69 11.66 18.65
C GLY B 239 -7.44 12.15 17.25
N ILE B 240 -7.09 11.27 16.31
CA ILE B 240 -6.80 11.63 14.93
C ILE B 240 -8.05 11.35 14.12
N LYS B 241 -8.70 12.41 13.62
CA LYS B 241 -9.95 12.27 12.89
C LYS B 241 -9.69 11.90 11.44
N ARG B 242 -10.50 10.98 10.92
CA ARG B 242 -10.39 10.56 9.53
C ARG B 242 -11.06 11.58 8.61
N ARG B 243 -10.56 11.64 7.37
CA ARG B 243 -11.05 12.63 6.42
C ARG B 243 -12.49 12.33 6.01
N VAL B 244 -13.21 13.39 5.64
CA VAL B 244 -14.60 13.29 5.20
C VAL B 244 -14.61 13.27 3.68
N TYR B 245 -15.22 12.25 3.10
CA TYR B 245 -15.25 12.06 1.65
C TYR B 245 -16.63 12.28 1.04
N LYS B 246 -17.58 12.80 1.81
CA LYS B 246 -18.93 12.98 1.30
C LYS B 246 -19.56 14.23 1.91
N HIS B 247 -20.25 14.99 1.08
CA HIS B 247 -21.00 16.16 1.51
C HIS B 247 -22.46 16.00 1.11
N SER B 248 -23.35 16.43 1.98
CA SER B 248 -24.79 16.24 1.78
C SER B 248 -25.29 17.22 0.73
N LEU B 249 -25.83 16.70 -0.37
CA LEU B 249 -26.40 17.51 -1.43
C LEU B 249 -27.89 17.74 -1.15
N TYR B 250 -28.33 18.98 -1.34
CA TYR B 250 -29.70 19.38 -1.06
C TYR B 250 -30.36 19.89 -2.34
N VAL B 251 -31.65 20.21 -2.24
CA VAL B 251 -32.40 20.84 -3.32
C VAL B 251 -33.34 21.86 -2.68
N ILE B 252 -33.09 23.15 -2.94
CA ILE B 252 -33.96 24.22 -2.47
C ILE B 252 -34.99 24.50 -3.55
N ARG B 253 -36.26 24.30 -3.23
CA ARG B 253 -37.34 24.54 -4.18
C ARG B 253 -37.51 26.05 -4.39
N ASP B 254 -37.38 26.47 -5.64
CA ASP B 254 -37.63 27.85 -6.03
C ASP B 254 -39.14 28.04 -6.17
N LYS B 255 -39.56 29.14 -6.79
CA LYS B 255 -40.96 29.31 -7.18
C LYS B 255 -41.28 28.31 -8.28
N ASP B 256 -42.49 28.34 -8.82
CA ASP B 256 -42.88 27.31 -9.79
C ASP B 256 -42.20 27.55 -11.12
N ASN B 257 -40.87 27.56 -11.12
CA ASN B 257 -40.07 27.70 -12.33
C ASN B 257 -39.00 26.63 -12.49
N LYS B 258 -38.33 26.24 -11.40
CA LYS B 258 -37.23 25.29 -11.46
C LYS B 258 -36.83 24.90 -10.04
N LEU B 259 -35.83 24.02 -9.95
CA LEU B 259 -35.27 23.56 -8.68
C LEU B 259 -33.75 23.67 -8.75
N ARG B 260 -33.13 23.98 -7.62
CA ARG B 260 -31.70 24.22 -7.57
C ARG B 260 -31.04 23.40 -6.46
N PRO B 261 -29.88 22.81 -6.74
CA PRO B 261 -29.15 22.06 -5.70
C PRO B 261 -28.12 22.91 -4.97
N CYS B 262 -27.70 22.40 -3.82
CA CYS B 262 -26.73 23.09 -2.98
C CYS B 262 -25.99 22.09 -2.10
N VAL B 263 -24.87 22.56 -1.55
CA VAL B 263 -24.12 21.84 -0.52
C VAL B 263 -24.06 22.75 0.69
N LEU B 264 -24.70 22.34 1.78
CA LEU B 264 -24.93 23.23 2.92
C LEU B 264 -24.27 22.65 4.18
N GLU B 265 -23.79 23.56 5.03
CA GLU B 265 -23.19 23.21 6.30
C GLU B 265 -23.47 24.31 7.31
N PHE B 266 -23.35 23.96 8.59
CA PHE B 266 -23.41 24.90 9.69
C PHE B 266 -22.03 25.03 10.32
N ALA B 267 -21.88 26.04 11.19
CA ALA B 267 -20.62 26.31 11.85
C ALA B 267 -20.58 25.58 13.19
N SER B 268 -19.69 24.60 13.30
CA SER B 268 -19.48 23.92 14.58
C SER B 268 -19.07 24.87 15.71
N PRO B 269 -18.22 25.86 15.51
CA PRO B 269 -17.91 26.78 16.63
C PRO B 269 -19.14 27.48 17.20
N LEU B 270 -20.18 27.71 16.42
CA LEU B 270 -21.40 28.26 17.00
C LEU B 270 -22.05 27.27 17.97
N GLN B 271 -22.02 25.99 17.63
CA GLN B 271 -22.46 24.96 18.57
C GLN B 271 -21.56 24.95 19.80
N THR B 272 -20.27 25.22 19.62
CA THR B 272 -19.36 25.32 20.76
C THR B 272 -19.75 26.47 21.68
N LEU B 273 -20.08 27.63 21.10
CA LEU B 273 -20.58 28.75 21.92
C LEU B 273 -21.88 28.38 22.63
N CYS B 274 -22.78 27.67 21.95
CA CYS B 274 -24.03 27.27 22.59
C CYS B 274 -23.77 26.36 23.78
N ALA B 275 -22.92 25.35 23.61
CA ALA B 275 -22.60 24.44 24.70
C ALA B 275 -21.85 25.16 25.82
N MET B 276 -21.02 26.14 25.47
CA MET B 276 -20.37 26.96 26.49
C MET B 276 -21.40 27.71 27.31
N SER B 277 -22.40 28.29 26.65
CA SER B 277 -23.43 29.04 27.36
C SER B 277 -24.30 28.14 28.22
N GLN B 278 -24.49 26.87 27.81
CA GLN B 278 -25.28 25.95 28.60
C GLN B 278 -24.60 25.61 29.93
N ASP B 279 -23.27 25.56 29.95
CA ASP B 279 -22.56 25.17 31.16
C ASP B 279 -22.68 26.23 32.24
N ASP B 280 -22.88 25.77 33.48
CA ASP B 280 -22.97 26.69 34.61
C ASP B 280 -21.60 27.20 35.04
N CYS B 281 -20.58 26.34 34.99
CA CYS B 281 -19.24 26.75 35.42
C CYS B 281 -18.64 27.78 34.47
N ALA B 282 -19.04 27.76 33.20
CA ALA B 282 -18.53 28.73 32.24
C ALA B 282 -18.98 30.14 32.60
N ALA B 283 -20.22 30.29 33.07
CA ALA B 283 -20.83 31.59 33.38
C ALA B 283 -20.77 32.50 32.15
N PHE B 284 -21.28 31.98 31.04
CA PHE B 284 -21.23 32.64 29.74
C PHE B 284 -22.62 33.10 29.37
N SER B 285 -22.79 34.41 29.23
CA SER B 285 -24.10 35.03 29.10
C SER B 285 -24.50 35.12 27.62
N ARG B 286 -25.58 35.86 27.36
CA ARG B 286 -26.16 35.99 26.03
C ARG B 286 -25.53 37.11 25.21
N GLU B 287 -25.37 38.29 25.80
CA GLU B 287 -24.74 39.40 25.09
C GLU B 287 -23.29 39.07 24.74
N GLN B 288 -22.56 38.45 25.68
CA GLN B 288 -21.22 38.00 25.38
C GLN B 288 -21.21 36.97 24.27
N ARG B 289 -22.22 36.09 24.25
CA ARG B 289 -22.31 35.10 23.18
C ARG B 289 -22.53 35.76 21.82
N LEU B 290 -23.39 36.77 21.77
CA LEU B 290 -23.61 37.50 20.51
C LEU B 290 -22.32 38.19 20.06
N GLU B 291 -21.62 38.85 20.99
CA GLU B 291 -20.39 39.54 20.63
C GLU B 291 -19.33 38.56 20.13
N GLN B 292 -19.19 37.43 20.83
CA GLN B 292 -18.21 36.44 20.41
C GLN B 292 -18.58 35.81 19.07
N ALA B 293 -19.88 35.62 18.81
CA ALA B 293 -20.30 35.09 17.52
C ALA B 293 -19.97 36.06 16.39
N ARG B 294 -20.24 37.35 16.59
CA ARG B 294 -19.89 38.33 15.57
C ARG B 294 -18.39 38.39 15.34
N LEU B 295 -17.60 38.35 16.41
CA LEU B 295 -16.16 38.41 16.27
C LEU B 295 -15.62 37.16 15.57
N PHE B 296 -16.20 35.99 15.88
CA PHE B 296 -15.82 34.77 15.19
C PHE B 296 -16.15 34.84 13.71
N TYR B 297 -17.33 35.38 13.37
CA TYR B 297 -17.69 35.56 11.96
C TYR B 297 -16.67 36.44 11.24
N ARG B 298 -16.33 37.58 11.85
CA ARG B 298 -15.37 38.49 11.23
C ARG B 298 -14.00 37.84 11.09
N SER B 299 -13.55 37.13 12.13
CA SER B 299 -12.23 36.50 12.09
C SER B 299 -12.18 35.41 11.03
N LEU B 300 -13.22 34.59 10.93
CA LEU B 300 -13.24 33.54 9.91
C LEU B 300 -13.28 34.13 8.51
N ARG B 301 -14.06 35.20 8.32
CA ARG B 301 -14.10 35.85 7.02
C ARG B 301 -12.73 36.40 6.64
N ASP B 302 -12.05 37.05 7.59
CA ASP B 302 -10.74 37.61 7.29
C ASP B 302 -9.68 36.53 7.06
N ILE B 303 -9.81 35.40 7.76
CA ILE B 303 -8.85 34.30 7.57
C ILE B 303 -9.05 33.66 6.21
N LEU B 304 -10.30 33.44 5.81
CA LEU B 304 -10.56 32.82 4.52
C LEU B 304 -10.28 33.79 3.36
N GLY B 305 -10.40 35.09 3.60
CA GLY B 305 -10.18 36.06 2.54
C GLY B 305 -8.74 36.08 2.04
N SER B 306 -7.78 35.89 2.94
CA SER B 306 -6.36 35.96 2.60
C SER B 306 -5.73 34.57 2.48
N SER B 307 -6.49 33.60 1.99
CA SER B 307 -6.00 32.24 1.80
C SER B 307 -5.76 31.98 0.31
N LYS B 308 -5.12 30.85 0.02
CA LYS B 308 -4.79 30.47 -1.34
C LYS B 308 -5.48 29.19 -1.77
N GLU B 309 -5.43 28.14 -0.95
CA GLU B 309 -6.08 26.89 -1.31
C GLU B 309 -7.59 27.06 -1.41
N CYS B 310 -8.18 27.80 -0.48
CA CYS B 310 -9.61 28.11 -0.51
C CYS B 310 -9.87 29.44 -1.21
N ALA B 311 -9.40 29.57 -2.44
CA ALA B 311 -9.51 30.84 -3.16
C ALA B 311 -10.97 31.18 -3.46
N GLY B 312 -11.71 30.22 -4.02
CA GLY B 312 -13.09 30.47 -4.37
C GLY B 312 -14.00 29.29 -4.20
N LEU B 313 -13.60 28.33 -3.35
CA LEU B 313 -14.35 27.11 -3.13
C LEU B 313 -15.26 27.20 -1.90
N TYR B 314 -15.73 28.40 -1.57
CA TYR B 314 -16.57 28.59 -0.40
C TYR B 314 -17.49 29.79 -0.62
N ARG B 315 -18.56 29.83 0.17
CA ARG B 315 -19.38 31.03 0.27
C ARG B 315 -20.12 30.96 1.60
N LEU B 316 -19.73 31.83 2.53
CA LEU B 316 -20.28 31.82 3.88
C LEU B 316 -21.41 32.84 3.99
N ILE B 317 -22.53 32.40 4.56
CA ILE B 317 -23.75 33.21 4.65
C ILE B 317 -24.01 33.52 6.12
N ALA B 318 -24.02 34.81 6.46
CA ALA B 318 -24.32 35.28 7.80
C ALA B 318 -25.67 35.97 7.80
N TYR B 319 -26.54 35.58 8.74
CA TYR B 319 -27.86 36.17 8.83
C TYR B 319 -28.25 36.32 10.30
N GLU B 320 -29.05 37.34 10.58
CA GLU B 320 -29.64 37.56 11.89
C GLU B 320 -31.14 37.32 11.79
N GLU B 321 -31.67 36.50 12.69
CA GLU B 321 -33.06 36.10 12.62
C GLU B 321 -33.96 37.33 12.75
N PRO B 322 -34.96 37.48 11.89
CA PRO B 322 -35.78 38.69 11.89
C PRO B 322 -36.78 38.70 13.05
N ALA B 323 -37.18 39.91 13.43
CA ALA B 323 -38.18 40.08 14.48
C ALA B 323 -39.53 39.57 14.04
N GLU B 324 -39.94 39.91 12.81
CA GLU B 324 -41.22 39.44 12.31
C GLU B 324 -41.15 37.94 11.99
N PRO B 325 -42.22 37.19 12.25
CA PRO B 325 -42.20 35.75 11.99
C PRO B 325 -42.37 35.47 10.49
N GLU B 326 -41.33 34.93 9.88
CA GLU B 326 -41.35 34.52 8.48
C GLU B 326 -41.01 33.04 8.40
N SER B 327 -41.87 32.27 7.73
CA SER B 327 -41.70 30.83 7.66
C SER B 327 -40.78 30.38 6.53
N HIS B 328 -40.40 31.28 5.62
CA HIS B 328 -39.55 30.95 4.48
C HIS B 328 -38.45 31.99 4.33
N PHE B 329 -37.80 32.33 5.44
CA PHE B 329 -36.75 33.35 5.41
C PHE B 329 -35.43 32.79 4.92
N LEU B 330 -35.00 31.66 5.48
CA LEU B 330 -33.70 31.10 5.12
C LEU B 330 -33.65 30.68 3.66
N SER B 331 -34.73 30.08 3.15
CA SER B 331 -34.76 29.63 1.77
C SER B 331 -34.63 30.81 0.81
N GLY B 332 -35.35 31.90 1.08
CA GLY B 332 -35.21 33.08 0.25
C GLY B 332 -33.81 33.66 0.28
N LEU B 333 -33.18 33.67 1.46
CA LEU B 333 -31.83 34.20 1.59
C LEU B 333 -30.84 33.36 0.79
N ILE B 334 -30.93 32.03 0.88
CA ILE B 334 -29.99 31.20 0.14
C ILE B 334 -30.26 31.28 -1.35
N LEU B 335 -31.53 31.42 -1.75
CA LEU B 335 -31.84 31.59 -3.17
C LEU B 335 -31.27 32.91 -3.69
N TRP B 336 -31.34 33.97 -2.89
CA TRP B 336 -30.72 35.24 -3.27
C TRP B 336 -29.21 35.10 -3.40
N HIS B 337 -28.60 34.38 -2.46
CA HIS B 337 -27.15 34.15 -2.54
C HIS B 337 -26.79 33.36 -3.79
N LEU B 338 -27.64 32.39 -4.16
CA LEU B 338 -27.40 31.67 -5.41
C LEU B 338 -27.55 32.57 -6.62
N GLN B 339 -28.55 33.46 -6.61
CA GLN B 339 -28.76 34.36 -7.74
C GLN B 339 -27.58 35.30 -7.92
N GLN B 340 -27.07 35.88 -6.84
CA GLN B 340 -25.84 36.67 -6.95
C GLN B 340 -24.63 35.81 -7.24
N GLN B 341 -24.67 34.52 -6.89
CA GLN B 341 -23.59 33.61 -7.24
C GLN B 341 -23.50 33.43 -8.74
N GLN B 342 -24.64 33.42 -9.43
CA GLN B 342 -24.67 33.28 -10.88
C GLN B 342 -24.18 34.56 -11.56
N SER C 10 3.26 43.12 -22.88
CA SER C 10 3.26 42.06 -21.88
C SER C 10 2.02 42.14 -21.00
N PRO C 11 1.34 41.00 -20.82
CA PRO C 11 0.15 41.00 -19.94
C PRO C 11 0.46 41.42 -18.51
N ALA C 12 1.63 41.09 -18.00
CA ALA C 12 2.03 41.45 -16.64
C ALA C 12 3.25 42.36 -16.73
N ARG C 13 3.04 43.65 -16.50
CA ARG C 13 4.13 44.62 -16.51
C ARG C 13 5.00 44.38 -15.28
N LEU C 14 6.18 43.80 -15.49
CA LEU C 14 7.06 43.44 -14.40
C LEU C 14 7.84 44.66 -13.91
N LEU C 15 7.98 44.76 -12.59
CA LEU C 15 8.74 45.83 -11.95
C LEU C 15 9.92 45.19 -11.24
N ILE C 16 11.08 45.22 -11.88
CA ILE C 16 12.28 44.60 -11.33
C ILE C 16 13.30 45.69 -11.03
N PRO C 17 13.98 45.63 -9.88
CA PRO C 17 14.98 46.65 -9.56
C PRO C 17 16.20 46.57 -10.46
N GLU C 18 16.88 47.70 -10.58
CA GLU C 18 18.12 47.81 -11.35
C GLU C 18 19.26 48.18 -10.42
N PRO C 19 20.49 47.81 -10.75
CA PRO C 19 21.63 48.16 -9.89
C PRO C 19 21.78 49.67 -9.74
N ARG C 20 22.16 50.09 -8.54
CA ARG C 20 22.32 51.51 -8.27
C ARG C 20 23.51 52.08 -9.05
N ALA C 21 23.31 53.27 -9.61
CA ALA C 21 24.35 53.90 -10.42
C ALA C 21 25.45 54.54 -9.58
N GLY C 22 25.27 54.65 -8.28
CA GLY C 22 26.29 55.27 -7.44
C GLY C 22 26.54 56.73 -7.77
N ARG C 23 25.47 57.51 -7.96
CA ARG C 23 25.58 58.91 -8.31
C ARG C 23 25.59 59.83 -7.09
N ALA C 24 25.61 59.27 -5.87
CA ALA C 24 25.75 60.10 -4.69
C ALA C 24 27.10 60.81 -4.65
N ARG C 25 28.12 60.21 -5.26
CA ARG C 25 29.44 60.84 -5.30
C ARG C 25 29.41 62.12 -6.13
N HIS C 26 28.66 62.12 -7.24
CA HIS C 26 28.54 63.35 -8.02
C HIS C 26 27.76 64.42 -7.26
N ALA C 27 26.78 64.01 -6.46
CA ALA C 27 26.12 64.95 -5.56
C ALA C 27 27.10 65.53 -4.56
N ALA C 28 27.98 64.69 -4.02
CA ALA C 28 29.01 65.17 -3.11
C ALA C 28 29.94 66.16 -3.80
N CYS C 29 30.29 65.89 -5.06
CA CYS C 29 31.18 66.78 -5.79
C CYS C 29 30.52 68.12 -6.09
N VAL C 30 29.25 68.12 -6.49
CA VAL C 30 28.57 69.39 -6.75
C VAL C 30 28.37 70.15 -5.46
N LEU C 31 28.17 69.44 -4.34
CA LEU C 31 28.14 70.11 -3.04
C LEU C 31 29.51 70.69 -2.68
N LEU C 32 30.59 69.98 -3.01
CA LEU C 32 31.93 70.53 -2.88
C LEU C 32 32.03 71.88 -3.60
N ALA C 33 31.62 71.89 -4.86
CA ALA C 33 31.73 73.12 -5.67
C ALA C 33 30.87 74.23 -5.09
N VAL C 34 29.63 73.90 -4.69
CA VAL C 34 28.72 74.91 -4.16
C VAL C 34 29.26 75.50 -2.87
N CYS C 35 29.74 74.64 -1.96
CA CYS C 35 30.31 75.13 -0.72
C CYS C 35 31.55 75.98 -0.96
N PHE C 36 32.39 75.58 -1.91
CA PHE C 36 33.59 76.35 -2.22
C PHE C 36 33.23 77.73 -2.74
N VAL C 37 32.29 77.81 -3.70
CA VAL C 37 31.95 79.11 -4.28
C VAL C 37 31.21 79.97 -3.26
N VAL C 38 30.45 79.35 -2.34
CA VAL C 38 29.76 80.14 -1.32
C VAL C 38 30.77 80.71 -0.32
N LEU C 39 31.73 79.89 0.12
CA LEU C 39 32.70 80.34 1.11
C LEU C 39 33.65 81.36 0.51
N PHE C 40 34.00 81.22 -0.76
CA PHE C 40 34.91 82.17 -1.39
C PHE C 40 34.31 83.56 -1.44
N LEU C 41 33.03 83.66 -1.78
CA LEU C 41 32.37 84.96 -1.84
C LEU C 41 32.22 85.55 -0.43
N SER C 42 32.48 86.84 -0.33
CA SER C 42 32.40 87.57 0.94
C SER C 42 33.26 86.93 2.03
N LEU C 46 43.43 83.93 3.85
CA LEU C 46 42.74 83.24 4.93
C LEU C 46 43.47 81.95 5.30
N ALA C 47 44.81 82.05 5.38
CA ALA C 47 45.61 80.89 5.74
C ALA C 47 45.30 80.32 7.12
N PRO C 48 45.16 81.13 8.18
CA PRO C 48 44.80 80.54 9.48
C PRO C 48 43.46 79.83 9.45
N ILE C 49 42.48 80.32 8.69
CA ILE C 49 41.20 79.63 8.57
C ILE C 49 41.39 78.27 7.92
N THR C 50 42.22 78.21 6.86
CA THR C 50 42.51 76.92 6.22
C THR C 50 43.22 75.97 7.18
N ARG C 51 44.12 76.50 7.99
CA ARG C 51 44.81 75.66 8.97
C ARG C 51 43.84 75.13 10.02
N ARG C 52 42.89 75.97 10.46
CA ARG C 52 41.86 75.51 11.40
C ARG C 52 40.98 74.43 10.76
N VAL C 53 40.65 74.60 9.48
CA VAL C 53 39.88 73.59 8.77
C VAL C 53 40.65 72.27 8.70
N CYS C 54 41.96 72.35 8.42
CA CYS C 54 42.77 71.14 8.39
C CYS C 54 42.84 70.48 9.77
N THR C 55 42.96 71.27 10.83
CA THR C 55 42.96 70.72 12.18
C THR C 55 41.63 70.03 12.50
N GLN C 56 40.52 70.66 12.13
CA GLN C 56 39.22 70.05 12.35
C GLN C 56 39.07 68.76 11.56
N LEU C 57 39.58 68.74 10.32
CA LEU C 57 39.57 67.53 9.51
C LEU C 57 40.37 66.41 10.18
N ALA C 58 41.55 66.76 10.71
CA ALA C 58 42.36 65.78 11.43
C ALA C 58 41.72 65.34 12.73
N ALA C 59 40.80 66.14 13.28
CA ALA C 59 40.20 65.81 14.56
C ALA C 59 39.36 64.52 14.47
N LEU C 60 38.54 64.40 13.43
CA LEU C 60 37.65 63.25 13.30
C LEU C 60 38.25 62.12 12.48
N GLN C 61 39.48 62.26 12.00
CA GLN C 61 40.18 61.18 11.32
C GLN C 61 40.89 60.24 12.30
N LEU C 62 40.81 60.53 13.59
CA LEU C 62 41.48 59.73 14.61
C LEU C 62 40.61 58.58 15.13
N GLY C 63 39.30 58.62 14.87
CA GLY C 63 38.42 57.55 15.35
C GLY C 63 38.73 56.21 14.74
N VAL C 64 39.19 56.19 13.48
CA VAL C 64 39.53 54.92 12.83
C VAL C 64 40.66 54.23 13.57
N LEU C 65 41.58 54.99 14.16
CA LEU C 65 42.66 54.39 14.93
C LEU C 65 42.12 53.65 16.16
N LEU C 66 41.18 54.27 16.88
CA LEU C 66 40.57 53.59 18.02
C LEU C 66 39.76 52.37 17.57
N LYS C 67 39.05 52.48 16.44
CA LYS C 67 38.32 51.33 15.92
C LYS C 67 39.28 50.18 15.61
N GLY C 68 40.41 50.48 14.97
CA GLY C 68 41.38 49.44 14.69
C GLY C 68 42.00 48.86 15.94
N CYS C 69 42.25 49.69 16.95
CA CYS C 69 42.83 49.20 18.19
C CYS C 69 41.86 48.27 18.91
N CYS C 70 40.59 48.66 19.00
CA CYS C 70 39.59 47.79 19.62
C CYS C 70 39.43 46.50 18.84
N CYS C 71 39.43 46.58 17.50
CA CYS C 71 39.34 45.39 16.69
C CYS C 71 40.54 44.46 16.92
N LEU C 72 41.73 45.03 17.03
CA LEU C 72 42.92 44.24 17.31
C LEU C 72 42.84 43.55 18.66
N ALA C 73 42.35 44.29 19.67
CA ALA C 73 42.19 43.70 21.00
C ALA C 73 41.19 42.56 20.97
N GLU C 74 40.09 42.73 20.23
CA GLU C 74 39.08 41.68 20.17
C GLU C 74 39.49 40.50 19.28
N GLU C 75 40.40 40.71 18.34
CA GLU C 75 40.75 39.69 17.36
C GLU C 75 42.10 39.04 17.62
N ILE C 76 42.84 39.50 18.64
CA ILE C 76 44.09 38.82 18.98
C ILE C 76 43.83 37.38 19.39
N PHE C 77 42.63 37.06 19.87
CA PHE C 77 42.29 35.68 20.21
C PHE C 77 42.06 34.84 18.96
N HIS C 78 41.37 35.39 17.96
CA HIS C 78 41.10 34.70 16.72
C HIS C 78 42.27 34.76 15.74
N LEU C 79 43.34 35.48 16.09
CA LEU C 79 44.51 35.58 15.21
C LEU C 79 45.06 34.20 14.87
N HIS C 80 45.17 33.32 15.86
CA HIS C 80 45.72 31.98 15.62
C HIS C 80 44.83 31.18 14.67
N SER C 81 43.51 31.26 14.85
CA SER C 81 42.61 30.45 14.03
C SER C 81 42.49 30.98 12.61
N ARG C 82 42.41 32.30 12.45
CA ARG C 82 42.12 32.91 11.16
C ARG C 82 43.36 33.37 10.41
N HIS C 83 44.34 33.94 11.12
CA HIS C 83 45.54 34.48 10.50
C HIS C 83 46.82 33.80 10.96
N HIS C 84 46.72 32.86 11.90
CA HIS C 84 47.87 32.10 12.38
C HIS C 84 48.97 33.00 12.93
N LEU C 87 51.54 37.14 11.56
CA LEU C 87 51.09 38.09 12.57
C LEU C 87 50.88 39.47 11.94
N TRP C 88 51.60 39.74 10.86
CA TRP C 88 51.43 41.00 10.14
C TRP C 88 50.04 41.09 9.52
N GLN C 89 49.46 39.95 9.12
CA GLN C 89 48.11 39.96 8.58
C GLN C 89 47.10 40.43 9.61
N VAL C 90 47.32 40.09 10.88
CA VAL C 90 46.44 40.54 11.94
C VAL C 90 46.48 42.06 12.04
N LEU C 91 47.68 42.64 12.01
CA LEU C 91 47.80 44.09 12.08
C LEU C 91 47.19 44.78 10.87
N CYS C 92 47.40 44.23 9.68
CA CYS C 92 46.92 44.90 8.47
C CYS C 92 45.41 44.76 8.31
N SER C 93 44.83 43.67 8.79
CA SER C 93 43.41 43.44 8.61
C SER C 93 42.56 44.30 9.53
N CYS C 94 43.04 44.59 10.73
CA CYS C 94 42.24 45.32 11.72
C CYS C 94 42.14 46.81 11.42
N PHE C 95 42.94 47.33 10.50
CA PHE C 95 42.91 48.75 10.16
C PHE C 95 42.75 48.91 8.65
N PRO C 96 42.11 50.00 8.22
CA PRO C 96 42.00 50.24 6.77
C PRO C 96 43.36 50.49 6.16
N PRO C 97 43.54 50.14 4.88
CA PRO C 97 44.85 50.39 4.24
C PRO C 97 45.25 51.86 4.23
N ARG C 98 44.29 52.77 4.11
CA ARG C 98 44.58 54.21 4.11
C ARG C 98 44.58 54.75 5.54
N TRP C 99 45.43 54.14 6.37
CA TRP C 99 45.57 54.55 7.75
C TRP C 99 46.74 55.50 7.99
N HIS C 100 47.75 55.48 7.12
CA HIS C 100 48.87 56.41 7.25
C HIS C 100 48.45 57.85 7.00
N LEU C 101 47.35 58.06 6.27
CA LEU C 101 46.86 59.42 6.05
C LEU C 101 46.40 60.06 7.36
N ALA C 102 45.72 59.28 8.21
CA ALA C 102 45.31 59.79 9.52
C ALA C 102 46.54 60.12 10.37
N LEU C 103 47.57 59.27 10.30
CA LEU C 103 48.81 59.55 11.02
C LEU C 103 49.46 60.83 10.53
N LEU C 104 49.48 61.04 9.21
CA LEU C 104 50.05 62.28 8.67
C LEU C 104 49.26 63.49 9.13
N LEU C 105 47.93 63.40 9.12
CA LEU C 105 47.11 64.52 9.57
C LEU C 105 47.31 64.82 11.05
N VAL C 106 47.37 63.78 11.89
CA VAL C 106 47.55 64.02 13.31
C VAL C 106 48.95 64.56 13.60
N GLY C 107 49.95 64.10 12.85
CA GLY C 107 51.28 64.65 13.01
C GLY C 107 51.37 66.10 12.58
N GLY C 108 50.70 66.46 11.49
CA GLY C 108 50.65 67.86 11.09
C GLY C 108 49.94 68.73 12.10
N SER C 109 48.84 68.21 12.68
CA SER C 109 48.13 68.96 13.71
C SER C 109 49.00 69.16 14.94
N ALA C 110 49.74 68.12 15.35
CA ALA C 110 50.63 68.25 16.50
C ALA C 110 51.75 69.24 16.21
N TYR C 111 52.32 69.19 15.00
CA TYR C 111 53.39 70.12 14.65
C TYR C 111 52.89 71.56 14.62
N LEU C 112 51.68 71.77 14.10
CA LEU C 112 51.13 73.13 14.05
C LEU C 112 50.91 73.69 15.45
N ASP C 113 50.43 72.87 16.37
CA ASP C 113 50.21 73.31 17.75
C ASP C 113 51.53 73.46 18.49
N ARG C 123 46.36 70.58 23.99
CA ARG C 123 46.30 69.16 24.35
C ARG C 123 44.90 68.77 24.80
N LEU C 124 44.16 69.75 25.33
CA LEU C 124 42.79 69.49 25.78
C LEU C 124 41.88 69.11 24.63
N ALA C 125 42.06 69.75 23.47
CA ALA C 125 41.21 69.44 22.32
C ALA C 125 41.40 68.01 21.85
N LEU C 126 42.65 67.54 21.83
CA LEU C 126 42.92 66.16 21.41
C LEU C 126 42.26 65.16 22.36
N THR C 127 42.37 65.41 23.67
CA THR C 127 41.75 64.52 24.65
C THR C 127 40.24 64.54 24.52
N LEU C 128 39.65 65.73 24.30
CA LEU C 128 38.20 65.81 24.12
C LEU C 128 37.76 65.05 22.88
N SER C 129 38.50 65.19 21.77
CA SER C 129 38.15 64.48 20.55
C SER C 129 38.27 62.97 20.74
N CYS C 130 39.33 62.52 21.42
CA CYS C 130 39.48 61.09 21.68
C CYS C 130 38.35 60.57 22.57
N LEU C 131 37.96 61.32 23.59
CA LEU C 131 36.86 60.90 24.45
C LEU C 131 35.56 60.83 23.67
N CYS C 132 35.31 61.82 22.80
CA CYS C 132 34.10 61.79 21.99
C CYS C 132 34.09 60.59 21.05
N GLN C 133 35.22 60.31 20.41
CA GLN C 133 35.29 59.16 19.51
C GLN C 133 35.08 57.85 20.25
N LEU C 134 35.66 57.73 21.44
CA LEU C 134 35.48 56.52 22.23
C LEU C 134 34.02 56.37 22.67
N LEU C 135 33.38 57.47 23.06
CA LEU C 135 31.97 57.41 23.44
C LEU C 135 31.10 56.99 22.26
N VAL C 136 31.37 57.55 21.08
CA VAL C 136 30.62 57.15 19.88
C VAL C 136 30.82 55.67 19.59
N LEU C 137 32.06 55.19 19.68
CA LEU C 137 32.33 53.79 19.38
C LEU C 137 31.64 52.88 20.39
N ALA C 138 31.68 53.24 21.68
CA ALA C 138 31.06 52.41 22.70
C ALA C 138 29.55 52.38 22.55
N LEU C 139 28.93 53.54 22.34
CA LEU C 139 27.47 53.58 22.18
C LEU C 139 27.06 53.00 20.84
N GLY C 140 27.86 53.20 19.80
CA GLY C 140 27.55 52.67 18.49
C GLY C 140 26.32 53.27 17.83
N LEU C 141 26.16 54.59 17.92
CA LEU C 141 25.02 55.25 17.29
C LEU C 141 25.24 55.50 15.80
N GLN C 142 26.45 55.28 15.29
CA GLN C 142 26.74 55.46 13.87
C GLN C 142 26.65 54.10 13.19
N LYS C 143 25.42 53.67 12.94
CA LYS C 143 25.15 52.39 12.30
C LYS C 143 24.80 52.63 10.83
N LEU C 144 24.38 51.57 10.15
CA LEU C 144 24.14 51.59 8.71
C LEU C 144 22.64 51.59 8.44
N SER C 145 22.23 52.39 7.46
CA SER C 145 20.81 52.49 7.09
C SER C 145 20.43 51.33 6.17
N ALA C 146 19.22 51.39 5.61
CA ALA C 146 18.74 50.30 4.78
C ALA C 146 19.41 50.28 3.42
N VAL C 147 19.72 51.44 2.86
CA VAL C 147 20.32 51.50 1.53
C VAL C 147 21.70 50.86 1.53
N GLU C 148 22.50 51.12 2.56
CA GLU C 148 23.86 50.58 2.59
C GLU C 148 23.85 49.05 2.75
N VAL C 149 22.99 48.54 3.64
CA VAL C 149 22.94 47.10 3.83
C VAL C 149 22.37 46.41 2.59
N SER C 150 21.39 47.04 1.92
CA SER C 150 20.88 46.49 0.67
C SER C 150 21.97 46.45 -0.39
N GLU C 151 22.75 47.52 -0.51
CA GLU C 151 23.85 47.54 -1.48
C GLU C 151 24.88 46.48 -1.16
N LEU C 152 25.20 46.30 0.12
CA LEU C 152 26.21 45.31 0.49
C LEU C 152 25.71 43.88 0.29
N THR C 153 24.41 43.65 0.46
CA THR C 153 23.86 42.32 0.20
C THR C 153 23.74 42.05 -1.29
N GLU C 154 23.52 43.09 -2.10
CA GLU C 154 23.41 42.89 -3.54
C GLU C 154 24.78 42.80 -4.22
N SER C 155 25.81 43.44 -3.65
CA SER C 155 27.10 43.52 -4.33
C SER C 155 27.84 42.20 -4.29
N SER C 156 27.70 41.44 -3.21
CA SER C 156 28.45 40.19 -3.04
C SER C 156 27.79 39.11 -3.90
N LYS C 157 28.40 38.83 -5.06
CA LYS C 157 27.90 37.83 -5.99
C LYS C 157 28.57 36.47 -5.81
N LYS C 158 29.47 36.34 -4.83
CA LYS C 158 30.23 35.11 -4.64
C LYS C 158 29.92 34.40 -3.33
N ASN C 159 29.12 34.99 -2.45
CA ASN C 159 28.79 34.35 -1.18
C ASN C 159 27.78 33.24 -1.37
N VAL C 160 28.23 32.12 -1.95
CA VAL C 160 27.34 31.01 -2.27
C VAL C 160 27.32 29.92 -1.20
N ALA C 161 28.01 30.14 -0.08
CA ALA C 161 28.10 29.10 0.95
C ALA C 161 26.74 28.78 1.55
N HIS C 162 26.02 29.80 2.01
CA HIS C 162 24.72 29.58 2.64
C HIS C 162 23.71 29.04 1.65
N GLY C 163 23.69 29.58 0.43
CA GLY C 163 22.78 29.07 -0.58
C GLY C 163 23.03 27.63 -0.94
N LEU C 164 24.31 27.26 -1.12
CA LEU C 164 24.65 25.88 -1.41
C LEU C 164 24.27 24.97 -0.26
N ALA C 165 24.53 25.39 0.98
CA ALA C 165 24.19 24.56 2.13
C ALA C 165 22.69 24.32 2.21
N TRP C 166 21.89 25.38 2.09
CA TRP C 166 20.44 25.24 2.18
C TRP C 166 19.89 24.41 1.02
N SER C 167 20.40 24.64 -0.19
CA SER C 167 19.94 23.89 -1.35
C SER C 167 20.25 22.41 -1.20
N TYR C 168 21.50 22.09 -0.83
CA TYR C 168 21.89 20.70 -0.61
C TYR C 168 21.01 20.06 0.45
N TYR C 169 20.85 20.72 1.59
CA TYR C 169 20.02 20.19 2.67
C TYR C 169 18.62 19.87 2.16
N ILE C 170 17.88 20.90 1.73
CA ILE C 170 16.48 20.73 1.39
C ILE C 170 16.32 19.73 0.25
N GLY C 171 17.15 19.84 -0.79
CA GLY C 171 16.99 18.98 -1.94
C GLY C 171 17.29 17.52 -1.67
N TYR C 172 18.37 17.23 -0.93
CA TYR C 172 18.86 15.86 -0.84
C TYR C 172 18.72 15.28 0.57
N LEU C 173 19.19 15.99 1.60
CA LEU C 173 19.29 15.36 2.91
C LEU C 173 17.93 15.18 3.56
N LYS C 174 17.02 16.13 3.36
CA LYS C 174 15.70 16.02 3.95
C LYS C 174 14.84 14.94 3.30
N VAL C 175 15.30 14.36 2.18
CA VAL C 175 14.52 13.35 1.48
C VAL C 175 15.19 11.98 1.46
N VAL C 176 16.52 11.91 1.58
CA VAL C 176 17.18 10.60 1.49
C VAL C 176 17.57 10.10 2.87
N LEU C 177 17.88 11.01 3.79
CA LEU C 177 18.32 10.60 5.13
C LEU C 177 17.25 9.85 5.91
N PRO C 178 15.98 10.30 5.98
CA PRO C 178 15.01 9.55 6.81
C PRO C 178 14.81 8.11 6.36
N ARG C 179 14.88 7.83 5.08
CA ARG C 179 14.68 6.47 4.58
C ARG C 179 16.03 5.75 4.42
N LEU C 180 16.74 5.66 5.54
CA LEU C 180 18.03 4.97 5.59
C LEU C 180 18.04 3.80 6.56
N LYS C 181 17.54 3.99 7.79
CA LYS C 181 17.53 2.88 8.75
C LYS C 181 16.64 1.75 8.26
N GLU C 182 15.45 2.07 7.76
CA GLU C 182 14.55 1.04 7.24
C GLU C 182 15.11 0.41 5.97
N CYS C 183 15.81 1.18 5.15
CA CYS C 183 16.44 0.62 3.96
C CYS C 183 17.60 -0.29 4.31
N MET C 184 18.24 -0.06 5.45
CA MET C 184 19.37 -0.89 5.87
C MET C 184 18.94 -2.13 6.64
N GLU C 185 17.76 -2.09 7.28
CA GLU C 185 17.29 -3.24 8.04
C GLU C 185 17.14 -4.48 7.18
N GLU C 186 16.62 -4.33 5.96
CA GLU C 186 16.36 -5.48 5.11
C GLU C 186 17.65 -6.19 4.72
N ILE C 187 18.70 -5.44 4.42
CA ILE C 187 20.00 -6.08 4.17
C ILE C 187 20.57 -6.65 5.44
N SER C 188 20.36 -5.97 6.57
CA SER C 188 20.92 -6.43 7.83
C SER C 188 20.36 -7.79 8.24
N ARG C 189 19.07 -8.02 8.01
CA ARG C 189 18.43 -9.24 8.51
C ARG C 189 19.03 -10.50 7.90
N THR C 190 19.76 -10.39 6.79
CA THR C 190 20.41 -11.54 6.18
C THR C 190 21.93 -11.50 6.29
N ASN C 191 22.52 -10.36 6.63
CA ASN C 191 23.97 -10.25 6.76
C ASN C 191 24.35 -10.02 8.22
N PRO C 192 24.96 -10.99 8.90
CA PRO C 192 25.41 -10.76 10.28
C PRO C 192 26.44 -9.65 10.41
N MET C 193 27.20 -9.38 9.34
CA MET C 193 28.19 -8.30 9.38
C MET C 193 27.53 -6.95 9.63
N LEU C 194 26.39 -6.70 8.99
CA LEU C 194 25.67 -5.46 9.23
C LEU C 194 25.04 -5.44 10.62
N ARG C 195 24.55 -6.59 11.09
CA ARG C 195 23.95 -6.65 12.42
C ARG C 195 24.98 -6.34 13.50
N ALA C 196 26.20 -6.84 13.35
CA ALA C 196 27.23 -6.61 14.36
C ALA C 196 27.54 -5.13 14.51
N HIS C 197 27.68 -4.41 13.39
CA HIS C 197 27.95 -2.97 13.40
C HIS C 197 26.65 -2.23 13.16
N ARG C 198 25.85 -2.11 14.23
CA ARG C 198 24.56 -1.44 14.14
C ARG C 198 24.62 0.04 14.53
N ASP C 199 25.63 0.45 15.30
CA ASP C 199 25.72 1.82 15.78
C ASP C 199 26.26 2.79 14.73
N THR C 200 26.75 2.29 13.60
CA THR C 200 27.36 3.16 12.58
C THR C 200 26.59 3.07 11.28
N TRP C 201 25.27 3.10 11.34
CA TRP C 201 24.41 3.05 10.16
C TRP C 201 24.07 4.43 9.62
N LYS C 202 24.91 5.43 9.88
CA LYS C 202 24.65 6.79 9.44
C LYS C 202 25.15 6.97 8.01
N LEU C 203 24.98 8.18 7.49
CA LEU C 203 25.52 8.55 6.19
C LEU C 203 26.76 9.40 6.41
N HIS C 204 27.89 8.97 5.84
CA HIS C 204 29.18 9.61 6.06
C HIS C 204 29.46 10.55 4.91
N ILE C 205 29.28 11.84 5.14
CA ILE C 205 29.52 12.88 4.14
C ILE C 205 30.97 13.31 4.25
N LEU C 206 31.70 13.24 3.14
CA LEU C 206 33.08 13.69 3.08
C LEU C 206 33.12 15.11 2.56
N VAL C 207 33.62 16.03 3.38
CA VAL C 207 33.70 17.44 2.99
C VAL C 207 35.15 17.92 3.13
N PRO C 208 36.03 17.57 2.18
CA PRO C 208 37.39 18.12 2.22
C PRO C 208 37.37 19.63 2.06
N LEU C 209 38.16 20.32 2.87
CA LEU C 209 38.22 21.78 2.78
C LEU C 209 38.78 22.26 1.46
N GLY C 210 39.45 21.39 0.70
CA GLY C 210 39.82 21.70 -0.66
C GLY C 210 38.65 21.51 -1.60
N CYS C 211 38.90 21.08 -2.83
CA CYS C 211 37.82 20.86 -3.78
C CYS C 211 37.97 19.63 -4.66
N ASP C 212 38.99 18.80 -4.46
CA ASP C 212 39.14 17.61 -5.28
C ASP C 212 38.14 16.53 -4.87
N ILE C 213 37.44 15.97 -5.86
CA ILE C 213 36.48 14.90 -5.64
C ILE C 213 36.93 13.69 -6.46
N TRP C 214 37.18 12.58 -5.78
CA TRP C 214 37.60 11.37 -6.47
C TRP C 214 36.42 10.74 -7.21
N ASP C 215 36.69 10.19 -8.38
CA ASP C 215 35.65 9.49 -9.13
C ASP C 215 35.13 8.29 -8.35
N ASP C 216 36.03 7.51 -7.73
CA ASP C 216 35.65 6.45 -6.83
C ASP C 216 36.67 6.37 -5.70
N LEU C 217 36.24 5.82 -4.57
CA LEU C 217 37.10 5.71 -3.41
C LEU C 217 38.02 4.49 -3.46
N GLU C 218 37.87 3.63 -4.46
CA GLU C 218 38.71 2.44 -4.55
C GLU C 218 40.18 2.81 -4.76
N LYS C 219 40.45 3.68 -5.74
CA LYS C 219 41.81 4.09 -6.03
C LYS C 219 42.28 5.27 -5.20
N ALA C 220 41.37 5.99 -4.54
CA ALA C 220 41.77 7.07 -3.66
C ALA C 220 42.58 6.54 -2.48
N ASP C 221 42.12 5.45 -1.88
CA ASP C 221 42.84 4.79 -0.79
C ASP C 221 42.74 3.29 -0.97
N SER C 222 43.86 2.60 -0.78
CA SER C 222 43.90 1.16 -1.01
C SER C 222 43.17 0.36 0.06
N ASN C 223 42.83 0.98 1.19
CA ASN C 223 42.16 0.27 2.27
C ASN C 223 40.64 0.34 2.20
N ILE C 224 40.08 0.99 1.18
CA ILE C 224 38.64 1.10 1.02
C ILE C 224 38.21 0.12 -0.07
N GLN C 225 37.32 -0.80 0.27
CA GLN C 225 36.85 -1.83 -0.65
C GLN C 225 35.36 -1.64 -0.89
N TYR C 226 34.97 -1.58 -2.17
CA TYR C 226 33.56 -1.52 -2.52
C TYR C 226 32.92 -2.90 -2.31
N LEU C 227 31.69 -2.90 -1.80
CA LEU C 227 30.99 -4.14 -1.50
C LEU C 227 29.77 -4.36 -2.40
N ALA C 228 28.81 -3.43 -2.40
CA ALA C 228 27.59 -3.59 -3.18
C ALA C 228 26.82 -2.27 -3.13
N ASP C 229 25.74 -2.21 -3.92
CA ASP C 229 24.85 -1.07 -3.95
C ASP C 229 23.60 -1.35 -3.12
N LEU C 230 23.12 -0.32 -2.44
CA LEU C 230 21.90 -0.46 -1.67
C LEU C 230 20.69 -0.61 -2.59
N PRO C 231 19.66 -1.35 -2.17
CA PRO C 231 18.45 -1.47 -2.98
C PRO C 231 17.81 -0.12 -3.25
N GLU C 232 17.12 -0.05 -4.39
CA GLU C 232 16.68 1.23 -4.92
C GLU C 232 15.67 1.90 -3.99
N THR C 233 15.83 3.21 -3.82
CA THR C 233 14.88 4.02 -3.06
C THR C 233 13.94 4.68 -4.08
N ILE C 234 12.73 4.13 -4.19
CA ILE C 234 11.79 4.49 -5.25
C ILE C 234 10.85 5.56 -4.73
N LEU C 235 10.81 6.70 -5.42
CA LEU C 235 9.87 7.77 -5.13
C LEU C 235 9.00 7.99 -6.36
N THR C 236 7.69 8.03 -6.16
CA THR C 236 6.73 8.19 -7.25
C THR C 236 6.33 9.65 -7.37
N ARG C 237 6.23 10.14 -8.60
CA ARG C 237 5.83 11.51 -8.89
C ARG C 237 4.97 11.51 -10.13
N ALA C 238 3.67 11.80 -9.95
CA ALA C 238 2.69 11.90 -11.04
C ALA C 238 2.47 10.56 -11.74
N GLY C 239 3.12 9.50 -11.25
CA GLY C 239 2.93 8.17 -11.77
C GLY C 239 3.83 7.82 -12.95
N ILE C 240 4.47 8.79 -13.58
CA ILE C 240 5.34 8.54 -14.72
C ILE C 240 6.77 8.91 -14.36
N LYS C 241 6.92 9.94 -13.51
CA LYS C 241 8.23 10.37 -13.06
C LYS C 241 8.61 9.59 -11.80
N ARG C 242 9.75 8.91 -11.85
CA ARG C 242 10.22 8.09 -10.74
C ARG C 242 11.59 8.62 -10.31
N ARG C 243 11.66 9.13 -9.08
CA ARG C 243 12.92 9.56 -8.49
C ARG C 243 13.51 8.37 -7.74
N VAL C 244 14.46 7.69 -8.37
CA VAL C 244 15.04 6.46 -7.84
C VAL C 244 16.46 6.77 -7.38
N TYR C 245 16.84 6.24 -6.22
CA TYR C 245 18.09 6.58 -5.56
C TYR C 245 18.95 5.35 -5.37
N LYS C 246 20.26 5.52 -5.54
CA LYS C 246 21.25 4.52 -5.19
C LYS C 246 22.21 5.06 -4.15
N HIS C 247 22.59 4.21 -3.20
CA HIS C 247 23.66 4.50 -2.26
C HIS C 247 24.63 3.32 -2.26
N SER C 248 25.92 3.62 -2.28
CA SER C 248 26.96 2.61 -2.37
C SER C 248 27.46 2.27 -0.98
N LEU C 249 27.53 0.97 -0.67
CA LEU C 249 28.01 0.49 0.61
C LEU C 249 29.43 -0.01 0.47
N TYR C 250 30.33 0.52 1.28
CA TYR C 250 31.75 0.20 1.22
C TYR C 250 32.18 -0.61 2.43
N VAL C 251 33.38 -1.17 2.34
CA VAL C 251 34.03 -1.89 3.42
C VAL C 251 35.48 -1.42 3.47
N ILE C 252 35.94 -0.99 4.65
CA ILE C 252 37.27 -0.43 4.81
C ILE C 252 38.10 -1.38 5.66
N ARG C 253 39.35 -1.60 5.26
CA ARG C 253 40.25 -2.51 5.96
C ARG C 253 40.95 -1.77 7.08
N ASP C 254 40.69 -2.19 8.31
CA ASP C 254 41.34 -1.63 9.49
C ASP C 254 42.72 -2.28 9.60
N LYS C 255 43.38 -2.13 10.74
CA LYS C 255 44.58 -2.90 11.03
C LYS C 255 44.20 -4.38 11.21
N ASP C 256 45.17 -5.19 11.60
CA ASP C 256 44.92 -6.63 11.61
C ASP C 256 43.99 -7.02 12.76
N ASN C 257 42.78 -6.43 12.76
CA ASN C 257 41.74 -6.79 13.72
C ASN C 257 40.47 -7.28 13.02
N LYS C 258 39.90 -6.49 12.12
CA LYS C 258 38.64 -6.83 11.46
C LYS C 258 38.41 -5.84 10.32
N LEU C 259 37.23 -5.91 9.72
CA LEU C 259 36.81 -5.02 8.64
C LEU C 259 35.58 -4.22 9.08
N ARG C 260 35.46 -3.00 8.55
CA ARG C 260 34.39 -2.09 8.96
C ARG C 260 33.56 -1.66 7.75
N PRO C 261 32.25 -1.87 7.75
CA PRO C 261 31.40 -1.39 6.66
C PRO C 261 30.80 -0.01 6.95
N CYS C 262 30.63 0.76 5.88
CA CYS C 262 30.06 2.09 5.99
C CYS C 262 29.55 2.55 4.64
N VAL C 263 28.69 3.57 4.66
CA VAL C 263 28.17 4.20 3.46
C VAL C 263 28.87 5.54 3.29
N LEU C 264 29.57 5.71 2.17
CA LEU C 264 30.40 6.88 1.94
C LEU C 264 29.96 7.61 0.67
N GLU C 265 30.07 8.94 0.71
CA GLU C 265 29.85 9.77 -0.47
C GLU C 265 30.45 11.15 -0.20
N PHE C 266 30.69 11.88 -1.28
CA PHE C 266 31.19 13.25 -1.19
C PHE C 266 30.03 14.24 -1.14
N ALA C 267 30.37 15.51 -0.99
CA ALA C 267 29.37 16.58 -0.96
C ALA C 267 29.30 17.24 -2.32
N SER C 268 28.11 17.24 -2.91
CA SER C 268 27.91 17.86 -4.23
C SER C 268 28.28 19.34 -4.26
N PRO C 269 27.97 20.18 -3.27
CA PRO C 269 28.36 21.59 -3.37
C PRO C 269 29.85 21.82 -3.56
N LEU C 270 30.71 20.93 -3.06
CA LEU C 270 32.14 21.06 -3.36
C LEU C 270 32.39 20.86 -4.85
N GLN C 271 31.70 19.89 -5.46
CA GLN C 271 31.82 19.72 -6.91
C GLN C 271 31.29 20.94 -7.64
N THR C 272 30.21 21.55 -7.14
CA THR C 272 29.69 22.77 -7.74
C THR C 272 30.73 23.89 -7.69
N LEU C 273 31.37 24.07 -6.53
CA LEU C 273 32.42 25.08 -6.40
C LEU C 273 33.58 24.80 -7.35
N CYS C 274 33.99 23.55 -7.45
CA CYS C 274 35.08 23.20 -8.36
C CYS C 274 34.69 23.48 -9.81
N ALA C 275 33.44 23.20 -10.18
CA ALA C 275 32.99 23.45 -11.54
C ALA C 275 32.94 24.94 -11.84
N MET C 276 32.45 25.75 -10.91
CA MET C 276 32.37 27.18 -11.19
C MET C 276 33.70 27.89 -11.00
N SER C 277 34.70 27.22 -10.42
CA SER C 277 36.03 27.81 -10.34
C SER C 277 36.69 27.86 -11.73
N GLN C 278 36.42 26.86 -12.56
CA GLN C 278 37.00 26.79 -13.90
C GLN C 278 36.32 27.70 -14.91
N ASP C 279 35.12 28.20 -14.60
CA ASP C 279 34.39 29.02 -15.56
C ASP C 279 35.09 30.35 -15.79
N ASP C 280 35.14 30.77 -17.06
CA ASP C 280 35.80 32.01 -17.41
C ASP C 280 34.99 33.23 -16.97
N CYS C 281 33.66 33.19 -17.15
CA CYS C 281 32.81 34.30 -16.77
C CYS C 281 32.61 34.41 -15.26
N ALA C 282 32.93 33.36 -14.51
CA ALA C 282 32.77 33.41 -13.06
C ALA C 282 33.86 34.22 -12.39
N ALA C 283 35.08 34.19 -12.93
CA ALA C 283 36.24 34.85 -12.32
C ALA C 283 36.44 34.37 -10.88
N PHE C 284 36.27 33.06 -10.69
CA PHE C 284 36.34 32.44 -9.36
C PHE C 284 37.77 31.95 -9.14
N SER C 285 38.49 32.64 -8.26
CA SER C 285 39.89 32.31 -8.00
C SER C 285 39.96 31.12 -7.05
N ARG C 286 41.17 30.82 -6.56
CA ARG C 286 41.40 29.67 -5.70
C ARG C 286 41.61 30.03 -4.24
N GLU C 287 42.10 31.24 -3.95
CA GLU C 287 42.35 31.62 -2.55
C GLU C 287 41.06 31.67 -1.75
N GLN C 288 40.00 32.26 -2.32
CA GLN C 288 38.73 32.38 -1.63
C GLN C 288 37.82 31.17 -1.83
N ARG C 289 38.18 30.26 -2.73
CA ARG C 289 37.42 29.01 -2.85
C ARG C 289 37.55 28.17 -1.58
N LEU C 290 38.75 28.16 -0.97
CA LEU C 290 38.92 27.48 0.31
C LEU C 290 38.03 28.09 1.38
N GLU C 291 37.95 29.42 1.42
CA GLU C 291 37.09 30.09 2.40
C GLU C 291 35.62 29.77 2.14
N GLN C 292 35.21 29.73 0.88
CA GLN C 292 33.83 29.39 0.56
C GLN C 292 33.50 27.96 0.98
N ALA C 293 34.42 27.03 0.75
CA ALA C 293 34.20 25.65 1.17
C ALA C 293 34.12 25.54 2.70
N ARG C 294 35.01 26.26 3.39
CA ARG C 294 34.98 26.25 4.85
C ARG C 294 33.68 26.82 5.40
N LEU C 295 33.21 27.92 4.82
CA LEU C 295 31.94 28.51 5.24
C LEU C 295 30.78 27.59 4.93
N PHE C 296 30.84 26.87 3.79
CA PHE C 296 29.82 25.89 3.48
C PHE C 296 29.79 24.78 4.52
N TYR C 297 30.97 24.30 4.93
CA TYR C 297 31.03 23.26 5.96
C TYR C 297 30.42 23.76 7.27
N ARG C 298 30.80 24.96 7.70
CA ARG C 298 30.28 25.49 8.95
C ARG C 298 28.76 25.68 8.89
N SER C 299 28.26 26.24 7.77
CA SER C 299 26.83 26.46 7.64
C SER C 299 26.06 25.15 7.61
N LEU C 300 26.58 24.14 6.89
CA LEU C 300 25.91 22.84 6.85
C LEU C 300 25.88 22.21 8.23
N ARG C 301 26.99 22.31 8.99
CA ARG C 301 27.01 21.79 10.34
C ARG C 301 25.97 22.50 11.21
N ASP C 302 25.89 23.82 11.11
CA ASP C 302 24.99 24.59 11.96
C ASP C 302 23.53 24.30 11.63
N ILE C 303 23.20 24.15 10.34
CA ILE C 303 21.82 23.89 9.96
C ILE C 303 21.45 22.41 10.06
N LEU C 304 22.44 21.52 10.21
CA LEU C 304 22.15 20.12 10.44
C LEU C 304 22.04 19.78 11.91
N GLY C 305 22.81 20.44 12.77
CA GLY C 305 22.76 20.16 14.20
C GLY C 305 21.47 20.60 14.87
N SER C 306 20.71 21.49 14.24
CA SER C 306 19.47 22.01 14.81
C SER C 306 18.23 21.38 14.19
N SER C 307 18.39 20.33 13.39
CA SER C 307 17.26 19.68 12.74
C SER C 307 16.77 18.51 13.60
N LYS C 308 15.46 18.28 13.58
CA LYS C 308 14.86 17.19 14.34
C LYS C 308 14.58 15.95 13.49
N GLU C 309 14.52 16.09 12.17
CA GLU C 309 14.28 14.93 11.31
C GLU C 309 15.51 14.04 11.23
N CYS C 310 16.66 14.62 10.90
CA CYS C 310 17.92 13.89 10.84
C CYS C 310 18.71 14.12 12.12
N ALA C 311 18.18 13.58 13.21
CA ALA C 311 18.79 13.77 14.52
C ALA C 311 20.15 13.10 14.61
N GLY C 312 20.22 11.82 14.24
CA GLY C 312 21.47 11.08 14.33
C GLY C 312 21.74 10.18 13.14
N LEU C 313 21.24 10.57 11.98
CA LEU C 313 21.38 9.76 10.77
C LEU C 313 22.52 10.22 9.86
N TYR C 314 23.44 11.04 10.38
CA TYR C 314 24.50 11.60 9.57
C TYR C 314 25.77 11.76 10.39
N ARG C 315 26.90 11.83 9.69
CA ARG C 315 28.14 12.30 10.29
C ARG C 315 29.03 12.81 9.16
N LEU C 316 29.15 14.14 9.03
CA LEU C 316 29.99 14.74 8.01
C LEU C 316 31.41 14.87 8.55
N ILE C 317 32.38 14.47 7.75
CA ILE C 317 33.79 14.45 8.14
C ILE C 317 34.56 15.39 7.22
N ALA C 318 35.39 16.25 7.83
CA ALA C 318 36.15 17.25 7.10
C ALA C 318 37.63 17.03 7.34
N TYR C 319 38.43 17.30 6.32
CA TYR C 319 39.86 17.08 6.40
C TYR C 319 40.58 18.01 5.43
N GLU C 320 41.87 18.21 5.68
CA GLU C 320 42.75 18.91 4.77
C GLU C 320 43.88 17.98 4.35
N GLU C 321 44.20 17.99 3.06
CA GLU C 321 45.21 17.09 2.54
C GLU C 321 46.57 17.42 3.14
N PRO C 322 47.27 16.46 3.72
CA PRO C 322 48.56 16.76 4.35
C PRO C 322 49.64 17.04 3.32
N ALA C 323 50.72 17.69 3.79
CA ALA C 323 51.83 18.00 2.91
C ALA C 323 52.50 16.73 2.39
N GLU C 324 52.69 15.75 3.24
CA GLU C 324 53.28 14.48 2.83
C GLU C 324 52.21 13.58 2.23
N PRO C 325 52.34 13.14 0.98
CA PRO C 325 51.29 12.31 0.37
C PRO C 325 51.24 10.91 0.92
N GLU C 326 50.72 10.76 2.14
CA GLU C 326 50.55 9.43 2.72
C GLU C 326 49.47 8.66 1.97
N SER C 327 49.70 7.36 1.78
CA SER C 327 48.79 6.53 1.01
C SER C 327 47.61 6.02 1.84
N HIS C 328 47.63 6.20 3.16
CA HIS C 328 46.57 5.70 4.02
C HIS C 328 46.16 6.78 5.03
N PHE C 329 45.99 8.01 4.54
CA PHE C 329 45.59 9.12 5.41
C PHE C 329 44.09 9.17 5.59
N LEU C 330 43.34 9.08 4.50
CA LEU C 330 41.89 9.17 4.57
C LEU C 330 41.29 7.95 5.25
N SER C 331 41.86 6.76 5.00
CA SER C 331 41.35 5.54 5.62
C SER C 331 41.45 5.60 7.14
N GLY C 332 42.60 6.05 7.65
CA GLY C 332 42.75 6.16 9.09
C GLY C 332 41.76 7.15 9.69
N LEU C 333 41.47 8.23 8.97
CA LEU C 333 40.49 9.20 9.42
C LEU C 333 39.10 8.58 9.52
N ILE C 334 38.70 7.80 8.52
CA ILE C 334 37.39 7.17 8.58
C ILE C 334 37.35 6.11 9.68
N LEU C 335 38.47 5.40 9.90
CA LEU C 335 38.50 4.45 11.00
C LEU C 335 38.34 5.15 12.35
N TRP C 336 38.98 6.29 12.54
CA TRP C 336 38.79 7.05 13.79
C TRP C 336 37.34 7.50 13.93
N HIS C 337 36.77 8.07 12.86
CA HIS C 337 35.39 8.56 12.93
C HIS C 337 34.39 7.43 13.11
N LEU C 338 34.76 6.21 12.72
CA LEU C 338 33.88 5.06 12.92
C LEU C 338 34.04 4.49 14.33
N GLN C 339 35.25 4.52 14.88
CA GLN C 339 35.46 4.09 16.25
C GLN C 339 34.85 5.05 17.25
N GLN C 340 34.64 6.31 16.87
CA GLN C 340 34.07 7.26 17.81
C GLN C 340 32.67 6.86 18.28
N GLN C 341 31.84 6.28 17.40
CA GLN C 341 30.52 5.82 17.85
C GLN C 341 30.66 4.68 18.86
N GLN C 342 31.58 3.75 18.62
CA GLN C 342 31.73 2.60 19.49
C GLN C 342 32.36 2.99 20.83
N SER D 9 44.12 11.04 19.91
CA SER D 9 43.53 12.34 19.61
C SER D 9 42.69 12.29 18.34
N SER D 10 43.24 12.82 17.25
CA SER D 10 42.54 12.84 15.97
C SER D 10 43.54 12.83 14.82
N PRO D 11 43.32 12.01 13.80
CA PRO D 11 44.27 11.97 12.68
C PRO D 11 44.41 13.29 11.95
N ALA D 12 43.35 14.09 11.86
CA ALA D 12 43.38 15.36 11.15
C ALA D 12 43.66 16.50 12.12
N ARG D 13 43.78 17.71 11.57
CA ARG D 13 44.04 18.90 12.35
C ARG D 13 43.26 20.05 11.73
N LEU D 14 42.14 20.42 12.34
CA LEU D 14 41.26 21.46 11.83
C LEU D 14 41.18 22.59 12.84
N LEU D 15 41.37 23.82 12.36
CA LEU D 15 41.22 25.03 13.18
C LEU D 15 40.06 25.82 12.59
N ILE D 16 38.85 25.52 13.04
CA ILE D 16 37.66 26.14 12.47
C ILE D 16 37.54 27.57 12.99
N PRO D 17 37.15 28.53 12.17
CA PRO D 17 36.97 29.91 12.64
C PRO D 17 35.63 30.15 13.30
N GLU D 18 35.54 29.85 14.60
CA GLU D 18 34.30 30.09 15.32
C GLU D 18 33.98 31.59 15.33
N PRO D 19 32.70 31.95 15.40
CA PRO D 19 32.32 33.36 15.28
C PRO D 19 32.86 34.20 16.43
N ARG D 20 32.90 35.51 16.19
CA ARG D 20 33.46 36.44 17.15
C ARG D 20 32.61 36.48 18.42
N ALA D 21 33.26 36.79 19.54
CA ALA D 21 32.57 36.89 20.82
C ALA D 21 32.02 38.29 21.08
N GLY D 22 32.27 39.25 20.19
CA GLY D 22 31.79 40.60 20.40
C GLY D 22 32.36 41.30 21.62
N ARG D 23 33.67 41.19 21.82
CA ARG D 23 34.34 41.75 22.98
C ARG D 23 35.02 43.08 22.69
N ALA D 24 34.78 43.67 21.52
CA ALA D 24 35.31 44.99 21.24
C ALA D 24 34.55 46.07 22.00
N ARG D 25 33.26 45.84 22.27
CA ARG D 25 32.48 46.78 23.07
C ARG D 25 33.03 46.87 24.49
N HIS D 26 33.47 45.74 25.05
CA HIS D 26 34.08 45.77 26.37
C HIS D 26 35.37 46.58 26.37
N ALA D 27 36.17 46.44 25.32
CA ALA D 27 37.39 47.25 25.19
C ALA D 27 37.05 48.73 25.10
N ALA D 28 36.03 49.07 24.31
CA ALA D 28 35.60 50.47 24.23
C ALA D 28 35.17 50.99 25.59
N CYS D 29 34.41 50.18 26.34
CA CYS D 29 33.95 50.59 27.65
C CYS D 29 35.11 50.80 28.62
N VAL D 30 36.08 49.89 28.63
CA VAL D 30 37.19 50.03 29.58
C VAL D 30 38.07 51.21 29.22
N LEU D 31 38.30 51.45 27.92
CA LEU D 31 39.05 52.64 27.53
C LEU D 31 38.28 53.92 27.88
N LEU D 32 36.95 53.91 27.73
CA LEU D 32 36.16 55.06 28.15
C LEU D 32 36.27 55.30 29.64
N ALA D 33 36.26 54.23 30.44
CA ALA D 33 36.41 54.37 31.89
C ALA D 33 37.78 54.91 32.24
N VAL D 34 38.83 54.43 31.56
CA VAL D 34 40.18 54.95 31.80
C VAL D 34 40.26 56.43 31.44
N CYS D 35 39.66 56.82 30.33
CA CYS D 35 39.66 58.23 29.94
C CYS D 35 38.91 59.09 30.96
N PHE D 36 37.78 58.58 31.46
CA PHE D 36 37.04 59.31 32.48
C PHE D 36 37.86 59.46 33.76
N VAL D 37 38.56 58.39 34.16
CA VAL D 37 39.41 58.46 35.35
C VAL D 37 40.53 59.47 35.16
N VAL D 38 41.15 59.47 33.97
CA VAL D 38 42.22 60.42 33.69
C VAL D 38 41.70 61.84 33.73
N LEU D 39 40.52 62.08 33.14
CA LEU D 39 39.94 63.42 33.19
C LEU D 39 39.58 63.83 34.61
N PHE D 40 39.21 62.87 35.45
CA PHE D 40 38.94 63.18 36.85
C PHE D 40 40.19 63.71 37.56
N LEU D 41 41.34 63.10 37.30
CA LEU D 41 42.59 63.59 37.85
C LEU D 41 42.99 64.91 37.21
N SER D 42 43.72 65.72 37.97
CA SER D 42 44.20 67.02 37.51
C SER D 42 43.04 67.92 37.06
N LEU D 46 36.51 73.94 32.89
CA LEU D 46 36.00 72.58 33.01
C LEU D 46 34.56 72.49 32.50
N ALA D 47 33.68 73.27 33.11
CA ALA D 47 32.29 73.31 32.68
C ALA D 47 32.14 73.78 31.23
N PRO D 48 32.79 74.85 30.78
CA PRO D 48 32.66 75.25 29.36
C PRO D 48 33.16 74.20 28.39
N ILE D 49 34.04 73.30 28.81
CA ILE D 49 34.53 72.23 27.94
C ILE D 49 33.41 71.30 27.53
N THR D 50 32.35 71.21 28.34
CA THR D 50 31.20 70.40 27.95
C THR D 50 30.54 70.94 26.70
N ARG D 51 30.45 72.26 26.57
CA ARG D 51 29.89 72.86 25.36
C ARG D 51 30.73 72.53 24.14
N ARG D 52 32.06 72.59 24.27
CA ARG D 52 32.93 72.22 23.16
C ARG D 52 32.77 70.75 22.80
N VAL D 53 32.64 69.89 23.80
CA VAL D 53 32.42 68.46 23.55
C VAL D 53 31.11 68.25 22.80
N CYS D 54 30.05 68.96 23.21
CA CYS D 54 28.76 68.84 22.54
C CYS D 54 28.84 69.33 21.09
N THR D 55 29.56 70.43 20.86
CA THR D 55 29.71 70.93 19.49
C THR D 55 30.48 69.95 18.62
N GLN D 56 31.54 69.34 19.17
CA GLN D 56 32.27 68.32 18.42
C GLN D 56 31.39 67.11 18.13
N LEU D 57 30.56 66.72 19.10
CA LEU D 57 29.64 65.60 18.88
C LEU D 57 28.65 65.92 17.77
N ALA D 58 28.12 67.15 17.75
CA ALA D 58 27.20 67.54 16.69
C ALA D 58 27.90 67.57 15.34
N ALA D 59 29.14 68.05 15.30
CA ALA D 59 29.91 68.07 14.06
C ALA D 59 30.14 66.66 13.53
N LEU D 60 30.43 65.71 14.43
CA LEU D 60 30.58 64.33 14.01
C LEU D 60 29.26 63.71 13.60
N GLN D 61 28.15 64.13 14.24
CA GLN D 61 26.85 63.55 13.98
C GLN D 61 26.24 64.00 12.67
N LEU D 62 26.53 65.24 12.23
CA LEU D 62 25.95 65.71 10.97
C LEU D 62 26.45 64.93 9.77
N GLY D 63 27.52 64.13 9.93
CA GLY D 63 27.99 63.31 8.82
C GLY D 63 26.96 62.29 8.36
N VAL D 64 26.26 61.66 9.30
CA VAL D 64 25.24 60.69 8.91
C VAL D 64 24.07 61.40 8.24
N LEU D 65 23.76 62.63 8.66
CA LEU D 65 22.71 63.39 7.98
C LEU D 65 23.11 63.70 6.54
N LEU D 66 24.36 64.11 6.33
CA LEU D 66 24.84 64.35 4.97
C LEU D 66 24.81 63.08 4.13
N LYS D 67 25.22 61.95 4.73
CA LYS D 67 25.19 60.68 4.02
C LYS D 67 23.76 60.30 3.65
N GLY D 68 22.80 60.53 4.55
CA GLY D 68 21.41 60.25 4.24
C GLY D 68 20.88 61.14 3.13
N CYS D 69 21.28 62.42 3.13
CA CYS D 69 20.88 63.31 2.05
C CYS D 69 21.40 62.81 0.70
N CYS D 70 22.67 62.42 0.66
CA CYS D 70 23.23 61.88 -0.58
C CYS D 70 22.52 60.59 -0.99
N CYS D 71 22.22 59.73 -0.02
CA CYS D 71 21.56 58.47 -0.32
C CYS D 71 20.16 58.69 -0.88
N LEU D 72 19.40 59.64 -0.32
CA LEU D 72 18.07 59.92 -0.85
C LEU D 72 18.17 60.57 -2.22
N ALA D 73 19.17 61.43 -2.44
CA ALA D 73 19.36 62.01 -3.76
C ALA D 73 19.67 60.93 -4.80
N GLU D 74 20.39 59.88 -4.39
CA GLU D 74 20.67 58.78 -5.31
C GLU D 74 19.46 57.88 -5.51
N GLU D 75 18.65 57.69 -4.46
CA GLU D 75 17.52 56.76 -4.51
C GLU D 75 16.22 57.40 -4.98
N ILE D 76 16.23 58.70 -5.30
CA ILE D 76 15.05 59.30 -5.93
C ILE D 76 14.68 58.54 -7.19
N PHE D 77 15.68 58.12 -7.97
CA PHE D 77 15.41 57.39 -9.21
C PHE D 77 14.78 56.03 -8.94
N HIS D 78 15.27 55.33 -7.92
CA HIS D 78 14.80 53.98 -7.60
C HIS D 78 13.59 53.98 -6.68
N LEU D 79 13.10 55.17 -6.31
CA LEU D 79 11.89 55.26 -5.50
C LEU D 79 10.73 54.49 -6.11
N HIS D 80 10.44 54.75 -7.39
CA HIS D 80 9.33 54.08 -8.04
C HIS D 80 9.59 52.58 -8.22
N SER D 81 10.85 52.20 -8.39
CA SER D 81 11.17 50.79 -8.62
C SER D 81 11.08 49.95 -7.35
N ARG D 82 11.41 50.53 -6.20
CA ARG D 82 11.43 49.75 -4.96
C ARG D 82 10.41 50.22 -3.93
N HIS D 83 10.42 51.50 -3.57
CA HIS D 83 9.68 51.96 -2.40
C HIS D 83 8.36 52.63 -2.74
N HIS D 84 8.22 53.19 -3.93
CA HIS D 84 7.01 53.93 -4.33
C HIS D 84 6.70 55.06 -3.35
N LEU D 87 6.54 58.01 -0.71
CA LEU D 87 7.79 58.75 -0.62
C LEU D 87 8.42 58.62 0.77
N TRP D 88 7.58 58.32 1.76
CA TRP D 88 8.07 58.19 3.13
C TRP D 88 8.98 56.97 3.28
N GLN D 89 8.74 55.92 2.49
CA GLN D 89 9.61 54.74 2.55
C GLN D 89 11.03 55.09 2.11
N VAL D 90 11.15 55.94 1.08
CA VAL D 90 12.48 56.37 0.62
C VAL D 90 13.20 57.13 1.72
N LEU D 91 12.49 58.04 2.39
CA LEU D 91 13.11 58.80 3.48
C LEU D 91 13.51 57.88 4.63
N CYS D 92 12.67 56.91 4.97
CA CYS D 92 12.98 55.99 6.05
C CYS D 92 14.20 55.12 5.71
N SER D 93 14.31 54.70 4.46
CA SER D 93 15.44 53.85 4.07
C SER D 93 16.73 54.65 3.96
N CYS D 94 16.64 55.89 3.48
CA CYS D 94 17.86 56.68 3.26
C CYS D 94 18.51 57.08 4.57
N PHE D 95 17.74 57.21 5.63
CA PHE D 95 18.30 57.67 6.89
C PHE D 95 18.23 56.57 7.95
N PRO D 96 19.23 56.48 8.82
CA PRO D 96 19.15 55.55 9.94
C PRO D 96 18.05 55.96 10.89
N PRO D 97 17.39 55.01 11.55
CA PRO D 97 16.31 55.35 12.48
C PRO D 97 16.77 56.22 13.65
N ARG D 98 18.01 56.06 14.10
CA ARG D 98 18.54 56.85 15.21
C ARG D 98 19.18 58.13 14.66
N TRP D 99 18.31 59.03 14.18
CA TRP D 99 18.74 60.28 13.58
C TRP D 99 18.18 61.52 14.26
N HIS D 100 17.21 61.37 15.16
CA HIS D 100 16.63 62.53 15.82
C HIS D 100 17.66 63.22 16.72
N LEU D 101 18.50 62.45 17.41
CA LEU D 101 19.47 63.04 18.33
C LEU D 101 20.52 63.86 17.58
N ALA D 102 20.83 63.50 16.33
CA ALA D 102 21.73 64.33 15.54
C ALA D 102 21.11 65.70 15.28
N LEU D 103 19.82 65.74 14.95
CA LEU D 103 19.14 67.02 14.77
C LEU D 103 19.07 67.79 16.07
N LEU D 104 18.87 67.10 17.19
CA LEU D 104 18.86 67.76 18.50
C LEU D 104 20.21 68.41 18.79
N LEU D 105 21.30 67.69 18.50
CA LEU D 105 22.63 68.24 18.71
C LEU D 105 22.89 69.43 17.79
N VAL D 106 22.45 69.33 16.54
CA VAL D 106 22.62 70.45 15.60
C VAL D 106 21.86 71.67 16.09
N GLY D 107 20.62 71.48 16.54
CA GLY D 107 19.84 72.59 17.07
C GLY D 107 20.46 73.20 18.31
N GLY D 108 21.00 72.36 19.20
CA GLY D 108 21.67 72.88 20.38
C GLY D 108 22.90 73.68 20.03
N SER D 109 23.69 73.20 19.06
CA SER D 109 24.86 73.95 18.61
C SER D 109 24.46 75.28 17.99
N ALA D 110 23.38 75.29 17.19
CA ALA D 110 22.90 76.53 16.60
C ALA D 110 22.42 77.50 17.66
N TYR D 111 21.70 77.01 18.68
CA TYR D 111 21.20 77.88 19.74
C TYR D 111 22.36 78.44 20.58
N LEU D 112 23.40 77.62 20.81
CA LEU D 112 24.54 78.10 21.59
C LEU D 112 25.24 79.25 20.88
N ASP D 113 25.40 79.15 19.57
CA ASP D 113 26.03 80.22 18.80
C ASP D 113 25.02 81.32 18.47
N ARG D 123 28.34 81.68 11.87
CA ARG D 123 28.22 80.24 11.68
C ARG D 123 29.40 79.69 10.90
N LEU D 124 30.58 80.32 11.08
CA LEU D 124 31.78 79.87 10.40
C LEU D 124 32.19 78.48 10.88
N ALA D 125 32.08 78.22 12.18
CA ALA D 125 32.44 76.91 12.72
C ALA D 125 31.57 75.81 12.13
N LEU D 126 30.26 76.05 12.06
CA LEU D 126 29.37 75.06 11.44
C LEU D 126 29.70 74.86 9.98
N THR D 127 30.02 75.94 9.26
CA THR D 127 30.37 75.84 7.86
C THR D 127 31.61 74.98 7.66
N LEU D 128 32.66 75.23 8.45
CA LEU D 128 33.89 74.46 8.29
C LEU D 128 33.71 73.01 8.72
N SER D 129 32.92 72.76 9.77
CA SER D 129 32.68 71.39 10.20
C SER D 129 31.92 70.61 9.14
N CYS D 130 30.85 71.20 8.60
CA CYS D 130 30.10 70.53 7.55
C CYS D 130 30.95 70.35 6.30
N LEU D 131 31.79 71.33 5.98
CA LEU D 131 32.69 71.20 4.83
C LEU D 131 33.64 70.04 5.02
N CYS D 132 34.21 69.89 6.22
CA CYS D 132 35.10 68.77 6.49
C CYS D 132 34.36 67.44 6.38
N GLN D 133 33.14 67.37 6.92
CA GLN D 133 32.38 66.12 6.89
C GLN D 133 32.05 65.72 5.45
N LEU D 134 31.55 66.67 4.65
CA LEU D 134 31.23 66.34 3.26
C LEU D 134 32.48 66.14 2.41
N LEU D 135 33.60 66.73 2.79
CA LEU D 135 34.87 66.44 2.13
C LEU D 135 35.29 65.00 2.37
N VAL D 136 35.16 64.54 3.62
CA VAL D 136 35.42 63.14 3.94
C VAL D 136 34.49 62.23 3.14
N LEU D 137 33.21 62.61 3.06
CA LEU D 137 32.26 61.79 2.31
C LEU D 137 32.63 61.74 0.83
N ALA D 138 33.08 62.87 0.27
CA ALA D 138 33.38 62.92 -1.16
C ALA D 138 34.62 62.12 -1.50
N LEU D 139 35.70 62.29 -0.74
CA LEU D 139 36.94 61.59 -1.05
C LEU D 139 36.83 60.08 -0.83
N GLY D 140 35.87 59.64 -0.01
CA GLY D 140 35.72 58.21 0.23
C GLY D 140 36.91 57.56 0.89
N LEU D 141 37.59 58.28 1.78
CA LEU D 141 38.73 57.72 2.49
C LEU D 141 38.32 56.94 3.74
N GLN D 142 37.03 56.94 4.07
CA GLN D 142 36.50 56.14 5.18
C GLN D 142 35.86 54.89 4.58
N LYS D 143 36.59 53.79 4.60
CA LYS D 143 36.14 52.53 4.00
C LYS D 143 36.28 51.41 5.02
N LEU D 144 35.43 50.40 4.87
CA LEU D 144 35.39 49.27 5.79
C LEU D 144 36.66 48.43 5.65
N SER D 145 37.20 47.99 6.78
CA SER D 145 38.37 47.14 6.77
C SER D 145 37.97 45.70 6.43
N ALA D 146 38.97 44.81 6.41
CA ALA D 146 38.72 43.41 6.10
C ALA D 146 37.85 42.75 7.16
N VAL D 147 38.05 43.11 8.43
CA VAL D 147 37.32 42.47 9.52
C VAL D 147 35.83 42.77 9.39
N GLU D 148 35.48 44.03 9.13
CA GLU D 148 34.07 44.42 9.05
C GLU D 148 33.37 43.73 7.89
N VAL D 149 34.00 43.70 6.71
CA VAL D 149 33.35 43.06 5.57
C VAL D 149 33.26 41.56 5.78
N SER D 150 34.29 40.95 6.38
CA SER D 150 34.22 39.51 6.66
C SER D 150 33.09 39.20 7.63
N GLU D 151 32.94 40.01 8.69
CA GLU D 151 31.86 39.80 9.64
C GLU D 151 30.50 39.99 8.98
N LEU D 152 30.38 40.99 8.11
CA LEU D 152 29.10 41.21 7.43
C LEU D 152 28.75 40.07 6.49
N THR D 153 29.75 39.53 5.79
CA THR D 153 29.51 38.39 4.90
C THR D 153 29.14 37.14 5.69
N GLU D 154 29.81 36.89 6.82
CA GLU D 154 29.55 35.67 7.57
C GLU D 154 28.39 35.80 8.55
N SER D 155 27.83 36.99 8.71
CA SER D 155 26.72 37.19 9.65
C SER D 155 25.35 37.00 9.01
N SER D 156 25.21 37.34 7.73
CA SER D 156 23.93 37.18 7.03
C SER D 156 23.70 35.70 6.77
N LYS D 157 22.84 35.08 7.58
CA LYS D 157 22.59 33.66 7.47
C LYS D 157 21.58 33.31 6.39
N LYS D 158 20.91 34.30 5.81
CA LYS D 158 19.90 34.07 4.78
C LYS D 158 20.21 34.96 3.58
N ASN D 159 21.11 34.50 2.72
CA ASN D 159 21.45 35.18 1.48
C ASN D 159 21.57 34.15 0.35
N VAL D 160 20.58 33.24 0.29
CA VAL D 160 20.66 32.04 -0.54
C VAL D 160 20.44 32.31 -2.02
N ALA D 161 20.22 33.56 -2.43
CA ALA D 161 19.87 33.84 -3.83
C ALA D 161 21.02 33.48 -4.76
N HIS D 162 22.21 34.01 -4.49
CA HIS D 162 23.35 33.77 -5.38
C HIS D 162 23.76 32.30 -5.38
N GLY D 163 23.81 31.69 -4.20
CA GLY D 163 24.17 30.28 -4.12
C GLY D 163 23.19 29.39 -4.85
N LEU D 164 21.89 29.65 -4.67
CA LEU D 164 20.89 28.85 -5.37
C LEU D 164 20.96 29.06 -6.88
N ALA D 165 21.18 30.30 -7.33
CA ALA D 165 21.30 30.54 -8.76
C ALA D 165 22.49 29.78 -9.34
N TRP D 166 23.65 29.87 -8.69
CA TRP D 166 24.83 29.19 -9.20
C TRP D 166 24.66 27.68 -9.18
N SER D 167 24.09 27.14 -8.09
CA SER D 167 23.91 25.69 -8.01
C SER D 167 22.93 25.20 -9.07
N TYR D 168 21.82 25.92 -9.27
CA TYR D 168 20.87 25.55 -10.32
C TYR D 168 21.56 25.56 -11.68
N TYR D 169 22.27 26.65 -11.99
CA TYR D 169 22.93 26.75 -13.29
C TYR D 169 23.88 25.59 -13.52
N ILE D 170 24.80 25.37 -12.57
CA ILE D 170 25.82 24.34 -12.76
C ILE D 170 25.20 22.95 -12.81
N GLY D 171 24.30 22.64 -11.88
CA GLY D 171 23.74 21.30 -11.82
C GLY D 171 22.86 20.94 -13.00
N TYR D 172 21.99 21.86 -13.42
CA TYR D 172 20.99 21.52 -14.42
C TYR D 172 21.13 22.31 -15.71
N LEU D 173 21.35 23.62 -15.63
CA LEU D 173 21.21 24.47 -16.80
C LEU D 173 22.37 24.33 -17.79
N LYS D 174 23.49 23.74 -17.37
CA LYS D 174 24.66 23.63 -18.23
C LYS D 174 24.77 22.26 -18.89
N VAL D 175 23.92 21.30 -18.53
CA VAL D 175 24.06 19.95 -19.03
C VAL D 175 22.93 19.52 -19.96
N VAL D 176 21.76 20.12 -19.89
CA VAL D 176 20.62 19.68 -20.70
C VAL D 176 20.31 20.64 -21.84
N LEU D 177 20.52 21.95 -21.64
CA LEU D 177 20.20 22.90 -22.71
C LEU D 177 21.03 22.70 -23.98
N PRO D 178 22.34 22.45 -23.93
CA PRO D 178 23.06 22.19 -25.19
C PRO D 178 22.53 20.97 -25.94
N ARG D 179 22.05 19.96 -25.23
CA ARG D 179 21.44 18.78 -25.86
C ARG D 179 19.91 18.93 -25.88
N LEU D 180 19.46 19.94 -26.60
CA LEU D 180 18.04 20.23 -26.75
C LEU D 180 17.54 20.13 -28.19
N LYS D 181 18.37 20.49 -29.18
CA LYS D 181 17.95 20.34 -30.56
C LYS D 181 17.71 18.88 -30.93
N GLU D 182 18.59 17.98 -30.47
CA GLU D 182 18.51 16.60 -30.90
C GLU D 182 17.35 15.86 -30.23
N CYS D 183 17.09 16.13 -28.94
CA CYS D 183 15.96 15.48 -28.27
C CYS D 183 14.65 15.83 -28.98
N MET D 184 14.45 17.12 -29.27
CA MET D 184 13.28 17.50 -30.04
C MET D 184 13.36 16.99 -31.48
N GLU D 185 14.56 16.66 -31.96
CA GLU D 185 14.66 16.01 -33.26
C GLU D 185 14.05 14.61 -33.24
N GLU D 186 14.38 13.80 -32.23
CA GLU D 186 13.69 12.51 -32.14
C GLU D 186 12.20 12.69 -31.86
N ILE D 187 11.85 13.72 -31.09
CA ILE D 187 10.43 13.99 -30.82
C ILE D 187 9.70 14.25 -32.12
N SER D 188 10.27 15.08 -33.00
CA SER D 188 9.68 15.33 -34.31
C SER D 188 9.70 14.09 -35.19
N ARG D 189 10.70 13.22 -35.00
CA ARG D 189 10.71 11.95 -35.72
C ARG D 189 9.49 11.12 -35.35
N THR D 190 9.12 11.13 -34.07
CA THR D 190 7.92 10.42 -33.65
C THR D 190 6.67 11.01 -34.30
N ASN D 191 6.50 12.33 -34.20
CA ASN D 191 5.39 13.02 -34.86
C ASN D 191 5.94 14.31 -35.48
N PRO D 192 5.81 14.50 -36.79
CA PRO D 192 6.49 15.63 -37.44
C PRO D 192 5.69 16.92 -37.49
N MET D 193 4.66 17.02 -36.65
CA MET D 193 3.78 18.19 -36.70
C MET D 193 4.50 19.46 -36.29
N LEU D 194 5.62 19.35 -35.56
CA LEU D 194 6.31 20.53 -35.03
C LEU D 194 7.44 21.01 -35.93
N ARG D 195 7.63 20.41 -37.12
CA ARG D 195 8.67 20.89 -38.03
C ARG D 195 8.40 22.29 -38.54
N ALA D 196 7.13 22.72 -38.55
CA ALA D 196 6.80 24.08 -39.00
C ALA D 196 7.38 25.12 -38.04
N HIS D 197 7.32 24.85 -36.74
CA HIS D 197 7.82 25.79 -35.72
C HIS D 197 9.30 25.48 -35.49
N ARG D 198 10.13 25.93 -36.42
CA ARG D 198 11.58 25.76 -36.34
C ARG D 198 12.26 26.78 -35.44
N ASP D 199 11.63 27.92 -35.20
CA ASP D 199 12.24 29.03 -34.47
C ASP D 199 11.81 29.11 -33.01
N THR D 200 11.32 28.01 -32.44
CA THR D 200 10.90 27.97 -31.04
C THR D 200 11.45 26.71 -30.37
N TRP D 201 12.70 26.37 -30.69
CA TRP D 201 13.35 25.19 -30.15
C TRP D 201 14.21 25.55 -28.93
N LYS D 202 13.55 26.13 -27.92
CA LYS D 202 14.23 26.53 -26.70
C LYS D 202 13.33 26.25 -25.51
N LEU D 203 13.93 25.73 -24.43
CA LEU D 203 13.18 25.42 -23.22
C LEU D 203 12.70 26.69 -22.55
N HIS D 204 11.45 26.68 -22.09
CA HIS D 204 10.84 27.82 -21.41
C HIS D 204 10.86 27.58 -19.91
N ILE D 205 11.46 28.51 -19.17
CA ILE D 205 11.56 28.43 -17.72
C ILE D 205 10.51 29.37 -17.13
N LEU D 206 9.62 28.83 -16.32
CA LEU D 206 8.58 29.61 -15.66
C LEU D 206 9.03 29.92 -14.23
N VAL D 207 9.31 31.18 -13.96
CA VAL D 207 9.79 31.60 -12.64
C VAL D 207 8.83 32.63 -12.04
N PRO D 208 7.83 32.19 -11.27
CA PRO D 208 6.97 33.14 -10.56
C PRO D 208 7.72 33.81 -9.43
N LEU D 209 7.57 35.13 -9.32
CA LEU D 209 8.24 35.86 -8.26
C LEU D 209 7.73 35.49 -6.88
N GLY D 210 6.60 34.79 -6.80
CA GLY D 210 6.17 34.17 -5.55
C GLY D 210 6.85 32.84 -5.35
N CYS D 211 6.12 31.85 -4.82
CA CYS D 211 6.68 30.52 -4.64
C CYS D 211 5.73 29.39 -4.98
N ASP D 212 4.52 29.68 -5.47
CA ASP D 212 3.58 28.62 -5.80
C ASP D 212 4.06 27.83 -7.02
N ILE D 213 3.97 26.50 -6.93
CA ILE D 213 4.37 25.60 -8.01
C ILE D 213 3.24 24.62 -8.26
N TRP D 214 2.86 24.47 -9.53
CA TRP D 214 1.84 23.51 -9.94
C TRP D 214 2.52 22.22 -10.36
N ASP D 215 2.33 21.16 -9.56
CA ASP D 215 2.95 19.88 -9.87
C ASP D 215 2.38 19.30 -11.17
N ASP D 216 1.06 19.38 -11.35
CA ASP D 216 0.39 18.90 -12.55
C ASP D 216 0.07 20.13 -13.40
N LEU D 217 0.83 20.31 -14.48
CA LEU D 217 0.75 21.54 -15.27
C LEU D 217 -0.55 21.67 -16.04
N GLU D 218 -1.26 20.57 -16.28
CA GLU D 218 -2.50 20.67 -17.06
C GLU D 218 -3.62 21.29 -16.24
N LYS D 219 -3.56 21.19 -14.91
CA LYS D 219 -4.57 21.80 -14.05
C LYS D 219 -4.36 23.30 -13.87
N ALA D 220 -3.16 23.81 -14.13
CA ALA D 220 -2.89 25.22 -13.93
C ALA D 220 -3.73 26.09 -14.86
N ASP D 221 -3.82 25.70 -16.13
CA ASP D 221 -4.62 26.42 -17.11
C ASP D 221 -5.35 25.42 -17.99
N SER D 222 -6.48 25.86 -18.55
CA SER D 222 -7.29 24.98 -19.39
C SER D 222 -6.74 24.85 -20.81
N ASN D 223 -5.83 25.73 -21.21
CA ASN D 223 -5.26 25.71 -22.55
C ASN D 223 -3.93 24.97 -22.63
N ILE D 224 -3.47 24.37 -21.54
CA ILE D 224 -2.21 23.63 -21.50
C ILE D 224 -2.53 22.15 -21.50
N GLN D 225 -2.13 21.45 -22.57
CA GLN D 225 -2.40 20.04 -22.74
C GLN D 225 -1.13 19.31 -23.14
N TYR D 226 -1.02 18.06 -22.69
CA TYR D 226 0.13 17.23 -23.02
C TYR D 226 0.07 16.79 -24.48
N LEU D 227 1.25 16.54 -25.06
CA LEU D 227 1.32 15.99 -26.40
C LEU D 227 2.24 14.77 -26.43
N ALA D 228 3.27 14.77 -25.59
CA ALA D 228 4.21 13.65 -25.54
C ALA D 228 4.93 13.69 -24.20
N ASP D 229 4.70 12.68 -23.36
CA ASP D 229 5.37 12.53 -22.08
C ASP D 229 5.81 11.08 -21.97
N LEU D 230 6.99 10.77 -22.49
CA LEU D 230 7.52 9.41 -22.42
C LEU D 230 8.09 9.15 -21.02
N PRO D 231 7.95 7.92 -20.51
CA PRO D 231 8.48 7.62 -19.19
C PRO D 231 10.00 7.71 -19.15
N GLU D 232 10.51 8.12 -17.99
CA GLU D 232 11.94 8.20 -17.75
C GLU D 232 12.20 8.11 -16.26
N THR D 233 13.28 7.44 -15.89
CA THR D 233 13.68 7.28 -14.50
C THR D 233 14.92 8.11 -14.23
N ILE D 234 14.83 9.01 -13.26
CA ILE D 234 15.95 9.85 -12.86
C ILE D 234 16.73 9.10 -11.78
N LEU D 235 17.93 8.66 -12.11
CA LEU D 235 18.73 7.81 -11.24
C LEU D 235 19.96 8.56 -10.76
N THR D 236 20.19 8.54 -9.45
CA THR D 236 21.38 9.12 -8.84
C THR D 236 22.14 8.03 -8.12
N ARG D 237 23.43 7.90 -8.44
CA ARG D 237 24.29 6.89 -7.84
C ARG D 237 25.26 7.58 -6.88
N ALA D 238 25.05 7.35 -5.57
CA ALA D 238 25.93 7.90 -4.53
C ALA D 238 26.05 9.41 -4.63
N GLY D 239 24.93 10.07 -4.91
CA GLY D 239 24.91 11.52 -5.02
C GLY D 239 25.21 12.07 -6.40
N ILE D 240 25.54 11.23 -7.36
CA ILE D 240 25.84 11.67 -8.73
C ILE D 240 24.60 11.46 -9.58
N LYS D 241 24.05 12.54 -10.11
CA LYS D 241 22.80 12.50 -10.86
C LYS D 241 23.06 12.21 -12.33
N ARG D 242 22.24 11.32 -12.89
CA ARG D 242 22.35 10.97 -14.30
C ARG D 242 21.69 12.03 -15.16
N ARG D 243 22.11 12.10 -16.42
CA ARG D 243 21.59 13.10 -17.34
C ARG D 243 20.14 12.81 -17.72
N VAL D 244 19.45 13.84 -18.18
CA VAL D 244 18.05 13.74 -18.60
C VAL D 244 18.01 13.67 -20.11
N TYR D 245 17.46 12.58 -20.64
CA TYR D 245 17.43 12.33 -22.08
C TYR D 245 16.07 12.60 -22.70
N LYS D 246 15.14 13.21 -21.97
CA LYS D 246 13.80 13.43 -22.48
C LYS D 246 13.20 14.67 -21.86
N HIS D 247 12.47 15.44 -22.67
CA HIS D 247 11.73 16.61 -22.21
C HIS D 247 10.27 16.45 -22.57
N SER D 248 9.39 16.92 -21.69
CA SER D 248 7.96 16.77 -21.90
C SER D 248 7.44 17.87 -22.82
N LEU D 249 6.82 17.46 -23.93
CA LEU D 249 6.27 18.41 -24.89
C LEU D 249 4.81 18.69 -24.57
N TYR D 250 4.41 19.94 -24.77
CA TYR D 250 3.05 20.40 -24.49
C TYR D 250 2.45 21.01 -25.74
N VAL D 251 1.16 21.32 -25.67
CA VAL D 251 0.46 22.11 -26.69
C VAL D 251 -0.32 23.20 -25.99
N ILE D 252 -0.22 24.42 -26.50
CA ILE D 252 -0.94 25.57 -25.96
C ILE D 252 -2.07 25.90 -26.93
N ARG D 253 -3.30 25.94 -26.41
CA ARG D 253 -4.46 26.23 -27.25
C ARG D 253 -4.56 27.73 -27.48
N ASP D 254 -4.32 28.15 -28.72
CA ASP D 254 -4.45 29.54 -29.11
C ASP D 254 -5.93 29.85 -29.37
N LYS D 255 -6.23 30.99 -29.98
CA LYS D 255 -7.58 31.28 -30.42
C LYS D 255 -8.01 30.25 -31.47
N ASP D 256 -9.26 30.35 -31.95
CA ASP D 256 -9.77 29.31 -32.84
C ASP D 256 -9.15 29.40 -34.22
N ASN D 257 -7.81 29.30 -34.28
CA ASN D 257 -7.10 29.31 -35.56
C ASN D 257 -6.12 28.14 -35.69
N LYS D 258 -5.41 27.77 -34.64
CA LYS D 258 -4.40 26.72 -34.69
C LYS D 258 -3.97 26.40 -33.26
N LEU D 259 -2.97 25.53 -33.13
CA LEU D 259 -2.38 25.16 -31.86
C LEU D 259 -0.87 25.36 -31.93
N ARG D 260 -0.25 25.51 -30.76
CA ARG D 260 1.19 25.78 -30.68
C ARG D 260 1.84 24.86 -29.65
N PRO D 261 2.90 24.16 -30.00
CA PRO D 261 3.60 23.31 -29.04
C PRO D 261 4.65 24.05 -28.24
N CYS D 262 4.93 23.52 -27.04
CA CYS D 262 5.81 24.19 -26.11
C CYS D 262 6.53 23.17 -25.22
N VAL D 263 7.63 23.62 -24.62
CA VAL D 263 8.32 22.90 -23.57
C VAL D 263 8.36 23.80 -22.35
N LEU D 264 7.84 23.31 -21.23
CA LEU D 264 7.72 24.11 -20.01
C LEU D 264 8.47 23.44 -18.86
N GLU D 265 8.98 24.28 -17.95
CA GLU D 265 9.67 23.81 -16.76
C GLU D 265 9.70 24.93 -15.73
N PHE D 266 9.48 24.56 -14.47
CA PHE D 266 9.57 25.49 -13.37
C PHE D 266 10.98 25.51 -12.79
N ALA D 267 11.17 26.33 -11.76
CA ALA D 267 12.47 26.48 -11.12
C ALA D 267 12.46 25.75 -9.78
N SER D 268 13.36 24.78 -9.63
CA SER D 268 13.53 24.11 -8.35
C SER D 268 13.93 25.04 -7.21
N PRO D 269 14.82 26.02 -7.39
CA PRO D 269 15.13 26.94 -6.28
C PRO D 269 13.90 27.64 -5.70
N LEU D 270 12.86 27.86 -6.48
CA LEU D 270 11.62 28.39 -5.91
C LEU D 270 11.00 27.39 -4.94
N GLN D 271 11.04 26.10 -5.28
CA GLN D 271 10.58 25.09 -4.34
C GLN D 271 11.46 25.07 -3.09
N THR D 272 12.77 25.30 -3.26
CA THR D 272 13.66 25.38 -2.11
C THR D 272 13.28 26.56 -1.21
N LEU D 273 12.97 27.71 -1.80
CA LEU D 273 12.53 28.86 -1.02
C LEU D 273 11.23 28.55 -0.29
N CYS D 274 10.28 27.89 -0.97
CA CYS D 274 9.01 27.55 -0.33
C CYS D 274 9.22 26.60 0.85
N ALA D 275 10.08 25.59 0.68
CA ALA D 275 10.35 24.66 1.77
C ALA D 275 11.10 25.34 2.91
N MET D 276 12.00 26.28 2.60
CA MET D 276 12.67 27.03 3.63
C MET D 276 11.69 27.87 4.43
N SER D 277 10.73 28.50 3.75
CA SER D 277 9.71 29.27 4.45
C SER D 277 8.83 28.37 5.32
N GLN D 278 8.45 27.20 4.80
CA GLN D 278 7.62 26.29 5.58
C GLN D 278 8.39 25.63 6.71
N ASP D 279 9.72 25.60 6.62
CA ASP D 279 10.53 24.93 7.63
C ASP D 279 10.44 25.68 8.96
N ASP D 280 10.31 24.92 10.05
CA ASP D 280 10.12 25.52 11.36
C ASP D 280 11.40 26.16 11.87
N CYS D 281 12.53 25.47 11.75
CA CYS D 281 13.78 25.98 12.30
C CYS D 281 14.42 27.05 11.45
N ALA D 282 13.95 27.23 10.20
CA ALA D 282 14.55 28.24 9.33
C ALA D 282 14.20 29.65 9.78
N ALA D 283 12.96 29.86 10.21
CA ALA D 283 12.45 31.18 10.59
C ALA D 283 12.62 32.17 9.43
N PHE D 284 11.98 31.84 8.32
CA PHE D 284 12.12 32.57 7.05
C PHE D 284 10.76 33.17 6.69
N SER D 285 10.68 34.50 6.74
CA SER D 285 9.42 35.21 6.61
C SER D 285 9.02 35.31 5.13
N ARG D 286 8.00 36.14 4.86
CA ARG D 286 7.44 36.28 3.52
C ARG D 286 8.06 37.43 2.74
N GLU D 287 8.28 38.58 3.38
CA GLU D 287 8.94 39.68 2.70
C GLU D 287 10.35 39.28 2.28
N GLN D 288 11.08 38.60 3.18
CA GLN D 288 12.40 38.09 2.82
C GLN D 288 12.29 37.07 1.69
N ARG D 289 11.23 36.27 1.68
CA ARG D 289 11.05 35.29 0.61
C ARG D 289 10.88 35.98 -0.74
N LEU D 290 10.04 37.02 -0.81
CA LEU D 290 9.88 37.75 -2.06
C LEU D 290 11.18 38.43 -2.49
N GLU D 291 11.89 39.04 -1.54
CA GLU D 291 13.15 39.68 -1.89
C GLU D 291 14.16 38.67 -2.42
N GLN D 292 14.26 37.51 -1.77
CA GLN D 292 15.19 36.48 -2.21
C GLN D 292 14.78 35.93 -3.57
N ALA D 293 13.49 35.79 -3.83
CA ALA D 293 13.04 35.31 -5.13
C ALA D 293 13.40 36.30 -6.24
N ARG D 294 13.19 37.60 -5.99
CA ARG D 294 13.58 38.60 -7.00
C ARG D 294 15.09 38.60 -7.22
N LEU D 295 15.87 38.51 -6.14
CA LEU D 295 17.31 38.50 -6.28
C LEU D 295 17.79 37.25 -7.01
N PHE D 296 17.17 36.11 -6.74
CA PHE D 296 17.50 34.86 -7.43
C PHE D 296 17.19 34.97 -8.92
N TYR D 297 16.04 35.55 -9.26
CA TYR D 297 15.70 35.73 -10.68
C TYR D 297 16.71 36.63 -11.37
N ARG D 298 17.08 37.74 -10.72
CA ARG D 298 18.05 38.64 -11.32
C ARG D 298 19.41 37.97 -11.49
N SER D 299 19.85 37.23 -10.47
CA SER D 299 21.14 36.55 -10.55
C SER D 299 21.14 35.48 -11.64
N LEU D 300 20.06 34.70 -11.73
CA LEU D 300 19.98 33.69 -12.77
C LEU D 300 19.98 34.30 -14.17
N ARG D 301 19.25 35.40 -14.35
CA ARG D 301 19.23 36.08 -15.64
C ARG D 301 20.62 36.60 -16.00
N ASP D 302 21.32 37.20 -15.04
CA ASP D 302 22.65 37.72 -15.31
C ASP D 302 23.66 36.61 -15.58
N ILE D 303 23.51 35.47 -14.90
CA ILE D 303 24.42 34.34 -15.13
C ILE D 303 24.19 33.75 -16.51
N LEU D 304 22.93 33.54 -16.88
CA LEU D 304 22.62 32.94 -18.17
C LEU D 304 22.95 33.88 -19.33
N GLY D 305 22.79 35.19 -19.12
CA GLY D 305 23.01 36.13 -20.21
C GLY D 305 24.46 36.24 -20.63
N SER D 306 25.39 35.84 -19.74
CA SER D 306 26.81 35.92 -20.02
C SER D 306 27.44 34.55 -20.22
N SER D 307 26.66 33.57 -20.67
CA SER D 307 27.13 32.23 -20.92
C SER D 307 27.41 32.03 -22.41
N LYS D 308 28.04 30.90 -22.73
CA LYS D 308 28.38 30.56 -24.10
C LYS D 308 27.65 29.33 -24.62
N GLU D 309 27.53 28.28 -23.81
CA GLU D 309 26.79 27.10 -24.25
C GLU D 309 25.31 27.40 -24.39
N CYS D 310 24.74 28.15 -23.46
CA CYS D 310 23.31 28.50 -23.49
C CYS D 310 23.09 29.85 -24.18
N ALA D 311 23.58 29.97 -25.41
CA ALA D 311 23.49 31.24 -26.12
C ALA D 311 22.05 31.59 -26.46
N GLY D 312 21.31 30.66 -27.04
CA GLY D 312 19.94 30.92 -27.44
C GLY D 312 19.01 29.74 -27.26
N LEU D 313 19.33 28.86 -26.30
CA LEU D 313 18.55 27.66 -26.04
C LEU D 313 17.75 27.76 -24.75
N TYR D 314 17.29 28.95 -24.41
CA TYR D 314 16.51 29.14 -23.19
C TYR D 314 15.66 30.39 -23.32
N ARG D 315 14.63 30.45 -22.49
CA ARG D 315 13.82 31.65 -22.33
C ARG D 315 13.12 31.56 -20.98
N LEU D 316 13.39 32.52 -20.10
CA LEU D 316 12.85 32.51 -18.74
C LEU D 316 11.73 33.54 -18.64
N ILE D 317 10.61 33.11 -18.07
CA ILE D 317 9.41 33.94 -17.98
C ILE D 317 9.14 34.22 -16.51
N ALA D 318 9.24 35.49 -16.12
CA ALA D 318 8.97 35.93 -14.76
C ALA D 318 7.65 36.67 -14.72
N TYR D 319 6.79 36.30 -13.78
CA TYR D 319 5.48 36.91 -13.67
C TYR D 319 5.10 37.03 -12.20
N GLU D 320 4.31 38.06 -11.89
CA GLU D 320 3.71 38.23 -10.56
C GLU D 320 2.21 37.99 -10.67
N GLU D 321 1.68 37.19 -9.76
CA GLU D 321 0.27 36.83 -9.81
C GLU D 321 -0.60 38.07 -9.69
N PRO D 322 -1.58 38.26 -10.56
CA PRO D 322 -2.40 39.48 -10.51
C PRO D 322 -3.35 39.46 -9.33
N ALA D 323 -3.69 40.65 -8.86
CA ALA D 323 -4.66 40.78 -7.76
C ALA D 323 -6.03 40.27 -8.18
N GLU D 324 -6.48 40.66 -9.37
CA GLU D 324 -7.75 40.17 -9.86
C GLU D 324 -7.61 38.72 -10.35
N PRO D 325 -8.54 37.85 -9.99
CA PRO D 325 -8.44 36.44 -10.42
C PRO D 325 -8.77 36.28 -11.89
N GLU D 326 -7.87 35.63 -12.62
CA GLU D 326 -8.08 35.32 -14.03
C GLU D 326 -7.75 33.86 -14.27
N SER D 327 -8.63 33.16 -15.00
CA SER D 327 -8.47 31.72 -15.22
C SER D 327 -7.67 31.40 -16.48
N HIS D 328 -7.37 32.39 -17.31
CA HIS D 328 -6.63 32.17 -18.56
C HIS D 328 -5.54 33.23 -18.72
N PHE D 329 -4.77 33.44 -17.66
CA PHE D 329 -3.70 34.43 -17.67
C PHE D 329 -2.35 33.81 -18.04
N LEU D 330 -1.99 32.72 -17.37
CA LEU D 330 -0.69 32.10 -17.59
C LEU D 330 -0.53 31.61 -19.02
N SER D 331 -1.58 30.96 -19.56
CA SER D 331 -1.54 30.49 -20.93
C SER D 331 -1.44 31.67 -21.91
N GLY D 332 -2.15 32.76 -21.63
CA GLY D 332 -2.04 33.94 -22.45
C GLY D 332 -0.65 34.54 -22.42
N LEU D 333 -0.01 34.51 -21.24
CA LEU D 333 1.35 35.02 -21.12
C LEU D 333 2.32 34.16 -21.94
N ILE D 334 2.17 32.84 -21.89
CA ILE D 334 3.02 31.97 -22.69
C ILE D 334 2.76 32.21 -24.18
N LEU D 335 1.50 32.45 -24.55
CA LEU D 335 1.19 32.74 -25.95
C LEU D 335 1.85 34.04 -26.40
N TRP D 336 1.84 35.06 -25.54
CA TRP D 336 2.52 36.31 -25.86
C TRP D 336 4.02 36.10 -26.02
N HIS D 337 4.62 35.31 -25.14
CA HIS D 337 6.04 35.02 -25.24
C HIS D 337 6.36 34.28 -26.55
N LEU D 338 5.50 33.33 -26.93
CA LEU D 338 5.68 32.63 -28.19
C LEU D 338 5.56 33.58 -29.38
N GLN D 339 4.59 34.49 -29.33
CA GLN D 339 4.38 35.43 -30.43
C GLN D 339 5.59 36.34 -30.59
N GLN D 340 6.15 36.82 -29.48
CA GLN D 340 7.37 37.63 -29.58
C GLN D 340 8.60 36.79 -29.88
N GLN D 341 8.54 35.47 -29.69
CA GLN D 341 9.68 34.62 -30.02
C GLN D 341 9.84 34.45 -31.52
N GLN D 342 8.75 34.45 -32.28
CA GLN D 342 8.81 34.29 -33.72
C GLN D 342 9.51 35.47 -34.39
N SER E 10 -7.32 -42.17 28.53
CA SER E 10 -8.35 -41.16 28.29
C SER E 10 -9.51 -41.32 29.27
N PRO E 11 -9.82 -40.26 30.00
CA PRO E 11 -10.96 -40.32 30.94
C PRO E 11 -12.28 -40.64 30.27
N ALA E 12 -12.48 -40.18 29.03
CA ALA E 12 -13.70 -40.44 28.28
C ALA E 12 -13.37 -41.50 27.22
N ARG E 13 -13.79 -42.73 27.48
CA ARG E 13 -13.56 -43.83 26.55
C ARG E 13 -14.43 -43.62 25.31
N LEU E 14 -13.81 -43.15 24.23
CA LEU E 14 -14.53 -42.87 23.01
C LEU E 14 -14.84 -44.17 22.27
N LEU E 15 -16.04 -44.23 21.67
CA LEU E 15 -16.47 -45.36 20.87
C LEU E 15 -16.83 -44.84 19.49
N ILE E 16 -15.90 -44.99 18.55
CA ILE E 16 -16.10 -44.49 17.18
C ILE E 16 -16.09 -45.68 16.22
N PRO E 17 -16.99 -45.72 15.25
CA PRO E 17 -16.97 -46.82 14.28
C PRO E 17 -15.78 -46.72 13.34
N GLU E 18 -15.38 -47.87 12.82
CA GLU E 18 -14.30 -47.97 11.85
C GLU E 18 -14.85 -48.36 10.48
N PRO E 19 -14.23 -47.92 9.39
CA PRO E 19 -14.71 -48.29 8.06
C PRO E 19 -14.67 -49.81 7.86
N ARG E 20 -15.68 -50.32 7.16
CA ARG E 20 -15.77 -51.75 6.92
C ARG E 20 -14.65 -52.19 5.97
N ALA E 21 -14.07 -53.36 6.27
CA ALA E 21 -12.97 -53.88 5.48
C ALA E 21 -13.41 -54.54 4.19
N GLY E 22 -14.71 -54.71 3.97
CA GLY E 22 -15.19 -55.38 2.78
C GLY E 22 -14.77 -56.83 2.69
N ARG E 23 -14.83 -57.57 3.80
CA ARG E 23 -14.41 -58.95 3.84
C ARG E 23 -15.53 -59.92 3.49
N ALA E 24 -16.71 -59.42 3.11
CA ALA E 24 -17.78 -60.31 2.69
C ALA E 24 -17.41 -61.10 1.45
N ARG E 25 -16.54 -60.55 0.60
CA ARG E 25 -16.08 -61.27 -0.58
C ARG E 25 -15.32 -62.53 -0.21
N HIS E 26 -14.46 -62.45 0.80
CA HIS E 26 -13.71 -63.62 1.24
C HIS E 26 -14.62 -64.69 1.81
N ALA E 27 -15.61 -64.29 2.61
CA ALA E 27 -16.57 -65.26 3.15
C ALA E 27 -17.37 -65.91 2.02
N ALA E 28 -17.79 -65.12 1.04
CA ALA E 28 -18.50 -65.68 -0.11
C ALA E 28 -17.63 -66.67 -0.85
N CYS E 29 -16.35 -66.34 -1.05
CA CYS E 29 -15.44 -67.24 -1.75
C CYS E 29 -15.25 -68.55 -0.98
N VAL E 30 -15.09 -68.48 0.34
CA VAL E 30 -14.86 -69.70 1.11
C VAL E 30 -16.11 -70.57 1.15
N LEU E 31 -17.30 -69.96 1.27
CA LEU E 31 -18.50 -70.78 1.22
C LEU E 31 -18.72 -71.35 -0.17
N LEU E 32 -18.34 -70.62 -1.22
CA LEU E 32 -18.42 -71.15 -2.58
C LEU E 32 -17.49 -72.36 -2.75
N ALA E 33 -16.28 -72.27 -2.20
CA ALA E 33 -15.35 -73.40 -2.26
C ALA E 33 -15.89 -74.60 -1.48
N VAL E 34 -16.49 -74.34 -0.31
CA VAL E 34 -17.11 -75.42 0.44
C VAL E 34 -18.24 -76.05 -0.37
N CYS E 35 -19.00 -75.23 -1.10
CA CYS E 35 -20.06 -75.75 -1.95
C CYS E 35 -19.49 -76.64 -3.06
N PHE E 36 -18.39 -76.21 -3.68
CA PHE E 36 -17.74 -77.06 -4.68
C PHE E 36 -17.30 -78.38 -4.09
N VAL E 37 -16.63 -78.35 -2.94
CA VAL E 37 -16.09 -79.59 -2.39
C VAL E 37 -17.22 -80.51 -1.93
N VAL E 38 -18.35 -79.94 -1.51
CA VAL E 38 -19.51 -80.76 -1.14
C VAL E 38 -20.13 -81.39 -2.39
N LEU E 39 -20.31 -80.59 -3.45
CA LEU E 39 -20.99 -81.08 -4.64
C LEU E 39 -20.17 -82.12 -5.37
N PHE E 40 -18.85 -81.91 -5.47
CA PHE E 40 -18.02 -82.83 -6.24
C PHE E 40 -18.03 -84.23 -5.66
N LEU E 41 -17.95 -84.35 -4.33
CA LEU E 41 -18.02 -85.65 -3.70
C LEU E 41 -19.42 -86.24 -3.84
N SER E 42 -19.47 -87.54 -4.11
CA SER E 42 -20.72 -88.27 -4.29
C SER E 42 -21.60 -87.65 -5.37
N LEU E 46 -20.57 -85.34 -16.14
CA LEU E 46 -21.75 -84.59 -15.67
C LEU E 46 -21.89 -83.28 -16.45
N ALA E 47 -21.56 -83.33 -17.74
CA ALA E 47 -21.71 -82.15 -18.59
C ALA E 47 -23.14 -81.62 -18.66
N PRO E 48 -24.19 -82.46 -18.82
CA PRO E 48 -25.55 -81.90 -18.81
C PRO E 48 -25.90 -81.17 -17.52
N ILE E 49 -25.37 -81.62 -16.37
CA ILE E 49 -25.62 -80.92 -15.13
C ILE E 49 -25.00 -79.53 -15.15
N THR E 50 -23.78 -79.41 -15.66
CA THR E 50 -23.16 -78.10 -15.79
C THR E 50 -23.92 -77.22 -16.78
N ARG E 51 -24.43 -77.82 -17.86
CA ARG E 51 -25.24 -77.05 -18.82
C ARG E 51 -26.51 -76.55 -18.16
N ARG E 52 -27.17 -77.38 -17.34
CA ARG E 52 -28.36 -76.94 -16.63
C ARG E 52 -28.03 -75.84 -15.63
N VAL E 53 -26.87 -75.94 -14.98
CA VAL E 53 -26.45 -74.89 -14.05
C VAL E 53 -26.25 -73.57 -14.79
N CYS E 54 -25.60 -73.62 -15.96
CA CYS E 54 -25.41 -72.41 -16.75
C CYS E 54 -26.75 -71.84 -17.22
N THR E 55 -27.68 -72.72 -17.63
CA THR E 55 -29.00 -72.24 -18.05
C THR E 55 -29.74 -71.58 -16.89
N GLN E 56 -29.65 -72.16 -15.70
CA GLN E 56 -30.28 -71.56 -14.53
C GLN E 56 -29.65 -70.22 -14.19
N LEU E 57 -28.32 -70.12 -14.30
CA LEU E 57 -27.66 -68.85 -14.07
C LEU E 57 -28.13 -67.79 -15.08
N ALA E 58 -28.26 -68.19 -16.35
CA ALA E 58 -28.78 -67.27 -17.35
C ALA E 58 -30.26 -66.96 -17.16
N ALA E 59 -30.98 -67.79 -16.41
CA ALA E 59 -32.41 -67.58 -16.24
C ALA E 59 -32.71 -66.32 -15.43
N LEU E 60 -32.02 -66.14 -14.31
CA LEU E 60 -32.24 -64.98 -13.46
C LEU E 60 -31.36 -63.80 -13.84
N GLN E 61 -30.53 -63.92 -14.87
CA GLN E 61 -29.64 -62.86 -15.29
C GLN E 61 -30.27 -61.95 -16.35
N LEU E 62 -31.51 -62.20 -16.74
CA LEU E 62 -32.20 -61.36 -17.70
C LEU E 62 -33.05 -60.27 -17.05
N GLY E 63 -33.12 -60.24 -15.71
CA GLY E 63 -33.87 -59.21 -15.04
C GLY E 63 -33.22 -57.85 -15.13
N VAL E 64 -31.90 -57.81 -15.29
CA VAL E 64 -31.20 -56.54 -15.45
C VAL E 64 -31.62 -55.85 -16.73
N LEU E 65 -31.87 -56.63 -17.79
CA LEU E 65 -32.36 -56.04 -19.04
C LEU E 65 -33.72 -55.41 -18.85
N LEU E 66 -34.62 -56.08 -18.14
CA LEU E 66 -35.94 -55.53 -17.89
C LEU E 66 -35.88 -54.27 -17.04
N LYS E 67 -35.02 -54.29 -16.00
CA LYS E 67 -34.84 -53.11 -15.17
C LYS E 67 -34.28 -51.95 -15.97
N GLY E 68 -33.31 -52.22 -16.85
CA GLY E 68 -32.76 -51.17 -17.68
C GLY E 68 -33.77 -50.61 -18.66
N CYS E 69 -34.62 -51.48 -19.21
CA CYS E 69 -35.68 -51.00 -20.11
C CYS E 69 -36.66 -50.11 -19.36
N CYS E 70 -37.05 -50.50 -18.16
CA CYS E 70 -37.95 -49.66 -17.36
C CYS E 70 -37.31 -48.33 -17.02
N CYS E 71 -36.03 -48.36 -16.64
CA CYS E 71 -35.33 -47.11 -16.33
C CYS E 71 -35.22 -46.21 -17.55
N LEU E 72 -34.97 -46.79 -18.72
CA LEU E 72 -34.91 -46.00 -19.94
C LEU E 72 -36.26 -45.38 -20.25
N ALA E 73 -37.34 -46.15 -20.08
CA ALA E 73 -38.67 -45.60 -20.32
C ALA E 73 -38.98 -44.47 -19.36
N GLU E 74 -38.52 -44.58 -18.11
CA GLU E 74 -38.76 -43.53 -17.13
C GLU E 74 -37.86 -42.31 -17.33
N GLU E 75 -36.68 -42.51 -17.91
CA GLU E 75 -35.66 -41.47 -17.99
C GLU E 75 -35.57 -40.81 -19.36
N ILE E 76 -36.34 -41.31 -20.35
CA ILE E 76 -36.35 -40.66 -21.66
C ILE E 76 -36.84 -39.22 -21.56
N PHE E 77 -37.65 -38.91 -20.53
CA PHE E 77 -38.09 -37.53 -20.34
C PHE E 77 -36.95 -36.64 -19.88
N HIS E 78 -36.16 -37.10 -18.91
CA HIS E 78 -35.03 -36.33 -18.39
C HIS E 78 -33.82 -36.42 -19.31
N LEU E 79 -33.88 -37.22 -20.37
CA LEU E 79 -32.78 -37.32 -21.32
C LEU E 79 -32.38 -35.95 -21.84
N HIS E 80 -33.35 -35.10 -22.18
CA HIS E 80 -33.04 -33.78 -22.71
C HIS E 80 -32.42 -32.87 -21.64
N SER E 81 -32.94 -32.93 -20.42
CA SER E 81 -32.50 -32.01 -19.38
C SER E 81 -31.13 -32.38 -18.81
N ARG E 82 -30.82 -33.67 -18.70
CA ARG E 82 -29.60 -34.12 -18.06
C ARG E 82 -28.51 -34.51 -19.06
N HIS E 83 -28.83 -35.39 -20.01
CA HIS E 83 -27.86 -35.89 -20.97
C HIS E 83 -28.03 -35.29 -22.36
N HIS E 84 -28.92 -34.32 -22.52
CA HIS E 84 -29.18 -33.69 -23.82
C HIS E 84 -29.58 -34.70 -24.88
N LEU E 87 -27.16 -38.78 -27.05
CA LEU E 87 -28.27 -39.67 -26.72
C LEU E 87 -27.73 -41.03 -26.32
N TRP E 88 -26.50 -41.34 -26.75
CA TRP E 88 -25.84 -42.57 -26.35
C TRP E 88 -25.57 -42.60 -24.84
N GLN E 89 -25.41 -41.42 -24.24
CA GLN E 89 -25.22 -41.35 -22.79
C GLN E 89 -26.43 -41.91 -22.05
N VAL E 90 -27.63 -41.63 -22.57
CA VAL E 90 -28.86 -42.17 -21.97
C VAL E 90 -28.84 -43.69 -22.04
N LEU E 91 -28.47 -44.25 -23.19
CA LEU E 91 -28.45 -45.69 -23.35
C LEU E 91 -27.44 -46.35 -22.43
N CYS E 92 -26.21 -45.81 -22.36
CA CYS E 92 -25.19 -46.44 -21.54
C CYS E 92 -25.39 -46.19 -20.05
N SER E 93 -26.12 -45.13 -19.67
CA SER E 93 -26.34 -44.84 -18.26
C SER E 93 -27.39 -45.74 -17.63
N CYS E 94 -28.43 -46.11 -18.40
CA CYS E 94 -29.53 -46.88 -17.84
C CYS E 94 -29.19 -48.33 -17.56
N PHE E 95 -28.03 -48.81 -18.03
CA PHE E 95 -27.62 -50.19 -17.82
C PHE E 95 -26.22 -50.24 -17.26
N PRO E 96 -25.90 -51.26 -16.46
CA PRO E 96 -24.54 -51.40 -15.96
C PRO E 96 -23.57 -51.68 -17.10
N PRO E 97 -22.30 -51.27 -16.96
CA PRO E 97 -21.34 -51.50 -18.06
C PRO E 97 -21.19 -52.95 -18.46
N ARG E 98 -21.41 -53.89 -17.53
CA ARG E 98 -21.32 -55.32 -17.83
C ARG E 98 -22.71 -55.85 -18.16
N TRP E 99 -23.27 -55.36 -19.26
CA TRP E 99 -24.62 -55.74 -19.68
C TRP E 99 -24.64 -56.76 -20.80
N HIS E 100 -23.62 -56.77 -21.67
CA HIS E 100 -23.58 -57.73 -22.77
C HIS E 100 -23.40 -59.17 -22.29
N LEU E 101 -22.91 -59.36 -21.06
CA LEU E 101 -22.76 -60.71 -20.52
C LEU E 101 -24.11 -61.40 -20.39
N ALA E 102 -25.13 -60.67 -19.95
CA ALA E 102 -26.47 -61.23 -19.87
C ALA E 102 -27.00 -61.61 -21.25
N LEU E 103 -26.73 -60.76 -22.25
CA LEU E 103 -27.13 -61.08 -23.61
C LEU E 103 -26.44 -62.36 -24.11
N LEU E 104 -25.14 -62.49 -23.84
CA LEU E 104 -24.43 -63.69 -24.26
C LEU E 104 -24.97 -64.93 -23.56
N LEU E 105 -25.26 -64.83 -22.26
CA LEU E 105 -25.77 -65.97 -21.52
C LEU E 105 -27.17 -66.38 -22.03
N VAL E 106 -28.04 -65.39 -22.27
CA VAL E 106 -29.39 -65.74 -22.74
C VAL E 106 -29.33 -66.30 -24.15
N GLY E 107 -28.43 -65.78 -24.99
CA GLY E 107 -28.28 -66.35 -26.32
C GLY E 107 -27.76 -67.77 -26.29
N GLY E 108 -26.79 -68.05 -25.43
CA GLY E 108 -26.30 -69.41 -25.28
C GLY E 108 -27.38 -70.35 -24.76
N SER E 109 -28.17 -69.89 -23.79
CA SER E 109 -29.25 -70.72 -23.26
C SER E 109 -30.30 -71.00 -24.34
N ALA E 110 -30.64 -70.00 -25.14
CA ALA E 110 -31.59 -70.21 -26.22
C ALA E 110 -31.04 -71.18 -27.27
N TYR E 111 -29.74 -71.04 -27.61
CA TYR E 111 -29.14 -71.94 -28.59
C TYR E 111 -29.10 -73.37 -28.08
N LEU E 112 -28.78 -73.57 -26.80
CA LEU E 112 -28.73 -74.91 -26.24
C LEU E 112 -30.08 -75.59 -26.29
N ASP E 113 -31.15 -74.85 -25.97
CA ASP E 113 -32.50 -75.41 -25.98
C ASP E 113 -33.03 -75.51 -27.41
N ARG E 123 -40.27 -73.02 -24.73
CA ARG E 123 -39.87 -71.71 -24.21
C ARG E 123 -40.71 -71.32 -23.01
N LEU E 124 -41.34 -72.32 -22.37
CA LEU E 124 -42.15 -72.06 -21.19
C LEU E 124 -41.30 -71.53 -20.05
N ALA E 125 -40.10 -72.10 -19.88
CA ALA E 125 -39.22 -71.64 -18.80
C ALA E 125 -38.81 -70.20 -18.99
N LEU E 126 -38.51 -69.79 -20.24
CA LEU E 126 -38.08 -68.42 -20.49
C LEU E 126 -39.18 -67.41 -20.14
N THR E 127 -40.41 -67.67 -20.61
CA THR E 127 -41.49 -66.73 -20.33
C THR E 127 -41.87 -66.75 -18.85
N LEU E 128 -41.79 -67.92 -18.21
CA LEU E 128 -42.05 -67.97 -16.77
C LEU E 128 -41.01 -67.16 -16.00
N SER E 129 -39.74 -67.27 -16.38
CA SER E 129 -38.69 -66.50 -15.73
C SER E 129 -38.89 -65.01 -15.95
N CYS E 130 -39.24 -64.62 -17.17
CA CYS E 130 -39.51 -63.21 -17.44
C CYS E 130 -40.67 -62.69 -16.61
N LEU E 131 -41.75 -63.49 -16.51
CA LEU E 131 -42.92 -63.08 -15.75
C LEU E 131 -42.59 -62.93 -14.27
N CYS E 132 -41.85 -63.89 -13.69
CA CYS E 132 -41.55 -63.81 -12.26
C CYS E 132 -40.57 -62.67 -11.98
N GLN E 133 -39.59 -62.44 -12.87
CA GLN E 133 -38.68 -61.33 -12.68
C GLN E 133 -39.40 -59.99 -12.75
N LEU E 134 -40.32 -59.84 -13.71
CA LEU E 134 -41.07 -58.59 -13.83
C LEU E 134 -42.03 -58.41 -12.65
N LEU E 135 -42.59 -59.51 -12.14
CA LEU E 135 -43.42 -59.43 -10.94
C LEU E 135 -42.60 -58.97 -9.75
N VAL E 136 -41.37 -59.50 -9.61
CA VAL E 136 -40.48 -59.06 -8.54
C VAL E 136 -40.17 -57.57 -8.69
N LEU E 137 -39.91 -57.13 -9.91
CA LEU E 137 -39.62 -55.72 -10.15
C LEU E 137 -40.82 -54.84 -9.79
N ALA E 138 -42.03 -55.27 -10.16
CA ALA E 138 -43.22 -54.47 -9.90
C ALA E 138 -43.53 -54.39 -8.42
N LEU E 139 -43.47 -55.54 -7.73
CA LEU E 139 -43.79 -55.55 -6.30
C LEU E 139 -42.73 -54.84 -5.47
N GLY E 140 -41.48 -54.85 -5.94
CA GLY E 140 -40.41 -54.18 -5.23
C GLY E 140 -40.06 -54.77 -3.88
N LEU E 141 -40.01 -56.10 -3.79
CA LEU E 141 -39.64 -56.76 -2.54
C LEU E 141 -38.13 -56.92 -2.39
N GLN E 142 -37.34 -56.60 -3.42
CA GLN E 142 -35.89 -56.66 -3.35
C GLN E 142 -35.36 -55.26 -3.08
N LYS E 143 -35.47 -54.84 -1.82
CA LYS E 143 -35.05 -53.53 -1.39
C LYS E 143 -33.67 -53.61 -0.74
N LEU E 144 -33.22 -52.50 -0.17
CA LEU E 144 -31.90 -52.40 0.44
C LEU E 144 -32.03 -52.40 1.97
N SER E 145 -31.13 -53.14 2.62
CA SER E 145 -31.13 -53.22 4.08
C SER E 145 -30.39 -52.02 4.66
N ALA E 146 -30.14 -52.05 5.97
CA ALA E 146 -29.50 -50.93 6.63
C ALA E 146 -28.01 -50.85 6.30
N VAL E 147 -27.35 -52.01 6.16
CA VAL E 147 -25.92 -52.02 5.92
C VAL E 147 -25.59 -51.38 4.57
N GLU E 148 -26.39 -51.67 3.53
CA GLU E 148 -26.12 -51.12 2.21
C GLU E 148 -26.26 -49.61 2.19
N VAL E 149 -27.35 -49.08 2.76
CA VAL E 149 -27.55 -47.64 2.75
C VAL E 149 -26.51 -46.95 3.64
N SER E 150 -26.13 -47.57 4.75
CA SER E 150 -25.09 -47.01 5.59
C SER E 150 -23.76 -46.94 4.84
N GLU E 151 -23.42 -48.01 4.11
CA GLU E 151 -22.17 -48.00 3.34
C GLU E 151 -22.22 -46.96 2.23
N LEU E 152 -23.38 -46.79 1.60
CA LEU E 152 -23.51 -45.76 0.56
C LEU E 152 -23.33 -44.36 1.16
N THR E 153 -23.88 -44.11 2.35
CA THR E 153 -23.69 -42.81 2.98
C THR E 153 -22.24 -42.57 3.38
N GLU E 154 -21.58 -43.61 3.92
CA GLU E 154 -20.20 -43.43 4.36
C GLU E 154 -19.23 -43.29 3.18
N SER E 155 -19.48 -44.01 2.09
CA SER E 155 -18.49 -44.12 1.01
C SER E 155 -18.35 -42.81 0.24
N SER E 156 -19.46 -42.15 -0.06
CA SER E 156 -19.43 -40.94 -0.88
C SER E 156 -18.92 -39.78 -0.04
N LYS E 157 -17.68 -39.38 -0.27
CA LYS E 157 -17.04 -38.30 0.46
C LYS E 157 -17.13 -36.97 -0.27
N LYS E 158 -17.87 -36.89 -1.37
CA LYS E 158 -17.94 -35.68 -2.17
C LYS E 158 -19.33 -35.07 -2.24
N ASN E 159 -20.29 -35.55 -1.45
CA ASN E 159 -21.63 -34.98 -1.41
C ASN E 159 -21.60 -33.73 -0.52
N VAL E 160 -20.98 -32.68 -1.08
CA VAL E 160 -20.72 -31.45 -0.35
C VAL E 160 -21.81 -30.41 -0.57
N ALA E 161 -22.68 -30.61 -1.56
CA ALA E 161 -23.66 -29.60 -1.93
C ALA E 161 -24.65 -29.33 -0.80
N HIS E 162 -25.21 -30.39 -0.21
CA HIS E 162 -26.17 -30.20 0.88
C HIS E 162 -25.53 -29.54 2.08
N GLY E 163 -24.30 -29.95 2.41
CA GLY E 163 -23.61 -29.33 3.52
C GLY E 163 -23.38 -27.85 3.29
N LEU E 164 -22.92 -27.48 2.09
CA LEU E 164 -22.72 -26.07 1.78
C LEU E 164 -24.03 -25.30 1.83
N ALA E 165 -25.11 -25.88 1.31
CA ALA E 165 -26.40 -25.18 1.32
C ALA E 165 -26.86 -24.91 2.74
N TRP E 166 -26.88 -25.93 3.59
CA TRP E 166 -27.36 -25.75 4.96
C TRP E 166 -26.43 -24.83 5.74
N SER E 167 -25.12 -24.97 5.56
CA SER E 167 -24.17 -24.12 6.28
C SER E 167 -24.35 -22.67 5.88
N TYR E 168 -24.40 -22.39 4.57
CA TYR E 168 -24.60 -21.03 4.10
C TYR E 168 -25.90 -20.45 4.66
N TYR E 169 -26.99 -21.21 4.55
CA TYR E 169 -28.28 -20.74 5.06
C TYR E 169 -28.16 -20.36 6.52
N ILE E 170 -27.88 -21.35 7.39
CA ILE E 170 -27.92 -21.12 8.83
C ILE E 170 -26.92 -20.04 9.24
N GLY E 171 -25.70 -20.11 8.72
CA GLY E 171 -24.66 -19.19 9.15
C GLY E 171 -24.91 -17.75 8.75
N TYR E 172 -25.38 -17.53 7.51
CA TYR E 172 -25.44 -16.18 6.97
C TYR E 172 -26.86 -15.68 6.74
N LEU E 173 -27.68 -16.44 6.01
CA LEU E 173 -28.93 -15.89 5.52
C LEU E 173 -29.97 -15.78 6.63
N LYS E 174 -29.95 -16.72 7.57
CA LYS E 174 -30.90 -16.68 8.67
C LYS E 174 -30.62 -15.52 9.62
N VAL E 175 -29.43 -14.92 9.57
CA VAL E 175 -29.05 -13.89 10.51
C VAL E 175 -28.87 -12.51 9.86
N VAL E 176 -28.67 -12.43 8.55
CA VAL E 176 -28.47 -11.14 7.91
C VAL E 176 -29.65 -10.71 7.05
N LEU E 177 -30.42 -11.64 6.49
CA LEU E 177 -31.52 -11.28 5.62
C LEU E 177 -32.63 -10.47 6.30
N PRO E 178 -33.15 -10.88 7.47
CA PRO E 178 -34.31 -10.14 8.04
C PRO E 178 -34.03 -8.68 8.32
N ARG E 179 -32.80 -8.32 8.69
CA ARG E 179 -32.47 -6.93 9.03
C ARG E 179 -31.97 -6.14 7.82
N LEU E 180 -32.72 -6.24 6.73
CA LEU E 180 -32.40 -5.56 5.48
C LEU E 180 -33.36 -4.45 5.12
N LYS E 181 -34.66 -4.69 5.24
CA LYS E 181 -35.64 -3.63 4.95
C LYS E 181 -35.49 -2.47 5.91
N GLU E 182 -35.29 -2.77 7.20
CA GLU E 182 -35.10 -1.71 8.19
C GLU E 182 -33.79 -0.96 7.97
N CYS E 183 -32.76 -1.67 7.52
CA CYS E 183 -31.48 -1.02 7.22
C CYS E 183 -31.55 -0.18 5.96
N MET E 184 -32.44 -0.51 5.02
CA MET E 184 -32.58 0.26 3.79
C MET E 184 -33.53 1.44 3.92
N GLU E 185 -34.53 1.35 4.81
CA GLU E 185 -35.51 2.44 4.93
C GLU E 185 -34.86 3.74 5.40
N GLU E 186 -33.84 3.65 6.26
CA GLU E 186 -33.21 4.86 6.77
C GLU E 186 -32.51 5.63 5.65
N ILE E 187 -31.85 4.93 4.74
CA ILE E 187 -31.28 5.60 3.57
C ILE E 187 -32.38 6.08 2.64
N SER E 188 -33.45 5.29 2.50
CA SER E 188 -34.58 5.71 1.68
C SER E 188 -35.24 6.99 2.20
N ARG E 189 -35.06 7.30 3.48
CA ARG E 189 -35.59 8.54 4.03
C ARG E 189 -34.96 9.76 3.39
N THR E 190 -33.64 9.72 3.16
CA THR E 190 -32.93 10.87 2.61
C THR E 190 -32.65 10.76 1.12
N ASN E 191 -32.55 9.55 0.58
CA ASN E 191 -32.28 9.38 -0.84
C ASN E 191 -33.57 9.07 -1.57
N PRO E 192 -34.08 9.98 -2.41
CA PRO E 192 -35.32 9.69 -3.14
C PRO E 192 -35.18 8.56 -4.16
N MET E 193 -33.97 8.28 -4.65
CA MET E 193 -33.79 7.24 -5.65
C MET E 193 -34.15 5.87 -5.08
N LEU E 194 -33.69 5.59 -3.86
CA LEU E 194 -34.05 4.33 -3.22
C LEU E 194 -35.55 4.25 -2.93
N ARG E 195 -36.14 5.38 -2.54
CA ARG E 195 -37.59 5.41 -2.30
C ARG E 195 -38.37 5.13 -3.57
N ALA E 196 -37.86 5.57 -4.72
CA ALA E 196 -38.56 5.33 -5.98
C ALA E 196 -38.65 3.84 -6.30
N HIS E 197 -37.55 3.11 -6.11
CA HIS E 197 -37.50 1.67 -6.39
C HIS E 197 -37.70 0.92 -5.08
N ARG E 198 -38.95 0.87 -4.63
CA ARG E 198 -39.29 0.21 -3.38
C ARG E 198 -39.49 -1.29 -3.53
N ASP E 199 -39.84 -1.76 -4.73
CA ASP E 199 -40.16 -3.17 -4.94
C ASP E 199 -38.93 -4.07 -5.05
N THR E 200 -37.73 -3.49 -5.17
CA THR E 200 -36.54 -4.30 -5.38
C THR E 200 -35.52 -4.09 -4.26
N TRP E 201 -35.98 -4.12 -3.01
CA TRP E 201 -35.12 -3.98 -1.85
C TRP E 201 -34.61 -5.31 -1.32
N LYS E 202 -34.56 -6.33 -2.17
CA LYS E 202 -34.10 -7.65 -1.76
C LYS E 202 -32.58 -7.76 -1.91
N LEU E 203 -32.04 -8.90 -1.49
CA LEU E 203 -30.63 -9.20 -1.67
C LEU E 203 -30.48 -10.17 -2.85
N HIS E 204 -29.64 -9.81 -3.81
CA HIS E 204 -29.47 -10.58 -5.03
C HIS E 204 -28.23 -11.47 -4.89
N ILE E 205 -28.43 -12.77 -5.01
CA ILE E 205 -27.36 -13.75 -4.85
C ILE E 205 -26.94 -14.21 -6.24
N LEU E 206 -25.67 -13.98 -6.58
CA LEU E 206 -25.11 -14.39 -7.86
C LEU E 206 -24.52 -15.78 -7.72
N VAL E 207 -25.14 -16.77 -8.37
CA VAL E 207 -24.65 -18.14 -8.30
C VAL E 207 -24.41 -18.66 -9.72
N PRO E 208 -23.23 -18.41 -10.29
CA PRO E 208 -22.91 -18.99 -11.60
C PRO E 208 -22.71 -20.48 -11.48
N LEU E 209 -23.25 -21.23 -12.46
CA LEU E 209 -23.14 -22.68 -12.41
C LEU E 209 -21.70 -23.17 -12.54
N GLY E 210 -20.77 -22.31 -12.96
CA GLY E 210 -19.37 -22.62 -12.87
C GLY E 210 -18.84 -22.37 -11.47
N CYS E 211 -17.61 -21.86 -11.36
CA CYS E 211 -17.07 -21.52 -10.05
C CYS E 211 -16.24 -20.24 -10.03
N ASP E 212 -16.16 -19.50 -11.12
CA ASP E 212 -15.39 -18.26 -11.12
C ASP E 212 -16.09 -17.17 -10.30
N ILE E 213 -15.30 -16.43 -9.53
CA ILE E 213 -15.79 -15.33 -8.72
C ILE E 213 -14.94 -14.10 -9.04
N TRP E 214 -15.60 -13.04 -9.51
CA TRP E 214 -14.90 -11.79 -9.80
C TRP E 214 -14.57 -11.08 -8.50
N ASP E 215 -13.38 -10.44 -8.47
CA ASP E 215 -12.99 -9.68 -7.29
C ASP E 215 -13.94 -8.52 -7.04
N ASP E 216 -14.35 -7.83 -8.10
CA ASP E 216 -15.36 -6.79 -8.01
C ASP E 216 -16.24 -6.83 -9.26
N LEU E 217 -17.46 -6.32 -9.12
CA LEU E 217 -18.40 -6.31 -10.23
C LEU E 217 -18.20 -5.14 -11.18
N GLU E 218 -17.28 -4.22 -10.87
CA GLU E 218 -17.03 -3.10 -11.77
C GLU E 218 -16.23 -3.54 -12.99
N LYS E 219 -15.27 -4.44 -12.81
CA LYS E 219 -14.48 -4.94 -13.92
C LYS E 219 -15.08 -6.18 -14.57
N ALA E 220 -16.01 -6.86 -13.90
CA ALA E 220 -16.71 -7.97 -14.53
C ALA E 220 -17.54 -7.48 -15.71
N ASP E 221 -18.24 -6.36 -15.54
CA ASP E 221 -18.99 -5.72 -16.60
C ASP E 221 -18.88 -4.21 -16.44
N SER E 222 -18.62 -3.52 -17.54
CA SER E 222 -18.47 -2.06 -17.50
C SER E 222 -19.80 -1.35 -17.24
N ASN E 223 -20.91 -2.06 -17.28
CA ASN E 223 -22.23 -1.47 -17.08
C ASN E 223 -22.65 -1.46 -15.61
N ILE E 224 -21.78 -1.91 -14.70
CA ILE E 224 -22.08 -1.97 -13.28
C ILE E 224 -21.24 -0.90 -12.58
N GLN E 225 -21.91 0.00 -11.85
CA GLN E 225 -21.25 1.11 -11.17
C GLN E 225 -21.44 0.96 -9.67
N TYR E 226 -20.34 1.00 -8.93
CA TYR E 226 -20.38 0.97 -7.48
C TYR E 226 -20.79 2.34 -6.94
N LEU E 227 -21.64 2.34 -5.91
CA LEU E 227 -22.14 3.58 -5.33
C LEU E 227 -21.60 3.83 -3.93
N ALA E 228 -21.85 2.92 -2.99
CA ALA E 228 -21.43 3.08 -1.59
C ALA E 228 -21.73 1.78 -0.85
N ASP E 229 -21.29 1.72 0.40
CA ASP E 229 -21.59 0.62 1.29
C ASP E 229 -22.77 0.99 2.19
N LEU E 230 -23.60 -0.01 2.49
CA LEU E 230 -24.69 0.21 3.42
C LEU E 230 -24.15 0.36 4.84
N PRO E 231 -24.88 1.05 5.71
CA PRO E 231 -24.41 1.29 7.08
C PRO E 231 -24.09 -0.01 7.82
N GLU E 232 -23.32 0.15 8.89
CA GLU E 232 -22.79 -1.00 9.61
C GLU E 232 -23.91 -1.83 10.22
N THR E 233 -23.69 -3.14 10.30
CA THR E 233 -24.59 -4.06 10.97
C THR E 233 -23.90 -4.60 12.22
N ILE E 234 -24.43 -4.26 13.39
CA ILE E 234 -23.77 -4.52 14.66
C ILE E 234 -24.48 -5.69 15.35
N LEU E 235 -23.71 -6.72 15.69
CA LEU E 235 -24.19 -7.83 16.51
C LEU E 235 -23.25 -7.98 17.69
N THR E 236 -23.81 -8.22 18.87
CA THR E 236 -23.03 -8.35 20.10
C THR E 236 -22.83 -9.82 20.43
N ARG E 237 -21.63 -10.16 20.92
CA ARG E 237 -21.29 -11.52 21.33
C ARG E 237 -20.39 -11.42 22.55
N ALA E 238 -20.95 -11.65 23.73
CA ALA E 238 -20.29 -11.59 25.03
C ALA E 238 -19.82 -10.18 25.40
N GLY E 239 -20.08 -9.18 24.55
CA GLY E 239 -19.71 -7.81 24.86
C GLY E 239 -18.34 -7.39 24.38
N ILE E 240 -17.48 -8.33 23.98
CA ILE E 240 -16.14 -8.00 23.52
C ILE E 240 -16.00 -8.38 22.06
N LYS E 241 -16.72 -9.43 21.65
CA LYS E 241 -16.71 -9.90 20.27
C LYS E 241 -17.91 -9.29 19.55
N ARG E 242 -17.65 -8.59 18.45
CA ARG E 242 -18.68 -7.91 17.68
C ARG E 242 -18.71 -8.47 16.27
N ARG E 243 -19.88 -8.90 15.81
CA ARG E 243 -20.07 -9.40 14.46
C ARG E 243 -20.56 -8.24 13.59
N VAL E 244 -19.72 -7.80 12.66
CA VAL E 244 -19.99 -6.64 11.83
C VAL E 244 -20.21 -7.11 10.40
N TYR E 245 -21.32 -6.69 9.80
CA TYR E 245 -21.70 -7.10 8.46
C TYR E 245 -21.74 -5.88 7.54
N LYS E 246 -21.13 -6.00 6.38
CA LYS E 246 -21.12 -4.96 5.36
C LYS E 246 -21.82 -5.43 4.09
N HIS E 247 -22.65 -4.56 3.54
CA HIS E 247 -23.28 -4.79 2.24
C HIS E 247 -23.01 -3.61 1.33
N SER E 248 -22.70 -3.90 0.07
CA SER E 248 -22.39 -2.87 -0.92
C SER E 248 -23.59 -2.68 -1.84
N LEU E 249 -23.97 -1.42 -2.05
CA LEU E 249 -25.08 -1.07 -2.92
C LEU E 249 -24.53 -0.58 -4.25
N TYR E 250 -24.99 -1.19 -5.34
CA TYR E 250 -24.52 -0.87 -6.68
C TYR E 250 -25.61 -0.16 -7.47
N VAL E 251 -25.18 0.54 -8.52
CA VAL E 251 -26.07 1.15 -9.49
C VAL E 251 -25.66 0.64 -10.87
N ILE E 252 -26.60 0.05 -11.59
CA ILE E 252 -26.36 -0.54 -12.89
C ILE E 252 -27.17 0.22 -13.93
N ARG E 253 -26.52 0.57 -15.04
CA ARG E 253 -27.14 1.43 -16.04
C ARG E 253 -27.89 0.57 -17.06
N ASP E 254 -29.17 0.85 -17.22
CA ASP E 254 -30.00 0.22 -18.23
C ASP E 254 -29.75 0.93 -19.57
N LYS E 255 -30.65 0.74 -20.53
CA LYS E 255 -30.62 1.55 -21.74
C LYS E 255 -31.05 2.97 -21.37
N ASP E 256 -31.22 3.84 -22.35
CA ASP E 256 -31.45 5.24 -22.04
C ASP E 256 -32.85 5.45 -21.48
N ASN E 257 -33.12 4.85 -20.31
CA ASN E 257 -34.36 5.06 -19.58
C ASN E 257 -34.10 5.63 -18.19
N LYS E 258 -33.26 4.98 -17.38
CA LYS E 258 -32.99 5.39 -16.01
C LYS E 258 -31.83 4.55 -15.49
N LEU E 259 -31.51 4.72 -14.21
CA LEU E 259 -30.48 3.95 -13.52
C LEU E 259 -31.13 3.13 -12.42
N ARG E 260 -30.68 1.88 -12.27
CA ARG E 260 -31.31 0.93 -11.36
C ARG E 260 -30.37 0.57 -10.23
N PRO E 261 -30.75 0.77 -8.97
CA PRO E 261 -29.90 0.34 -7.85
C PRO E 261 -30.26 -1.04 -7.34
N CYS E 262 -29.23 -1.76 -6.90
CA CYS E 262 -29.41 -3.10 -6.36
C CYS E 262 -28.23 -3.47 -5.49
N VAL E 263 -28.42 -4.49 -4.67
CA VAL E 263 -27.38 -5.03 -3.79
C VAL E 263 -26.97 -6.39 -4.33
N LEU E 264 -25.69 -6.55 -4.62
CA LEU E 264 -25.19 -7.76 -5.29
C LEU E 264 -24.05 -8.37 -4.49
N GLU E 265 -24.02 -9.70 -4.46
CA GLU E 265 -22.88 -10.44 -3.92
C GLU E 265 -22.95 -11.87 -4.44
N PHE E 266 -21.81 -12.55 -4.39
CA PHE E 266 -21.70 -13.92 -4.87
C PHE E 266 -22.04 -14.89 -3.74
N ALA E 267 -21.86 -16.18 -3.99
CA ALA E 267 -22.12 -17.23 -3.02
C ALA E 267 -20.80 -17.80 -2.54
N SER E 268 -20.57 -17.75 -1.22
CA SER E 268 -19.35 -18.30 -0.66
C SER E 268 -19.16 -19.80 -0.94
N PRO E 269 -20.18 -20.65 -0.88
CA PRO E 269 -19.95 -22.07 -1.20
C PRO E 269 -19.35 -22.31 -2.57
N LEU E 270 -19.63 -21.45 -3.55
CA LEU E 270 -18.97 -21.58 -4.85
C LEU E 270 -17.47 -21.36 -4.71
N GLN E 271 -17.07 -20.36 -3.92
CA GLN E 271 -15.65 -20.14 -3.67
C GLN E 271 -15.04 -21.33 -2.92
N THR E 272 -15.79 -21.91 -1.99
CA THR E 272 -15.31 -23.10 -1.28
C THR E 272 -15.08 -24.25 -2.26
N LEU E 273 -16.01 -24.48 -3.17
CA LEU E 273 -15.84 -25.53 -4.17
C LEU E 273 -14.64 -25.25 -5.07
N CYS E 274 -14.48 -23.99 -5.49
CA CYS E 274 -13.36 -23.64 -6.35
C CYS E 274 -12.03 -23.87 -5.65
N ALA E 275 -11.92 -23.48 -4.38
CA ALA E 275 -10.69 -23.67 -3.64
C ALA E 275 -10.45 -25.14 -3.29
N MET E 276 -11.53 -25.92 -3.15
CA MET E 276 -11.39 -27.34 -2.88
C MET E 276 -10.96 -28.12 -4.13
N SER E 277 -11.36 -27.64 -5.31
CA SER E 277 -10.94 -28.30 -6.54
C SER E 277 -9.43 -28.21 -6.73
N GLN E 278 -8.83 -27.06 -6.39
CA GLN E 278 -7.39 -26.87 -6.55
C GLN E 278 -6.57 -27.67 -5.55
N ASP E 279 -7.17 -28.19 -4.48
CA ASP E 279 -6.43 -28.92 -3.48
C ASP E 279 -5.95 -30.26 -4.03
N ASP E 280 -4.74 -30.65 -3.63
CA ASP E 280 -4.13 -31.87 -4.15
C ASP E 280 -4.77 -33.12 -3.55
N CYS E 281 -5.03 -33.12 -2.23
CA CYS E 281 -5.58 -34.30 -1.59
C CYS E 281 -7.09 -34.42 -1.76
N ALA E 282 -7.75 -33.39 -2.31
CA ALA E 282 -9.19 -33.46 -2.52
C ALA E 282 -9.55 -34.34 -3.70
N ALA E 283 -8.71 -34.31 -4.75
CA ALA E 283 -8.98 -35.04 -6.00
C ALA E 283 -10.34 -34.65 -6.58
N PHE E 284 -10.60 -33.34 -6.60
CA PHE E 284 -11.87 -32.80 -7.08
C PHE E 284 -11.69 -32.33 -8.52
N SER E 285 -12.30 -33.04 -9.46
CA SER E 285 -12.15 -32.74 -10.88
C SER E 285 -13.08 -31.60 -11.26
N ARG E 286 -13.21 -31.36 -12.57
CA ARG E 286 -14.05 -30.29 -13.10
C ARG E 286 -15.42 -30.78 -13.56
N GLU E 287 -15.53 -32.06 -13.96
CA GLU E 287 -16.81 -32.58 -14.42
C GLU E 287 -17.78 -32.79 -13.27
N GLN E 288 -17.27 -33.09 -12.07
CA GLN E 288 -18.12 -33.25 -10.91
C GLN E 288 -18.33 -31.96 -10.13
N ARG E 289 -17.44 -30.97 -10.32
CA ARG E 289 -17.65 -29.67 -9.70
C ARG E 289 -18.90 -28.99 -10.24
N LEU E 290 -19.15 -29.15 -11.55
CA LEU E 290 -20.37 -28.60 -12.13
C LEU E 290 -21.61 -29.24 -11.54
N GLU E 291 -21.58 -30.58 -11.38
CA GLU E 291 -22.71 -31.27 -10.76
C GLU E 291 -22.91 -30.83 -9.32
N GLN E 292 -21.81 -30.66 -8.57
CA GLN E 292 -21.92 -30.20 -7.20
C GLN E 292 -22.51 -28.80 -7.14
N ALA E 293 -22.10 -27.91 -8.04
CA ALA E 293 -22.65 -26.56 -8.06
C ALA E 293 -24.15 -26.58 -8.40
N ARG E 294 -24.55 -27.41 -9.37
CA ARG E 294 -25.97 -27.50 -9.71
C ARG E 294 -26.78 -28.03 -8.53
N LEU E 295 -26.27 -29.07 -7.86
CA LEU E 295 -26.98 -29.63 -6.72
C LEU E 295 -27.05 -28.62 -5.58
N PHE E 296 -25.98 -27.85 -5.38
CA PHE E 296 -25.99 -26.81 -4.35
C PHE E 296 -27.04 -25.76 -4.66
N TYR E 297 -27.13 -25.32 -5.92
CA TYR E 297 -28.16 -24.34 -6.28
C TYR E 297 -29.55 -24.89 -6.05
N ARG E 298 -29.80 -26.13 -6.47
CA ARG E 298 -31.13 -26.72 -6.30
C ARG E 298 -31.48 -26.86 -4.83
N SER E 299 -30.54 -27.35 -4.01
CA SER E 299 -30.80 -27.53 -2.59
C SER E 299 -31.02 -26.19 -1.89
N LEU E 300 -30.21 -25.18 -2.22
CA LEU E 300 -30.39 -23.87 -1.62
C LEU E 300 -31.75 -23.28 -1.98
N ARG E 301 -32.16 -23.42 -3.24
CA ARG E 301 -33.48 -22.96 -3.64
C ARG E 301 -34.58 -23.68 -2.86
N ASP E 302 -34.45 -25.00 -2.73
CA ASP E 302 -35.50 -25.78 -2.07
C ASP E 302 -35.58 -25.48 -0.58
N ILE E 303 -34.45 -25.18 0.06
CA ILE E 303 -34.48 -24.87 1.48
C ILE E 303 -34.84 -23.41 1.76
N LEU E 304 -34.57 -22.50 0.81
CA LEU E 304 -34.97 -21.12 0.98
C LEU E 304 -36.46 -20.92 0.68
N GLY E 305 -37.01 -21.69 -0.26
CA GLY E 305 -38.41 -21.52 -0.62
C GLY E 305 -39.39 -21.92 0.46
N SER E 306 -38.96 -22.76 1.41
CA SER E 306 -39.82 -23.21 2.49
C SER E 306 -39.57 -22.45 3.80
N SER E 307 -38.75 -21.40 3.75
CA SER E 307 -38.43 -20.63 4.95
C SER E 307 -39.44 -19.51 5.14
N LYS E 308 -39.89 -19.32 6.37
CA LYS E 308 -40.84 -18.26 6.69
C LYS E 308 -40.16 -16.97 7.13
N GLU E 309 -38.90 -17.03 7.59
CA GLU E 309 -38.19 -15.82 7.97
C GLU E 309 -37.87 -14.98 6.74
N CYS E 310 -37.12 -15.56 5.80
CA CYS E 310 -36.78 -14.88 4.55
C CYS E 310 -37.75 -15.28 3.43
N ALA E 311 -39.03 -14.97 3.65
CA ALA E 311 -40.06 -15.36 2.69
C ALA E 311 -39.92 -14.59 1.39
N GLY E 312 -39.65 -13.29 1.46
CA GLY E 312 -39.55 -12.47 0.27
C GLY E 312 -38.40 -11.49 0.33
N LEU E 313 -37.32 -11.87 1.03
CA LEU E 313 -36.18 -11.01 1.25
C LEU E 313 -35.00 -11.34 0.34
N TYR E 314 -35.18 -12.22 -0.64
CA TYR E 314 -34.07 -12.73 -1.43
C TYR E 314 -34.50 -12.93 -2.87
N ARG E 315 -33.50 -12.95 -3.75
CA ARG E 315 -33.68 -13.45 -5.12
C ARG E 315 -32.31 -13.88 -5.63
N LEU E 316 -32.15 -15.17 -5.91
CA LEU E 316 -30.89 -15.72 -6.36
C LEU E 316 -30.97 -15.98 -7.87
N ILE E 317 -29.95 -15.55 -8.59
CA ILE E 317 -29.90 -15.67 -10.04
C ILE E 317 -28.78 -16.62 -10.42
N ALA E 318 -29.08 -17.55 -11.32
CA ALA E 318 -28.13 -18.56 -11.76
C ALA E 318 -27.93 -18.44 -13.27
N TYR E 319 -26.69 -18.63 -13.70
CA TYR E 319 -26.34 -18.44 -15.11
C TYR E 319 -25.09 -19.25 -15.42
N GLU E 320 -24.85 -19.43 -16.72
CA GLU E 320 -23.62 -20.02 -17.22
C GLU E 320 -22.96 -19.04 -18.18
N GLU E 321 -21.64 -18.95 -18.10
CA GLU E 321 -20.92 -18.01 -18.95
C GLU E 321 -21.09 -18.38 -20.41
N PRO E 322 -21.49 -17.44 -21.26
CA PRO E 322 -21.74 -17.77 -22.67
C PRO E 322 -20.45 -18.09 -23.40
N ALA E 323 -20.58 -18.94 -24.43
CA ALA E 323 -19.43 -19.27 -25.28
C ALA E 323 -18.93 -18.03 -26.02
N GLU E 324 -19.84 -17.21 -26.52
CA GLU E 324 -19.45 -15.96 -27.17
C GLU E 324 -19.24 -14.89 -26.11
N PRO E 325 -18.04 -14.32 -25.99
CA PRO E 325 -17.76 -13.39 -24.89
C PRO E 325 -18.47 -12.05 -25.04
N GLU E 326 -19.76 -12.00 -24.78
CA GLU E 326 -20.48 -10.73 -24.76
C GLU E 326 -20.03 -9.91 -23.55
N SER E 327 -19.84 -8.60 -23.77
CA SER E 327 -19.37 -7.73 -22.71
C SER E 327 -20.46 -7.27 -21.76
N HIS E 328 -21.74 -7.45 -22.11
CA HIS E 328 -22.86 -6.98 -21.30
C HIS E 328 -23.92 -8.07 -21.18
N PHE E 329 -23.50 -9.29 -20.88
CA PHE E 329 -24.44 -10.39 -20.68
C PHE E 329 -24.97 -10.42 -19.26
N LEU E 330 -24.06 -10.32 -18.28
CA LEU E 330 -24.46 -10.36 -16.88
C LEU E 330 -25.34 -9.16 -16.53
N SER E 331 -24.99 -7.97 -17.03
CA SER E 331 -25.78 -6.78 -16.77
C SER E 331 -27.19 -6.92 -17.31
N GLY E 332 -27.34 -7.46 -18.53
CA GLY E 332 -28.67 -7.67 -19.07
C GLY E 332 -29.49 -8.63 -18.25
N LEU E 333 -28.85 -9.69 -17.75
CA LEU E 333 -29.55 -10.64 -16.89
C LEU E 333 -30.04 -9.98 -15.61
N ILE E 334 -29.19 -9.18 -14.97
CA ILE E 334 -29.60 -8.50 -13.74
C ILE E 334 -30.71 -7.49 -14.03
N LEU E 335 -30.64 -6.80 -15.17
CA LEU E 335 -31.72 -5.88 -15.53
C LEU E 335 -33.04 -6.61 -15.73
N TRP E 336 -33.01 -7.76 -16.41
CA TRP E 336 -34.24 -8.54 -16.57
C TRP E 336 -34.78 -8.98 -15.22
N HIS E 337 -33.90 -9.47 -14.34
CA HIS E 337 -34.35 -9.91 -13.03
C HIS E 337 -34.96 -8.77 -12.24
N LEU E 338 -34.34 -7.58 -12.28
CA LEU E 338 -34.88 -6.43 -11.58
C LEU E 338 -36.23 -6.01 -12.15
N GLN E 339 -36.38 -6.05 -13.47
CA GLN E 339 -37.66 -5.71 -14.08
C GLN E 339 -38.73 -6.76 -13.79
N GLN E 340 -38.32 -7.97 -13.40
CA GLN E 340 -39.32 -8.99 -13.09
C GLN E 340 -40.15 -8.66 -11.86
N GLN E 341 -39.57 -8.01 -10.85
CA GLN E 341 -40.33 -7.69 -9.64
C GLN E 341 -41.49 -6.75 -9.93
N GLN E 342 -41.27 -5.73 -10.77
CA GLN E 342 -42.30 -4.76 -11.07
C GLN E 342 -43.48 -5.40 -11.79
N SER F 9 -37.90 -13.25 -22.93
CA SER F 9 -38.19 -14.27 -21.93
C SER F 9 -37.10 -14.31 -20.87
N SER F 10 -35.90 -14.73 -21.26
CA SER F 10 -34.77 -14.81 -20.34
C SER F 10 -33.46 -14.71 -21.12
N PRO F 11 -32.60 -13.75 -20.77
CA PRO F 11 -31.30 -13.65 -21.48
C PRO F 11 -30.46 -14.90 -21.39
N ALA F 12 -30.50 -15.59 -20.25
CA ALA F 12 -29.75 -16.82 -20.07
C ALA F 12 -30.63 -18.01 -20.41
N ARG F 13 -30.14 -19.23 -20.14
CA ARG F 13 -30.90 -20.44 -20.39
C ARG F 13 -30.45 -21.50 -19.39
N LEU F 14 -31.38 -22.00 -18.59
CA LEU F 14 -31.08 -22.97 -17.56
C LEU F 14 -31.93 -24.21 -17.76
N LEU F 15 -31.31 -25.38 -17.61
CA LEU F 15 -31.99 -26.67 -17.67
C LEU F 15 -31.79 -27.34 -16.32
N ILE F 16 -32.68 -27.04 -15.38
CA ILE F 16 -32.58 -27.58 -14.02
C ILE F 16 -33.10 -29.00 -14.01
N PRO F 17 -32.30 -29.98 -13.60
CA PRO F 17 -32.75 -31.38 -13.63
C PRO F 17 -33.72 -31.70 -12.51
N GLU F 18 -35.01 -31.44 -12.74
CA GLU F 18 -36.03 -31.78 -11.76
C GLU F 18 -36.02 -33.29 -11.50
N PRO F 19 -36.35 -33.71 -10.28
CA PRO F 19 -36.21 -35.12 -9.91
C PRO F 19 -37.09 -36.03 -10.75
N ARG F 20 -36.80 -37.33 -10.64
CA ARG F 20 -37.50 -38.34 -11.43
C ARG F 20 -38.98 -38.37 -11.07
N ALA F 21 -39.82 -38.59 -12.09
CA ALA F 21 -41.27 -38.69 -11.88
C ALA F 21 -41.70 -40.06 -11.35
N GLY F 22 -40.79 -41.03 -11.32
CA GLY F 22 -41.13 -42.35 -10.82
C GLY F 22 -42.13 -43.11 -11.65
N ARG F 23 -41.99 -43.08 -12.97
CA ARG F 23 -42.88 -43.79 -13.88
C ARG F 23 -42.33 -45.15 -14.30
N ALA F 24 -41.18 -45.56 -13.76
CA ALA F 24 -40.67 -46.89 -14.04
C ALA F 24 -41.60 -47.97 -13.51
N ARG F 25 -42.18 -47.74 -12.33
CA ARG F 25 -43.13 -48.69 -11.76
C ARG F 25 -44.36 -48.82 -12.66
N HIS F 26 -44.82 -47.71 -13.23
CA HIS F 26 -45.96 -47.77 -14.15
C HIS F 26 -45.62 -48.58 -15.39
N ALA F 27 -44.40 -48.42 -15.91
CA ALA F 27 -43.98 -49.22 -17.06
C ALA F 27 -43.93 -50.70 -16.71
N ALA F 28 -43.41 -51.02 -15.51
CA ALA F 28 -43.39 -52.41 -15.08
C ALA F 28 -44.80 -52.97 -14.96
N CYS F 29 -45.73 -52.19 -14.40
CA CYS F 29 -47.09 -52.67 -14.24
C CYS F 29 -47.79 -52.87 -15.58
N VAL F 30 -47.59 -51.95 -16.53
CA VAL F 30 -48.24 -52.12 -17.83
C VAL F 30 -47.63 -53.29 -18.59
N LEU F 31 -46.31 -53.51 -18.44
CA LEU F 31 -45.70 -54.69 -19.04
C LEU F 31 -46.23 -55.96 -18.41
N LEU F 32 -46.46 -55.95 -17.09
CA LEU F 32 -47.03 -57.12 -16.43
C LEU F 32 -48.45 -57.39 -16.90
N ALA F 33 -49.24 -56.33 -17.08
CA ALA F 33 -50.59 -56.50 -17.63
C ALA F 33 -50.55 -57.06 -19.03
N VAL F 34 -49.61 -56.60 -19.85
CA VAL F 34 -49.42 -57.15 -21.18
C VAL F 34 -49.06 -58.62 -21.11
N CYS F 35 -48.21 -58.99 -20.15
CA CYS F 35 -47.83 -60.39 -19.97
C CYS F 35 -49.02 -61.26 -19.61
N PHE F 36 -49.87 -60.78 -18.68
CA PHE F 36 -51.09 -61.50 -18.36
C PHE F 36 -52.02 -61.62 -19.56
N VAL F 37 -52.13 -60.55 -20.36
CA VAL F 37 -52.97 -60.60 -21.55
C VAL F 37 -52.45 -61.64 -22.53
N VAL F 38 -51.14 -61.68 -22.73
CA VAL F 38 -50.54 -62.66 -23.62
C VAL F 38 -50.77 -64.08 -23.10
N LEU F 39 -50.59 -64.28 -21.80
CA LEU F 39 -50.81 -65.61 -21.22
C LEU F 39 -52.26 -66.03 -21.32
N PHE F 40 -53.18 -65.06 -21.33
CA PHE F 40 -54.60 -65.38 -21.50
C PHE F 40 -54.86 -66.03 -22.85
N LEU F 41 -54.21 -65.52 -23.89
CA LEU F 41 -54.32 -66.13 -25.21
C LEU F 41 -53.59 -67.46 -25.25
N SER F 42 -53.99 -68.30 -26.20
CA SER F 42 -53.41 -69.63 -26.39
C SER F 42 -53.50 -70.47 -25.12
N LEU F 46 -50.72 -75.99 -17.25
CA LEU F 46 -50.92 -74.60 -16.83
C LEU F 46 -50.90 -74.47 -15.32
N ALA F 47 -51.82 -75.20 -14.66
CA ALA F 47 -51.87 -75.18 -13.19
C ALA F 47 -50.57 -75.69 -12.55
N PRO F 48 -49.98 -76.81 -12.95
CA PRO F 48 -48.73 -77.24 -12.30
C PRO F 48 -47.58 -76.29 -12.50
N ILE F 49 -47.63 -75.40 -13.49
CA ILE F 49 -46.57 -74.42 -13.72
C ILE F 49 -46.46 -73.45 -12.55
N THR F 50 -47.53 -73.31 -11.76
CA THR F 50 -47.46 -72.46 -10.58
C THR F 50 -46.45 -72.97 -9.57
N ARG F 51 -46.31 -74.30 -9.45
CA ARG F 51 -45.29 -74.86 -8.56
C ARG F 51 -43.89 -74.48 -9.02
N ARG F 52 -43.63 -74.56 -10.32
CA ARG F 52 -42.32 -74.15 -10.84
C ARG F 52 -42.09 -72.66 -10.63
N VAL F 53 -43.14 -71.85 -10.82
CA VAL F 53 -43.02 -70.42 -10.59
C VAL F 53 -42.66 -70.13 -9.14
N CYS F 54 -43.33 -70.82 -8.21
CA CYS F 54 -43.05 -70.63 -6.79
C CYS F 54 -41.63 -71.07 -6.44
N THR F 55 -41.19 -72.19 -6.99
CA THR F 55 -39.83 -72.66 -6.72
C THR F 55 -38.79 -71.67 -7.25
N GLN F 56 -39.02 -71.13 -8.45
CA GLN F 56 -38.10 -70.14 -8.99
C GLN F 56 -38.12 -68.85 -8.16
N LEU F 57 -39.29 -68.46 -7.66
CA LEU F 57 -39.37 -67.31 -6.78
C LEU F 57 -38.58 -67.54 -5.49
N ALA F 58 -38.68 -68.74 -4.92
CA ALA F 58 -37.90 -69.06 -3.73
C ALA F 58 -36.41 -69.06 -4.02
N ALA F 59 -36.01 -69.56 -5.20
CA ALA F 59 -34.61 -69.54 -5.59
C ALA F 59 -34.10 -68.12 -5.73
N LEU F 60 -34.91 -67.23 -6.30
CA LEU F 60 -34.51 -65.83 -6.40
C LEU F 60 -34.49 -65.14 -5.04
N GLN F 61 -35.38 -65.55 -4.14
CA GLN F 61 -35.48 -64.92 -2.83
C GLN F 61 -34.36 -65.34 -1.89
N LEU F 62 -33.85 -66.57 -2.01
CA LEU F 62 -32.77 -67.00 -1.12
C LEU F 62 -31.48 -66.23 -1.35
N GLY F 63 -31.36 -65.51 -2.46
CA GLY F 63 -30.17 -64.69 -2.68
C GLY F 63 -30.01 -63.59 -1.65
N VAL F 64 -31.11 -62.91 -1.32
CA VAL F 64 -31.02 -61.86 -0.30
C VAL F 64 -30.76 -62.47 1.07
N LEU F 65 -31.25 -63.68 1.32
CA LEU F 65 -30.93 -64.36 2.58
C LEU F 65 -29.44 -64.66 2.66
N LEU F 66 -28.85 -65.15 1.58
CA LEU F 66 -27.41 -65.40 1.56
C LEU F 66 -26.63 -64.09 1.75
N LYS F 67 -27.07 -63.02 1.08
CA LYS F 67 -26.42 -61.73 1.23
C LYS F 67 -26.50 -61.23 2.68
N GLY F 68 -27.66 -61.40 3.32
CA GLY F 68 -27.79 -60.99 4.70
C GLY F 68 -26.93 -61.81 5.64
N CYS F 69 -26.83 -63.12 5.40
CA CYS F 69 -25.94 -63.96 6.19
C CYS F 69 -24.49 -63.50 6.06
N CYS F 70 -24.05 -63.22 4.82
CA CYS F 70 -22.68 -62.74 4.63
C CYS F 70 -22.48 -61.39 5.30
N CYS F 71 -23.48 -60.50 5.21
CA CYS F 71 -23.37 -59.18 5.82
C CYS F 71 -23.27 -59.27 7.33
N LEU F 72 -24.07 -60.15 7.96
CA LEU F 72 -23.97 -60.30 9.42
C LEU F 72 -22.65 -60.94 9.81
N ALA F 73 -22.15 -61.88 9.00
CA ALA F 73 -20.83 -62.45 9.26
C ALA F 73 -19.75 -61.38 9.22
N GLU F 74 -19.87 -60.42 8.30
CA GLU F 74 -18.91 -59.33 8.24
C GLU F 74 -19.13 -58.30 9.35
N GLU F 75 -20.36 -58.16 9.84
CA GLU F 75 -20.70 -57.16 10.84
C GLU F 75 -20.60 -57.69 12.27
N ILE F 76 -20.25 -58.96 12.45
CA ILE F 76 -19.98 -59.47 13.80
C ILE F 76 -18.94 -58.61 14.50
N PHE F 77 -17.89 -58.20 13.77
CA PHE F 77 -16.83 -57.40 14.37
C PHE F 77 -17.33 -56.01 14.78
N HIS F 78 -18.20 -55.41 13.95
CA HIS F 78 -18.74 -54.08 14.25
C HIS F 78 -19.95 -54.13 15.16
N LEU F 79 -20.37 -55.32 15.59
CA LEU F 79 -21.51 -55.44 16.48
C LEU F 79 -21.34 -54.58 17.73
N HIS F 80 -20.21 -54.73 18.43
CA HIS F 80 -20.01 -53.98 19.66
C HIS F 80 -19.89 -52.48 19.41
N SER F 81 -19.29 -52.10 18.29
CA SER F 81 -19.06 -50.69 18.01
C SER F 81 -20.33 -49.96 17.58
N ARG F 82 -21.25 -50.64 16.92
CA ARG F 82 -22.45 -49.99 16.37
C ARG F 82 -23.74 -50.44 17.01
N HIS F 83 -23.99 -51.76 17.06
CA HIS F 83 -25.31 -52.27 17.45
C HIS F 83 -25.36 -52.80 18.87
N HIS F 84 -24.23 -53.23 19.42
CA HIS F 84 -24.16 -53.80 20.78
C HIS F 84 -25.11 -54.99 20.94
N LEU F 87 -27.15 -58.46 19.94
CA LEU F 87 -27.10 -59.50 18.93
C LEU F 87 -28.26 -59.37 17.96
N TRP F 88 -29.44 -59.05 18.49
CA TRP F 88 -30.62 -58.93 17.65
C TRP F 88 -30.52 -57.74 16.70
N GLN F 89 -29.88 -56.66 17.12
CA GLN F 89 -29.77 -55.48 16.26
C GLN F 89 -28.94 -55.77 15.02
N VAL F 90 -27.87 -56.57 15.17
CA VAL F 90 -27.01 -56.88 14.03
C VAL F 90 -27.79 -57.65 12.97
N LEU F 91 -28.52 -58.69 13.38
CA LEU F 91 -29.29 -59.48 12.42
C LEU F 91 -30.46 -58.69 11.87
N CYS F 92 -31.03 -57.79 12.67
CA CYS F 92 -32.11 -56.93 12.15
C CYS F 92 -31.59 -56.00 11.07
N SER F 93 -30.38 -55.45 11.26
CA SER F 93 -29.83 -54.53 10.26
C SER F 93 -29.36 -55.26 9.02
N CYS F 94 -28.71 -56.42 9.18
CA CYS F 94 -28.19 -57.15 8.04
C CYS F 94 -29.31 -57.66 7.14
N PHE F 95 -30.37 -58.22 7.73
CA PHE F 95 -31.46 -58.80 6.94
C PHE F 95 -32.52 -57.75 6.66
N PRO F 96 -32.91 -57.55 5.41
CA PRO F 96 -34.07 -56.70 5.10
C PRO F 96 -35.32 -57.25 5.76
N PRO F 97 -36.21 -56.39 6.26
CA PRO F 97 -37.41 -56.89 6.95
C PRO F 97 -38.34 -57.70 6.07
N ARG F 98 -38.29 -57.55 4.75
CA ARG F 98 -39.14 -58.33 3.85
C ARG F 98 -38.48 -59.68 3.53
N TRP F 99 -38.38 -60.52 4.56
CA TRP F 99 -37.71 -61.81 4.45
C TRP F 99 -38.55 -62.97 4.95
N HIS F 100 -39.68 -62.72 5.62
CA HIS F 100 -40.53 -63.82 6.07
C HIS F 100 -41.11 -64.58 4.89
N LEU F 101 -41.54 -63.87 3.84
CA LEU F 101 -42.08 -64.53 2.66
C LEU F 101 -41.02 -65.37 1.96
N ALA F 102 -39.75 -64.94 2.02
CA ALA F 102 -38.68 -65.77 1.47
C ALA F 102 -38.57 -67.09 2.22
N LEU F 103 -38.64 -67.06 3.55
CA LEU F 103 -38.60 -68.29 4.32
C LEU F 103 -39.82 -69.17 4.03
N LEU F 104 -40.99 -68.55 3.87
CA LEU F 104 -42.19 -69.32 3.53
C LEU F 104 -42.03 -70.00 2.18
N LEU F 105 -41.49 -69.28 1.20
CA LEU F 105 -41.28 -69.86 -0.13
C LEU F 105 -40.26 -70.99 -0.09
N VAL F 106 -39.18 -70.82 0.67
CA VAL F 106 -38.17 -71.87 0.78
C VAL F 106 -38.77 -73.12 1.45
N GLY F 107 -39.55 -72.91 2.51
CA GLY F 107 -40.19 -74.04 3.16
C GLY F 107 -41.18 -74.76 2.26
N GLY F 108 -41.96 -74.00 1.50
CA GLY F 108 -42.88 -74.62 0.55
C GLY F 108 -42.17 -75.40 -0.53
N SER F 109 -41.07 -74.85 -1.06
CA SER F 109 -40.29 -75.57 -2.06
C SER F 109 -39.69 -76.84 -1.49
N ALA F 110 -39.18 -76.78 -0.26
CA ALA F 110 -38.61 -77.96 0.37
C ALA F 110 -39.68 -79.03 0.61
N TYR F 111 -40.86 -78.62 1.07
CA TYR F 111 -41.93 -79.58 1.31
C TYR F 111 -42.44 -80.19 0.02
N LEU F 112 -42.51 -79.39 -1.06
CA LEU F 112 -43.01 -79.90 -2.33
C LEU F 112 -42.11 -80.99 -2.88
N ASP F 113 -40.79 -80.80 -2.79
CA ASP F 113 -39.85 -81.79 -3.29
C ASP F 113 -39.86 -83.06 -2.44
N ARG F 123 -31.96 -83.08 -3.40
CA ARG F 123 -31.90 -81.63 -3.27
C ARG F 123 -30.92 -81.04 -4.29
N LEU F 124 -30.83 -81.68 -5.46
CA LEU F 124 -29.93 -81.19 -6.51
C LEU F 124 -30.37 -79.82 -7.02
N ALA F 125 -31.68 -79.62 -7.20
CA ALA F 125 -32.17 -78.34 -7.70
C ALA F 125 -31.85 -77.21 -6.73
N LEU F 126 -32.09 -77.43 -5.44
CA LEU F 126 -31.75 -76.42 -4.44
C LEU F 126 -30.24 -76.15 -4.42
N THR F 127 -29.45 -77.21 -4.53
CA THR F 127 -28.00 -77.05 -4.51
C THR F 127 -27.53 -76.21 -5.69
N LEU F 128 -28.03 -76.50 -6.90
CA LEU F 128 -27.59 -75.73 -8.06
C LEU F 128 -28.11 -74.30 -8.00
N SER F 129 -29.33 -74.10 -7.49
CA SER F 129 -29.87 -72.75 -7.39
C SER F 129 -29.05 -71.90 -6.42
N CYS F 130 -28.75 -72.45 -5.24
CA CYS F 130 -27.95 -71.68 -4.29
C CYS F 130 -26.53 -71.50 -4.79
N LEU F 131 -25.98 -72.50 -5.49
CA LEU F 131 -24.67 -72.35 -6.12
C LEU F 131 -24.65 -71.17 -7.08
N CYS F 132 -25.63 -71.09 -7.97
CA CYS F 132 -25.68 -69.99 -8.91
C CYS F 132 -25.84 -68.66 -8.19
N GLN F 133 -26.72 -68.60 -7.19
CA GLN F 133 -26.97 -67.34 -6.48
C GLN F 133 -25.70 -66.85 -5.79
N LEU F 134 -25.04 -67.72 -5.02
CA LEU F 134 -23.86 -67.28 -4.29
C LEU F 134 -22.65 -67.09 -5.19
N LEU F 135 -22.59 -67.79 -6.33
CA LEU F 135 -21.54 -67.52 -7.31
C LEU F 135 -21.72 -66.12 -7.91
N VAL F 136 -22.96 -65.76 -8.25
CA VAL F 136 -23.22 -64.40 -8.73
C VAL F 136 -22.87 -63.38 -7.68
N LEU F 137 -23.24 -63.65 -6.41
CA LEU F 137 -22.94 -62.70 -5.35
C LEU F 137 -21.44 -62.55 -5.13
N ALA F 138 -20.70 -63.66 -5.15
CA ALA F 138 -19.25 -63.60 -4.90
C ALA F 138 -18.51 -62.94 -6.05
N LEU F 139 -18.90 -63.25 -7.30
CA LEU F 139 -18.21 -62.68 -8.44
C LEU F 139 -18.39 -61.17 -8.50
N GLY F 140 -19.50 -60.66 -7.97
CA GLY F 140 -19.76 -59.23 -7.98
C GLY F 140 -19.96 -58.64 -9.36
N LEU F 141 -20.61 -59.39 -10.27
CA LEU F 141 -20.91 -58.90 -11.60
C LEU F 141 -22.22 -58.13 -11.67
N GLN F 142 -23.01 -58.12 -10.59
CA GLN F 142 -24.24 -57.35 -10.52
C GLN F 142 -23.98 -56.11 -9.68
N LYS F 143 -23.85 -54.97 -10.35
CA LYS F 143 -23.56 -53.70 -9.71
C LYS F 143 -24.64 -52.69 -10.08
N LEU F 144 -24.51 -51.48 -9.54
CA LEU F 144 -25.51 -50.43 -9.71
C LEU F 144 -25.13 -49.53 -10.87
N SER F 145 -26.09 -49.28 -11.76
CA SER F 145 -25.90 -48.35 -12.87
C SER F 145 -25.96 -46.92 -12.38
N ALA F 146 -25.78 -45.97 -13.30
CA ALA F 146 -25.70 -44.56 -12.92
C ALA F 146 -27.03 -44.02 -12.41
N VAL F 147 -28.15 -44.52 -12.94
CA VAL F 147 -29.45 -43.95 -12.61
C VAL F 147 -29.76 -44.11 -11.13
N GLU F 148 -29.62 -45.32 -10.60
CA GLU F 148 -30.01 -45.56 -9.21
C GLU F 148 -29.04 -44.91 -8.23
N VAL F 149 -27.74 -44.89 -8.55
CA VAL F 149 -26.80 -44.25 -7.64
C VAL F 149 -27.01 -42.73 -7.64
N SER F 150 -27.32 -42.16 -8.81
CA SER F 150 -27.64 -40.73 -8.84
C SER F 150 -28.91 -40.42 -8.08
N GLU F 151 -29.92 -41.30 -8.19
CA GLU F 151 -31.16 -41.10 -7.44
C GLU F 151 -30.92 -41.17 -5.94
N LEU F 152 -30.09 -42.13 -5.51
CA LEU F 152 -29.76 -42.21 -4.08
C LEU F 152 -28.98 -40.99 -3.63
N THR F 153 -28.06 -40.49 -4.47
CA THR F 153 -27.28 -39.31 -4.12
C THR F 153 -28.18 -38.09 -3.95
N GLU F 154 -29.13 -37.90 -4.86
CA GLU F 154 -29.96 -36.70 -4.83
C GLU F 154 -31.21 -36.86 -3.96
N SER F 155 -31.51 -38.06 -3.47
CA SER F 155 -32.71 -38.26 -2.67
C SER F 155 -32.45 -38.11 -1.16
N SER F 156 -31.26 -38.46 -0.70
CA SER F 156 -30.91 -38.32 0.71
C SER F 156 -30.60 -36.85 0.97
N LYS F 157 -31.57 -36.14 1.57
CA LYS F 157 -31.44 -34.70 1.73
C LYS F 157 -30.47 -34.33 2.85
N LYS F 158 -30.32 -35.19 3.86
CA LYS F 158 -29.55 -34.85 5.07
C LYS F 158 -28.26 -35.67 5.07
N ASN F 159 -27.23 -35.13 4.42
CA ASN F 159 -25.87 -35.67 4.47
C ASN F 159 -24.87 -34.54 4.62
N VAL F 160 -25.15 -33.62 5.56
CA VAL F 160 -24.37 -32.39 5.70
C VAL F 160 -23.00 -32.62 6.32
N ALA F 161 -22.65 -33.85 6.69
CA ALA F 161 -21.41 -34.08 7.43
C ALA F 161 -20.19 -33.73 6.57
N HIS F 162 -20.10 -34.29 5.37
CA HIS F 162 -18.92 -34.06 4.53
C HIS F 162 -18.85 -32.62 4.06
N GLY F 163 -19.99 -32.05 3.67
CA GLY F 163 -20.00 -30.65 3.25
C GLY F 163 -19.58 -29.70 4.36
N LEU F 164 -20.10 -29.93 5.57
CA LEU F 164 -19.72 -29.12 6.71
C LEU F 164 -18.24 -29.28 7.04
N ALA F 165 -17.71 -30.51 6.99
CA ALA F 165 -16.30 -30.72 7.26
C ALA F 165 -15.43 -29.98 6.27
N TRP F 166 -15.73 -30.12 4.97
CA TRP F 166 -14.93 -29.44 3.95
C TRP F 166 -15.04 -27.93 4.07
N SER F 167 -16.25 -27.41 4.29
CA SER F 167 -16.43 -25.97 4.41
C SER F 167 -15.70 -25.42 5.62
N TYR F 168 -15.80 -26.10 6.78
CA TYR F 168 -15.07 -25.67 7.96
C TYR F 168 -13.57 -25.66 7.71
N TYR F 169 -13.04 -26.75 7.15
CA TYR F 169 -11.60 -26.83 6.91
C TYR F 169 -11.13 -25.70 6.01
N ILE F 170 -11.76 -25.55 4.84
CA ILE F 170 -11.32 -24.55 3.86
C ILE F 170 -11.47 -23.14 4.42
N GLY F 171 -12.63 -22.85 5.02
CA GLY F 171 -12.90 -21.49 5.47
C GLY F 171 -12.05 -21.06 6.64
N TYR F 172 -11.83 -21.95 7.61
CA TYR F 172 -11.19 -21.57 8.86
C TYR F 172 -9.86 -22.25 9.08
N LEU F 173 -9.79 -23.57 8.95
CA LEU F 173 -8.60 -24.30 9.39
C LEU F 173 -7.43 -24.17 8.42
N LYS F 174 -7.66 -23.74 7.19
CA LYS F 174 -6.60 -23.57 6.21
C LYS F 174 -6.11 -22.12 6.13
N VAL F 175 -6.63 -21.24 6.98
CA VAL F 175 -6.22 -19.83 6.96
C VAL F 175 -5.70 -19.33 8.29
N VAL F 176 -6.07 -19.90 9.44
CA VAL F 176 -5.59 -19.44 10.72
C VAL F 176 -4.55 -20.37 11.33
N LEU F 177 -4.58 -21.66 11.02
CA LEU F 177 -3.60 -22.58 11.58
C LEU F 177 -2.16 -22.27 11.17
N PRO F 178 -1.84 -22.00 9.90
CA PRO F 178 -0.44 -21.64 9.58
C PRO F 178 0.04 -20.39 10.30
N ARG F 179 -0.84 -19.42 10.51
CA ARG F 179 -0.48 -18.19 11.23
C ARG F 179 -0.86 -18.30 12.71
N LEU F 180 -0.30 -19.33 13.35
CA LEU F 180 -0.51 -19.55 14.78
C LEU F 180 0.74 -19.35 15.61
N LYS F 181 1.92 -19.58 15.03
CA LYS F 181 3.16 -19.35 15.76
C LYS F 181 3.38 -17.87 16.05
N GLU F 182 3.09 -17.01 15.07
CA GLU F 182 3.38 -15.59 15.24
C GLU F 182 2.40 -14.91 16.19
N CYS F 183 1.13 -15.26 16.10
CA CYS F 183 0.16 -14.67 17.01
C CYS F 183 0.52 -14.96 18.46
N MET F 184 0.80 -16.22 18.77
CA MET F 184 1.22 -16.57 20.12
C MET F 184 2.63 -16.07 20.45
N GLU F 185 3.44 -15.76 19.43
CA GLU F 185 4.72 -15.12 19.69
C GLU F 185 4.53 -13.71 20.25
N GLU F 186 3.68 -12.91 19.62
CA GLU F 186 3.31 -11.63 20.20
C GLU F 186 2.59 -11.79 21.54
N ILE F 187 1.76 -12.82 21.69
CA ILE F 187 1.12 -13.06 22.98
C ILE F 187 2.18 -13.29 24.06
N SER F 188 3.18 -14.13 23.77
CA SER F 188 4.25 -14.38 24.73
C SER F 188 5.10 -13.13 24.96
N ARG F 189 5.22 -12.28 23.94
CA ARG F 189 5.87 -10.99 24.14
C ARG F 189 5.12 -10.16 25.17
N THR F 190 3.79 -10.18 25.10
CA THR F 190 2.99 -9.47 26.09
C THR F 190 3.22 -10.03 27.50
N ASN F 191 3.19 -11.35 27.65
CA ASN F 191 3.49 -11.99 28.92
C ASN F 191 4.27 -13.29 28.69
N PRO F 192 5.51 -13.36 29.14
CA PRO F 192 6.36 -14.54 28.87
C PRO F 192 5.96 -15.80 29.61
N MET F 193 4.78 -15.85 30.24
CA MET F 193 4.41 -17.01 31.05
C MET F 193 4.32 -18.27 30.22
N LEU F 194 3.73 -18.18 29.02
CA LEU F 194 3.57 -19.36 28.16
C LEU F 194 4.80 -19.64 27.31
N ARG F 195 5.86 -18.84 27.42
CA ARG F 195 7.08 -19.14 26.67
C ARG F 195 7.75 -20.41 27.17
N ALA F 196 7.54 -20.76 28.44
CA ALA F 196 8.14 -21.98 28.98
C ALA F 196 7.61 -23.22 28.28
N HIS F 197 6.30 -23.26 28.03
CA HIS F 197 5.68 -24.38 27.33
C HIS F 197 5.77 -24.13 25.82
N ARG F 198 6.65 -24.87 25.15
CA ARG F 198 6.84 -24.72 23.71
C ARG F 198 6.31 -25.88 22.89
N ASP F 199 6.15 -27.07 23.47
CA ASP F 199 5.68 -28.24 22.76
C ASP F 199 4.16 -28.32 22.69
N THR F 200 3.44 -27.37 23.29
CA THR F 200 1.99 -27.33 23.25
C THR F 200 1.56 -26.02 22.60
N TRP F 201 2.19 -25.70 21.48
CA TRP F 201 1.87 -24.50 20.71
C TRP F 201 0.97 -24.82 19.51
N LYS F 202 -0.19 -25.40 19.78
CA LYS F 202 -1.12 -25.79 18.74
C LYS F 202 -2.56 -25.56 19.22
N LEU F 203 -3.43 -25.26 18.26
CA LEU F 203 -4.82 -24.97 18.58
C LEU F 203 -5.57 -26.25 18.94
N HIS F 204 -6.29 -26.22 20.05
CA HIS F 204 -7.10 -27.35 20.50
C HIS F 204 -8.54 -27.14 20.08
N ILE F 205 -9.15 -28.20 19.54
CA ILE F 205 -10.52 -28.17 19.05
C ILE F 205 -11.35 -29.17 19.84
N LEU F 206 -12.47 -28.71 20.41
CA LEU F 206 -13.37 -29.56 21.16
C LEU F 206 -14.59 -29.88 20.29
N VAL F 207 -14.85 -31.16 20.09
CA VAL F 207 -15.98 -31.60 19.28
C VAL F 207 -16.84 -32.58 20.08
N PRO F 208 -17.73 -32.10 20.95
CA PRO F 208 -18.63 -33.01 21.66
C PRO F 208 -19.51 -33.77 20.69
N LEU F 209 -19.68 -35.07 20.94
CA LEU F 209 -20.47 -35.89 20.03
C LEU F 209 -21.96 -35.55 20.11
N GLY F 210 -22.39 -34.77 21.10
CA GLY F 210 -23.72 -34.21 21.09
C GLY F 210 -23.75 -32.92 20.29
N CYS F 211 -24.42 -31.89 20.80
CA CYS F 211 -24.40 -30.59 20.14
C CYS F 211 -24.33 -29.40 21.08
N ASP F 212 -24.20 -29.61 22.39
CA ASP F 212 -24.14 -28.49 23.32
C ASP F 212 -22.87 -27.67 23.12
N ILE F 213 -23.01 -26.35 23.12
CA ILE F 213 -21.90 -25.43 22.95
C ILE F 213 -22.02 -24.35 24.02
N TRP F 214 -20.94 -24.14 24.77
CA TRP F 214 -20.90 -23.11 25.80
C TRP F 214 -20.29 -21.84 25.23
N ASP F 215 -21.00 -20.72 25.36
CA ASP F 215 -20.48 -19.45 24.87
C ASP F 215 -19.39 -18.92 25.80
N ASP F 216 -19.54 -19.09 27.10
CA ASP F 216 -18.54 -18.71 28.10
C ASP F 216 -17.88 -19.99 28.58
N LEU F 217 -16.73 -20.33 27.98
CA LEU F 217 -16.04 -21.57 28.32
C LEU F 217 -15.54 -21.57 29.76
N GLU F 218 -15.36 -20.38 30.35
CA GLU F 218 -15.00 -20.30 31.76
C GLU F 218 -16.10 -20.87 32.66
N LYS F 219 -17.33 -20.92 32.18
CA LYS F 219 -18.45 -21.43 32.97
C LYS F 219 -18.66 -22.93 32.81
N ALA F 220 -18.14 -23.52 31.73
CA ALA F 220 -18.30 -24.96 31.53
C ALA F 220 -17.62 -25.76 32.64
N ASP F 221 -16.40 -25.36 33.01
CA ASP F 221 -15.68 -25.99 34.11
C ASP F 221 -15.12 -24.92 35.02
N SER F 222 -15.03 -25.23 36.31
CA SER F 222 -14.58 -24.25 37.29
C SER F 222 -13.07 -24.04 37.25
N ASN F 223 -12.32 -24.93 36.61
CA ASN F 223 -10.86 -24.85 36.58
C ASN F 223 -10.32 -24.19 35.32
N ILE F 224 -11.18 -23.71 34.42
CA ILE F 224 -10.76 -23.02 33.21
C ILE F 224 -10.99 -21.52 33.41
N GLN F 225 -9.91 -20.75 33.32
CA GLN F 225 -9.98 -19.31 33.53
C GLN F 225 -9.22 -18.59 32.42
N TYR F 226 -9.72 -17.41 32.07
CA TYR F 226 -9.10 -16.59 31.03
C TYR F 226 -7.72 -16.10 31.48
N LEU F 227 -6.87 -15.83 30.49
CA LEU F 227 -5.57 -15.22 30.77
C LEU F 227 -5.36 -14.01 29.87
N ALA F 228 -5.92 -14.06 28.66
CA ALA F 228 -5.77 -12.96 27.71
C ALA F 228 -6.85 -13.09 26.63
N ASP F 229 -7.64 -12.04 26.45
CA ASP F 229 -8.62 -11.99 25.36
C ASP F 229 -8.73 -10.52 24.94
N LEU F 230 -7.96 -10.14 23.94
CA LEU F 230 -8.00 -8.78 23.43
C LEU F 230 -9.21 -8.61 22.51
N PRO F 231 -9.83 -7.43 22.50
CA PRO F 231 -11.00 -7.22 21.65
C PRO F 231 -10.64 -7.35 20.17
N GLU F 232 -11.59 -7.89 19.40
CA GLU F 232 -11.43 -8.03 17.96
C GLU F 232 -12.81 -8.02 17.32
N THR F 233 -12.90 -7.37 16.16
CA THR F 233 -14.15 -7.27 15.41
C THR F 233 -14.05 -8.13 14.16
N ILE F 234 -15.07 -8.94 13.92
CA ILE F 234 -15.15 -9.79 12.74
C ILE F 234 -15.97 -9.04 11.69
N LEU F 235 -15.32 -8.69 10.58
CA LEU F 235 -15.93 -7.87 9.54
C LEU F 235 -16.08 -8.69 8.27
N THR F 236 -17.28 -8.65 7.68
CA THR F 236 -17.56 -9.29 6.41
C THR F 236 -18.06 -8.22 5.44
N ARG F 237 -17.36 -8.06 4.32
CA ARG F 237 -17.75 -7.09 3.30
C ARG F 237 -18.32 -7.84 2.11
N ALA F 238 -19.63 -7.74 1.93
CA ALA F 238 -20.35 -8.41 0.84
C ALA F 238 -20.08 -9.92 0.84
N GLY F 239 -20.08 -10.51 2.03
CA GLY F 239 -19.89 -11.93 2.18
C GLY F 239 -18.46 -12.40 2.31
N ILE F 240 -17.49 -11.50 2.23
CA ILE F 240 -16.08 -11.85 2.34
C ILE F 240 -15.63 -11.57 3.77
N LYS F 241 -15.32 -12.63 4.51
CA LYS F 241 -14.97 -12.50 5.91
C LYS F 241 -13.50 -12.10 6.07
N ARG F 242 -13.25 -11.20 7.01
CA ARG F 242 -11.88 -10.77 7.30
C ARG F 242 -11.18 -11.78 8.18
N ARG F 243 -9.86 -11.85 8.04
CA ARG F 243 -9.06 -12.83 8.77
C ARG F 243 -9.07 -12.54 10.26
N VAL F 244 -8.92 -13.60 11.06
CA VAL F 244 -8.87 -13.50 12.51
C VAL F 244 -7.41 -13.49 12.94
N TYR F 245 -7.03 -12.46 13.70
CA TYR F 245 -5.65 -12.26 14.11
C TYR F 245 -5.44 -12.50 15.61
N LYS F 246 -6.44 -13.00 16.32
CA LYS F 246 -6.32 -13.21 17.75
C LYS F 246 -7.05 -14.47 18.16
N HIS F 247 -6.43 -15.24 19.05
CA HIS F 247 -7.02 -16.43 19.63
C HIS F 247 -7.04 -16.29 21.15
N SER F 248 -8.13 -16.73 21.77
CA SER F 248 -8.31 -16.54 23.20
C SER F 248 -7.44 -17.52 23.98
N LEU F 249 -6.52 -16.99 24.78
CA LEU F 249 -5.66 -17.81 25.63
C LEU F 249 -6.34 -18.05 26.96
N TYR F 250 -6.26 -19.29 27.43
CA TYR F 250 -6.90 -19.71 28.68
C TYR F 250 -5.85 -20.23 29.66
N VAL F 251 -6.31 -20.56 30.86
CA VAL F 251 -5.47 -21.18 31.88
C VAL F 251 -6.32 -22.22 32.59
N ILE F 252 -5.98 -23.49 32.43
CA ILE F 252 -6.66 -24.58 33.13
C ILE F 252 -5.90 -24.87 34.42
N ARG F 253 -6.57 -24.69 35.55
CA ARG F 253 -5.94 -24.94 36.84
C ARG F 253 -5.77 -26.43 37.06
N ASP F 254 -4.53 -26.86 37.27
CA ASP F 254 -4.22 -28.24 37.60
C ASP F 254 -4.48 -28.44 39.09
N LYS F 255 -3.99 -29.55 39.65
CA LYS F 255 -3.99 -29.72 41.10
C LYS F 255 -3.03 -28.71 41.73
N ASP F 256 -2.84 -28.77 43.04
CA ASP F 256 -2.04 -27.74 43.69
C ASP F 256 -0.56 -27.95 43.39
N ASN F 257 -0.20 -27.94 42.11
CA ASN F 257 1.19 -28.06 41.67
C ASN F 257 1.61 -26.98 40.70
N LYS F 258 0.75 -26.59 39.76
CA LYS F 258 1.10 -25.62 38.72
C LYS F 258 -0.16 -25.24 37.96
N LEU F 259 0.01 -24.35 36.99
CA LEU F 259 -1.06 -23.89 36.10
C LEU F 259 -0.58 -23.99 34.66
N ARG F 260 -1.50 -24.30 33.75
CA ARG F 260 -1.14 -24.51 32.35
C ARG F 260 -2.02 -23.69 31.42
N PRO F 261 -1.46 -23.09 30.38
CA PRO F 261 -2.25 -22.35 29.41
C PRO F 261 -2.67 -23.19 28.21
N CYS F 262 -3.67 -22.69 27.49
CA CYS F 262 -4.21 -23.38 26.33
C CYS F 262 -4.85 -22.37 25.38
N VAL F 263 -5.08 -22.82 24.15
CA VAL F 263 -5.88 -22.10 23.16
C VAL F 263 -7.01 -23.04 22.76
N LEU F 264 -8.24 -22.64 23.07
CA LEU F 264 -9.39 -23.53 22.96
C LEU F 264 -10.43 -22.97 22.00
N GLU F 265 -11.10 -23.87 21.28
CA GLU F 265 -12.16 -23.52 20.36
C GLU F 265 -13.19 -24.65 20.34
N PHE F 266 -14.39 -24.30 19.88
CA PHE F 266 -15.46 -25.25 19.62
C PHE F 266 -15.68 -25.37 18.13
N ALA F 267 -16.46 -26.39 17.74
CA ALA F 267 -16.75 -26.65 16.34
C ALA F 267 -18.04 -25.93 15.95
N SER F 268 -17.91 -24.94 15.06
CA SER F 268 -19.09 -24.27 14.52
C SER F 268 -20.05 -25.21 13.80
N PRO F 269 -19.61 -26.20 13.01
CA PRO F 269 -20.58 -27.12 12.41
C PRO F 269 -21.47 -27.84 13.42
N LEU F 270 -21.00 -28.09 14.64
CA LEU F 270 -21.89 -28.66 15.65
C LEU F 270 -23.00 -27.68 16.02
N GLN F 271 -22.69 -26.39 16.08
CA GLN F 271 -23.72 -25.39 16.27
C GLN F 271 -24.67 -25.36 15.06
N THR F 272 -24.13 -25.61 13.86
CA THR F 272 -24.98 -25.71 12.68
C THR F 272 -25.96 -26.87 12.80
N LEU F 273 -25.48 -28.03 13.25
CA LEU F 273 -26.37 -29.17 13.49
C LEU F 273 -27.44 -28.82 14.53
N CYS F 274 -27.03 -28.15 15.62
CA CYS F 274 -28.00 -27.78 16.65
C CYS F 274 -29.08 -26.86 16.09
N ALA F 275 -28.67 -25.83 15.33
CA ALA F 275 -29.63 -24.90 14.76
C ALA F 275 -30.53 -25.58 13.73
N MET F 276 -29.99 -26.50 12.93
CA MET F 276 -30.81 -27.25 12.01
C MET F 276 -31.82 -28.11 12.74
N SER F 277 -31.42 -28.74 13.85
CA SER F 277 -32.34 -29.53 14.64
C SER F 277 -33.43 -28.68 15.27
N GLN F 278 -33.12 -27.42 15.62
CA GLN F 278 -34.13 -26.54 16.19
C GLN F 278 -35.24 -26.22 15.18
N ASP F 279 -34.89 -26.10 13.89
CA ASP F 279 -35.88 -25.71 12.89
C ASP F 279 -36.93 -26.80 12.70
N ASP F 280 -38.19 -26.38 12.57
CA ASP F 280 -39.27 -27.31 12.34
C ASP F 280 -39.32 -27.79 10.90
N CYS F 281 -39.02 -26.90 9.94
CA CYS F 281 -39.05 -27.28 8.54
C CYS F 281 -37.97 -28.30 8.20
N ALA F 282 -36.84 -28.26 8.91
CA ALA F 282 -35.78 -29.23 8.67
C ALA F 282 -36.21 -30.64 9.02
N ALA F 283 -37.01 -30.79 10.09
CA ALA F 283 -37.44 -32.10 10.58
C ALA F 283 -36.23 -33.00 10.87
N PHE F 284 -35.30 -32.47 11.66
CA PHE F 284 -34.03 -33.13 11.96
C PHE F 284 -34.07 -33.61 13.40
N SER F 285 -33.96 -34.93 13.59
CA SER F 285 -34.18 -35.55 14.88
C SER F 285 -32.87 -35.65 15.67
N ARG F 286 -32.91 -36.39 16.78
CA ARG F 286 -31.78 -36.51 17.71
C ARG F 286 -30.82 -37.62 17.30
N GLU F 287 -31.33 -38.80 16.97
CA GLU F 287 -30.46 -39.90 16.55
C GLU F 287 -29.73 -39.55 15.26
N GLN F 288 -30.44 -38.93 14.31
CA GLN F 288 -29.79 -38.46 13.10
C GLN F 288 -28.73 -37.42 13.41
N ARG F 289 -29.00 -36.55 14.39
CA ARG F 289 -28.02 -35.56 14.79
C ARG F 289 -26.76 -36.22 15.35
N LEU F 290 -26.92 -37.23 16.19
CA LEU F 290 -25.77 -37.95 16.73
C LEU F 290 -24.97 -38.62 15.62
N GLU F 291 -25.67 -39.27 14.69
CA GLU F 291 -24.98 -39.95 13.60
C GLU F 291 -24.22 -38.95 12.73
N GLN F 292 -24.85 -37.82 12.40
CA GLN F 292 -24.19 -36.81 11.59
C GLN F 292 -23.02 -36.19 12.31
N ALA F 293 -23.13 -36.01 13.64
CA ALA F 293 -22.01 -35.48 14.40
C ALA F 293 -20.82 -36.42 14.39
N ARG F 294 -21.07 -37.73 14.57
CA ARG F 294 -19.99 -38.69 14.52
C ARG F 294 -19.35 -38.74 13.13
N LEU F 295 -20.18 -38.69 12.08
CA LEU F 295 -19.64 -38.73 10.73
C LEU F 295 -18.83 -37.47 10.42
N PHE F 296 -19.30 -36.31 10.91
CA PHE F 296 -18.54 -35.08 10.73
C PHE F 296 -17.21 -35.14 11.46
N TYR F 297 -17.21 -35.69 12.68
CA TYR F 297 -15.95 -35.87 13.42
C TYR F 297 -14.97 -36.73 12.63
N ARG F 298 -15.44 -37.88 12.12
CA ARG F 298 -14.57 -38.76 11.36
C ARG F 298 -14.06 -38.10 10.09
N SER F 299 -14.95 -37.40 9.37
CA SER F 299 -14.56 -36.75 8.13
C SER F 299 -13.54 -35.65 8.37
N LEU F 300 -13.74 -34.83 9.41
CA LEU F 300 -12.78 -33.78 9.72
C LEU F 300 -11.44 -34.36 10.13
N ARG F 301 -11.45 -35.43 10.93
CA ARG F 301 -10.20 -36.07 11.31
C ARG F 301 -9.46 -36.61 10.10
N ASP F 302 -10.18 -37.25 9.18
CA ASP F 302 -9.52 -37.79 8.00
C ASP F 302 -9.03 -36.70 7.05
N ILE F 303 -9.75 -35.57 6.98
CA ILE F 303 -9.32 -34.46 6.13
C ILE F 303 -8.07 -33.81 6.70
N LEU F 304 -8.03 -33.61 8.02
CA LEU F 304 -6.86 -32.98 8.62
C LEU F 304 -5.67 -33.92 8.68
N GLY F 305 -5.91 -35.24 8.71
CA GLY F 305 -4.82 -36.19 8.77
C GLY F 305 -3.96 -36.20 7.52
N SER F 306 -4.57 -36.03 6.36
CA SER F 306 -3.87 -36.05 5.09
C SER F 306 -3.59 -34.65 4.54
N SER F 307 -3.39 -33.68 5.42
CA SER F 307 -3.07 -32.32 5.02
C SER F 307 -1.58 -32.05 5.21
N LYS F 308 -1.13 -30.92 4.67
CA LYS F 308 0.28 -30.55 4.70
C LYS F 308 0.52 -29.26 5.47
N GLU F 309 -0.26 -28.21 5.20
CA GLU F 309 -0.10 -26.96 5.94
C GLU F 309 -0.40 -27.15 7.41
N CYS F 310 -1.45 -27.90 7.74
CA CYS F 310 -1.81 -28.20 9.12
C CYS F 310 -1.21 -29.54 9.56
N ALA F 311 0.11 -29.65 9.46
CA ALA F 311 0.78 -30.93 9.76
C ALA F 311 0.65 -31.27 11.23
N GLY F 312 1.00 -30.33 12.12
CA GLY F 312 0.98 -30.60 13.55
C GLY F 312 0.54 -29.42 14.38
N LEU F 313 -0.17 -28.47 13.76
CA LEU F 313 -0.61 -27.26 14.44
C LEU F 313 -2.03 -27.38 14.96
N TYR F 314 -2.47 -28.58 15.33
CA TYR F 314 -3.83 -28.78 15.80
C TYR F 314 -3.85 -29.99 16.73
N ARG F 315 -4.91 -30.05 17.54
CA ARG F 315 -5.22 -31.26 18.30
C ARG F 315 -6.70 -31.21 18.63
N LEU F 316 -7.49 -32.07 18.00
CA LEU F 316 -8.94 -32.08 18.16
C LEU F 316 -9.34 -33.11 19.20
N ILE F 317 -10.20 -32.70 20.13
CA ILE F 317 -10.61 -33.52 21.27
C ILE F 317 -12.09 -33.84 21.11
N ALA F 318 -12.40 -35.14 21.02
CA ALA F 318 -13.77 -35.62 20.93
C ALA F 318 -14.13 -36.33 22.22
N TYR F 319 -15.27 -35.96 22.81
CA TYR F 319 -15.72 -36.56 24.05
C TYR F 319 -17.24 -36.73 24.02
N GLU F 320 -17.71 -37.77 24.70
CA GLU F 320 -19.13 -38.00 24.91
C GLU F 320 -19.45 -37.78 26.38
N GLU F 321 -20.48 -36.97 26.64
CA GLU F 321 -20.79 -36.59 28.01
C GLU F 321 -21.15 -37.83 28.83
N PRO F 322 -20.60 -37.98 30.03
CA PRO F 322 -20.81 -39.21 30.80
C PRO F 322 -22.20 -39.24 31.44
N ALA F 323 -22.66 -40.46 31.72
CA ALA F 323 -23.95 -40.63 32.37
C ALA F 323 -23.89 -40.15 33.82
N GLU F 324 -22.83 -40.47 34.54
CA GLU F 324 -22.69 -40.03 35.91
C GLU F 324 -22.38 -38.53 35.94
N PRO F 325 -22.95 -37.79 36.90
CA PRO F 325 -22.71 -36.33 36.98
C PRO F 325 -21.33 -36.05 37.55
N GLU F 326 -20.45 -35.50 36.72
CA GLU F 326 -19.11 -35.08 37.13
C GLU F 326 -18.95 -33.59 36.84
N SER F 327 -18.56 -32.83 37.85
CA SER F 327 -18.46 -31.38 37.72
C SER F 327 -17.12 -30.92 37.16
N HIS F 328 -16.14 -31.80 37.03
CA HIS F 328 -14.81 -31.44 36.53
C HIS F 328 -14.35 -32.47 35.50
N PHE F 329 -15.24 -32.82 34.57
CA PHE F 329 -14.92 -33.82 33.57
C PHE F 329 -14.08 -33.24 32.43
N LEU F 330 -14.52 -32.11 31.88
CA LEU F 330 -13.82 -31.53 30.73
C LEU F 330 -12.40 -31.10 31.09
N SER F 331 -12.23 -30.50 32.27
CA SER F 331 -10.91 -30.04 32.69
C SER F 331 -9.94 -31.20 32.82
N GLY F 332 -10.38 -32.31 33.42
CA GLY F 332 -9.53 -33.49 33.50
C GLY F 332 -9.16 -34.04 32.14
N LEU F 333 -10.14 -34.06 31.22
CA LEU F 333 -9.88 -34.57 29.87
C LEU F 333 -8.84 -33.72 29.15
N ILE F 334 -8.97 -32.39 29.23
CA ILE F 334 -8.02 -31.55 28.53
C ILE F 334 -6.65 -31.60 29.21
N LEU F 335 -6.61 -31.75 30.54
CA LEU F 335 -5.34 -31.93 31.21
C LEU F 335 -4.65 -33.23 30.79
N TRP F 336 -5.44 -34.30 30.64
CA TRP F 336 -4.88 -35.55 30.13
C TRP F 336 -4.35 -35.39 28.71
N HIS F 337 -5.09 -34.67 27.87
CA HIS F 337 -4.62 -34.43 26.50
C HIS F 337 -3.33 -33.62 26.50
N LEU F 338 -3.21 -32.67 27.42
CA LEU F 338 -1.97 -31.91 27.54
C LEU F 338 -0.83 -32.81 28.02
N GLN F 339 -1.10 -33.71 28.95
CA GLN F 339 -0.06 -34.60 29.46
C GLN F 339 0.46 -35.52 28.36
N GLN F 340 -0.45 -36.10 27.57
CA GLN F 340 0.00 -36.87 26.41
C GLN F 340 0.62 -36.00 25.33
N GLN F 341 0.27 -34.71 25.28
CA GLN F 341 0.92 -33.80 24.34
C GLN F 341 2.39 -33.62 24.68
N GLN F 342 2.71 -33.58 25.97
CA GLN F 342 4.10 -33.46 26.43
C GLN F 342 4.88 -34.74 26.14
N SER G 10 23.24 -42.92 3.07
CA SER G 10 22.32 -41.82 2.77
C SER G 10 21.10 -41.87 3.68
N PRO G 11 20.71 -40.71 4.21
CA PRO G 11 19.51 -40.67 5.07
C PRO G 11 18.25 -41.14 4.38
N ALA G 12 18.11 -40.90 3.08
CA ALA G 12 16.94 -41.30 2.31
C ALA G 12 17.41 -42.06 1.07
N ARG G 13 17.44 -43.39 1.16
CA ARG G 13 17.82 -44.21 0.02
C ARG G 13 16.77 -44.10 -1.07
N LEU G 14 17.15 -43.52 -2.21
CA LEU G 14 16.20 -43.24 -3.28
C LEU G 14 16.04 -44.45 -4.19
N LEU G 15 14.80 -44.67 -4.63
CA LEU G 15 14.46 -45.74 -5.57
C LEU G 15 14.08 -45.08 -6.89
N ILE G 16 15.03 -45.02 -7.82
CA ILE G 16 14.81 -44.38 -9.11
C ILE G 16 14.80 -45.45 -10.19
N PRO G 17 13.87 -45.39 -11.13
CA PRO G 17 13.84 -46.40 -12.20
C PRO G 17 15.03 -46.28 -13.13
N GLU G 18 15.36 -47.40 -13.76
CA GLU G 18 16.43 -47.49 -14.74
C GLU G 18 15.86 -47.86 -16.10
N PRO G 19 16.52 -47.48 -17.19
CA PRO G 19 16.00 -47.82 -18.52
C PRO G 19 15.92 -49.32 -18.71
N ARG G 20 14.88 -49.76 -19.42
CA ARG G 20 14.67 -51.18 -19.66
C ARG G 20 15.75 -51.73 -20.58
N ALA G 21 16.25 -52.91 -20.25
CA ALA G 21 17.32 -53.53 -21.03
C ALA G 21 16.83 -54.16 -22.32
N GLY G 22 15.52 -54.29 -22.50
CA GLY G 22 15.01 -54.90 -23.72
C GLY G 22 15.40 -56.36 -23.88
N ARG G 23 15.30 -57.14 -22.81
CA ARG G 23 15.69 -58.55 -22.83
C ARG G 23 14.53 -59.47 -23.18
N ALA G 24 13.37 -58.93 -23.52
CA ALA G 24 12.27 -59.77 -24.00
C ALA G 24 12.61 -60.45 -25.31
N ARG G 25 13.47 -59.83 -26.12
CA ARG G 25 13.88 -60.45 -27.38
C ARG G 25 14.68 -61.72 -27.14
N HIS G 26 15.54 -61.73 -26.12
CA HIS G 26 16.28 -62.94 -25.79
C HIS G 26 15.34 -64.03 -25.26
N ALA G 27 14.30 -63.64 -24.54
CA ALA G 27 13.27 -64.60 -24.15
C ALA G 27 12.57 -65.17 -25.38
N ALA G 28 12.29 -64.32 -26.36
CA ALA G 28 11.70 -64.81 -27.61
C ALA G 28 12.63 -65.78 -28.32
N CYS G 29 13.94 -65.49 -28.31
CA CYS G 29 14.89 -66.37 -28.98
C CYS G 29 15.01 -67.72 -28.27
N VAL G 30 15.06 -67.72 -26.93
CA VAL G 30 15.13 -68.99 -26.22
C VAL G 30 13.84 -69.77 -26.39
N LEU G 31 12.70 -69.08 -26.50
CA LEU G 31 11.46 -69.76 -26.83
C LEU G 31 11.49 -70.32 -28.26
N LEU G 32 12.10 -69.59 -29.20
CA LEU G 32 12.34 -70.14 -30.53
C LEU G 32 13.08 -71.47 -30.43
N ALA G 33 14.18 -71.48 -29.70
CA ALA G 33 15.00 -72.70 -29.59
C ALA G 33 14.22 -73.83 -28.93
N VAL G 34 13.49 -73.51 -27.85
CA VAL G 34 12.75 -74.54 -27.12
C VAL G 34 11.66 -75.13 -28.01
N CYS G 35 10.91 -74.28 -28.71
CA CYS G 35 9.87 -74.77 -29.59
C CYS G 35 10.47 -75.60 -30.72
N PHE G 36 11.60 -75.18 -31.27
CA PHE G 36 12.24 -75.94 -32.35
C PHE G 36 12.66 -77.32 -31.87
N VAL G 37 13.32 -77.40 -30.71
CA VAL G 37 13.79 -78.69 -30.24
C VAL G 37 12.62 -79.58 -29.81
N VAL G 38 11.52 -78.97 -29.33
CA VAL G 38 10.36 -79.77 -28.96
C VAL G 38 9.67 -80.34 -30.20
N LEU G 39 9.51 -79.51 -31.24
CA LEU G 39 8.83 -79.96 -32.44
C LEU G 39 9.68 -80.98 -33.21
N PHE G 40 11.00 -80.81 -33.19
CA PHE G 40 11.87 -81.75 -33.90
C PHE G 40 11.76 -83.15 -33.33
N LEU G 41 11.74 -83.26 -32.00
CA LEU G 41 11.63 -84.56 -31.36
C LEU G 41 10.25 -85.16 -31.61
N SER G 42 10.22 -86.45 -31.90
CA SER G 42 8.99 -87.19 -32.18
C SER G 42 8.18 -86.55 -33.30
N LEU G 46 9.18 -83.47 -43.55
CA LEU G 46 7.94 -82.78 -43.17
C LEU G 46 7.78 -81.49 -43.97
N ALA G 47 8.07 -81.57 -45.27
CA ALA G 47 7.93 -80.40 -46.14
C ALA G 47 6.51 -79.86 -46.21
N PRO G 48 5.46 -80.68 -46.38
CA PRO G 48 4.10 -80.10 -46.37
C PRO G 48 3.75 -79.40 -45.07
N ILE G 49 4.23 -79.90 -43.93
CA ILE G 49 3.98 -79.22 -42.66
C ILE G 49 4.65 -77.85 -42.66
N THR G 50 5.88 -77.77 -43.16
CA THR G 50 6.56 -76.49 -43.24
C THR G 50 5.83 -75.53 -44.19
N ARG G 51 5.30 -76.06 -45.29
CA ARG G 51 4.54 -75.21 -46.21
C ARG G 51 3.26 -74.70 -45.55
N ARG G 52 2.58 -75.55 -44.77
CA ARG G 52 1.40 -75.11 -44.05
C ARG G 52 1.75 -74.05 -43.02
N VAL G 53 2.90 -74.21 -42.34
CA VAL G 53 3.36 -73.20 -41.39
C VAL G 53 3.61 -71.87 -42.10
N CYS G 54 4.24 -71.93 -43.28
CA CYS G 54 4.48 -70.72 -44.05
C CYS G 54 3.18 -70.06 -44.48
N THR G 55 2.19 -70.87 -44.90
CA THR G 55 0.89 -70.32 -45.26
C THR G 55 0.22 -69.65 -44.07
N GLN G 56 0.26 -70.29 -42.90
CA GLN G 56 -0.32 -69.70 -41.70
C GLN G 56 0.40 -68.40 -41.34
N LEU G 57 1.72 -68.38 -41.49
CA LEU G 57 2.49 -67.15 -41.24
C LEU G 57 2.06 -66.04 -42.20
N ALA G 58 1.88 -66.37 -43.47
CA ALA G 58 1.40 -65.38 -44.44
C ALA G 58 -0.03 -64.96 -44.18
N ALA G 59 -0.81 -65.78 -43.46
CA ALA G 59 -2.21 -65.46 -43.22
C ALA G 59 -2.37 -64.20 -42.38
N LEU G 60 -1.59 -64.07 -41.30
CA LEU G 60 -1.73 -62.93 -40.40
C LEU G 60 -0.78 -61.78 -40.75
N GLN G 61 0.01 -61.91 -41.81
CA GLN G 61 0.85 -60.82 -42.28
C GLN G 61 0.09 -59.87 -43.22
N LEU G 62 -1.17 -60.18 -43.50
CA LEU G 62 -1.99 -59.37 -44.41
C LEU G 62 -2.72 -58.24 -43.71
N GLY G 63 -2.85 -58.28 -42.38
CA GLY G 63 -3.55 -57.24 -41.66
C GLY G 63 -2.90 -55.88 -41.78
N VAL G 64 -1.56 -55.84 -41.88
CA VAL G 64 -0.86 -54.57 -42.01
C VAL G 64 -1.25 -53.87 -43.30
N LEU G 65 -1.57 -54.64 -44.35
CA LEU G 65 -2.02 -54.02 -45.60
C LEU G 65 -3.35 -53.30 -45.41
N LEU G 66 -4.30 -53.92 -44.70
CA LEU G 66 -5.56 -53.26 -44.43
C LEU G 66 -5.37 -52.05 -43.51
N LYS G 67 -4.48 -52.16 -42.53
CA LYS G 67 -4.18 -51.02 -41.67
C LYS G 67 -3.64 -49.85 -42.50
N GLY G 68 -2.71 -50.13 -43.41
CA GLY G 68 -2.17 -49.08 -44.27
C GLY G 68 -3.22 -48.50 -45.19
N CYS G 69 -4.11 -49.35 -45.72
CA CYS G 69 -5.16 -48.85 -46.61
C CYS G 69 -6.12 -47.94 -45.87
N CYS G 70 -6.55 -48.33 -44.66
CA CYS G 70 -7.43 -47.48 -43.88
C CYS G 70 -6.72 -46.18 -43.49
N CYS G 71 -5.44 -46.27 -43.15
CA CYS G 71 -4.69 -45.06 -42.82
C CYS G 71 -4.60 -44.13 -44.01
N LEU G 72 -4.36 -44.67 -45.21
CA LEU G 72 -4.31 -43.84 -46.41
C LEU G 72 -5.67 -43.21 -46.70
N ALA G 73 -6.74 -43.97 -46.51
CA ALA G 73 -8.08 -43.40 -46.71
C ALA G 73 -8.35 -42.26 -45.73
N GLU G 74 -7.93 -42.42 -44.48
CA GLU G 74 -8.17 -41.37 -43.50
C GLU G 74 -7.19 -40.21 -43.62
N GLU G 75 -6.06 -40.40 -44.30
CA GLU G 75 -5.01 -39.40 -44.37
C GLU G 75 -4.94 -38.72 -45.73
N ILE G 76 -5.74 -39.15 -46.71
CA ILE G 76 -5.76 -38.45 -47.99
C ILE G 76 -6.23 -37.01 -47.83
N PHE G 77 -7.00 -36.72 -46.78
CA PHE G 77 -7.43 -35.36 -46.52
C PHE G 77 -6.29 -34.51 -45.95
N HIS G 78 -5.51 -35.08 -45.02
CA HIS G 78 -4.39 -34.37 -44.42
C HIS G 78 -3.13 -34.42 -45.28
N LEU G 79 -3.17 -35.12 -46.42
CA LEU G 79 -2.00 -35.19 -47.29
C LEU G 79 -1.53 -33.80 -47.72
N HIS G 80 -2.47 -32.92 -48.09
CA HIS G 80 -2.09 -31.59 -48.53
C HIS G 80 -1.43 -30.79 -47.40
N SER G 81 -1.97 -30.89 -46.18
CA SER G 81 -1.45 -30.08 -45.09
C SER G 81 -0.11 -30.61 -44.58
N ARG G 82 0.03 -31.92 -44.45
CA ARG G 82 1.19 -32.53 -43.82
C ARG G 82 2.26 -32.95 -44.82
N HIS G 83 1.86 -33.52 -45.96
CA HIS G 83 2.81 -34.04 -46.94
C HIS G 83 2.71 -33.34 -48.29
N HIS G 84 1.79 -32.39 -48.45
CA HIS G 84 1.62 -31.63 -49.69
C HIS G 84 1.40 -32.54 -50.89
N LEU G 87 3.46 -36.65 -53.06
CA LEU G 87 2.36 -37.62 -52.91
C LEU G 87 2.92 -38.99 -52.54
N TRP G 88 4.16 -39.26 -52.95
CA TRP G 88 4.82 -40.51 -52.60
C TRP G 88 5.03 -40.62 -51.09
N GLN G 89 5.25 -39.48 -50.42
CA GLN G 89 5.41 -39.50 -48.98
C GLN G 89 4.13 -39.98 -48.29
N VAL G 90 2.98 -39.63 -48.85
CA VAL G 90 1.70 -40.10 -48.29
C VAL G 90 1.63 -41.61 -48.34
N LEU G 91 1.99 -42.21 -49.48
CA LEU G 91 1.94 -43.65 -49.61
C LEU G 91 2.96 -44.34 -48.71
N CYS G 92 4.17 -43.78 -48.63
CA CYS G 92 5.22 -44.44 -47.85
C CYS G 92 4.98 -44.30 -46.35
N SER G 93 4.34 -43.21 -45.91
CA SER G 93 4.13 -42.99 -44.48
C SER G 93 3.03 -43.87 -43.92
N CYS G 94 2.01 -44.17 -44.71
CA CYS G 94 0.85 -44.91 -44.22
C CYS G 94 1.13 -46.40 -44.05
N PHE G 95 2.24 -46.91 -44.57
CA PHE G 95 2.58 -48.32 -44.47
C PHE G 95 3.98 -48.48 -43.91
N PRO G 96 4.24 -49.57 -43.18
CA PRO G 96 5.60 -49.80 -42.68
C PRO G 96 6.57 -50.03 -43.82
N PRO G 97 7.84 -49.67 -43.64
CA PRO G 97 8.81 -49.90 -44.72
C PRO G 97 8.95 -51.36 -45.11
N ARG G 98 8.82 -52.28 -44.17
CA ARG G 98 8.91 -53.72 -44.46
C ARG G 98 7.53 -54.27 -44.85
N TRP G 99 6.98 -53.68 -45.91
CA TRP G 99 5.69 -54.09 -46.43
C TRP G 99 5.79 -55.02 -47.62
N HIS G 100 6.90 -54.99 -48.35
CA HIS G 100 7.09 -55.91 -49.47
C HIS G 100 7.24 -57.35 -49.01
N LEU G 101 7.63 -57.57 -47.76
CA LEU G 101 7.73 -58.92 -47.24
C LEU G 101 6.35 -59.58 -47.16
N ALA G 102 5.34 -58.82 -46.73
CA ALA G 102 3.98 -59.35 -46.71
C ALA G 102 3.50 -59.66 -48.12
N LEU G 103 3.83 -58.81 -49.09
CA LEU G 103 3.47 -59.09 -50.47
C LEU G 103 4.15 -60.36 -50.98
N LEU G 104 5.42 -60.55 -50.64
CA LEU G 104 6.12 -61.76 -51.05
C LEU G 104 5.47 -63.00 -50.43
N LEU G 105 5.11 -62.92 -49.14
CA LEU G 105 4.47 -64.07 -48.49
C LEU G 105 3.11 -64.38 -49.09
N VAL G 106 2.30 -63.34 -49.37
CA VAL G 106 0.99 -63.58 -49.93
C VAL G 106 1.10 -64.11 -51.37
N GLY G 107 2.09 -63.63 -52.11
CA GLY G 107 2.31 -64.17 -53.45
C GLY G 107 2.75 -65.62 -53.42
N GLY G 108 3.63 -65.98 -52.48
CA GLY G 108 4.02 -67.36 -52.34
C GLY G 108 2.85 -68.25 -51.93
N SER G 109 2.00 -67.76 -51.04
CA SER G 109 0.82 -68.52 -50.64
C SER G 109 -0.13 -68.72 -51.82
N ALA G 110 -0.32 -67.67 -52.63
CA ALA G 110 -1.19 -67.80 -53.81
C ALA G 110 -0.59 -68.78 -54.82
N TYR G 111 0.73 -68.72 -55.03
CA TYR G 111 1.37 -69.63 -55.97
C TYR G 111 1.28 -71.08 -55.49
N LEU G 112 1.45 -71.31 -54.19
CA LEU G 112 1.36 -72.65 -53.65
C LEU G 112 -0.03 -73.24 -53.84
N ASP G 113 -1.06 -72.43 -53.62
CA ASP G 113 -2.44 -72.88 -53.79
C ASP G 113 -2.79 -73.03 -55.27
N ARG G 123 -9.53 -70.24 -51.78
CA ARG G 123 -9.91 -68.83 -51.80
C ARG G 123 -10.73 -68.46 -50.58
N LEU G 124 -11.43 -69.46 -50.02
CA LEU G 124 -12.25 -69.22 -48.83
C LEU G 124 -11.39 -68.84 -47.63
N ALA G 125 -10.22 -69.46 -47.49
CA ALA G 125 -9.35 -69.15 -46.36
C ALA G 125 -8.86 -67.72 -46.40
N LEU G 126 -8.50 -67.23 -47.59
CA LEU G 126 -8.05 -65.85 -47.72
C LEU G 126 -9.15 -64.87 -47.35
N THR G 127 -10.38 -65.13 -47.82
CA THR G 127 -11.50 -64.25 -47.47
C THR G 127 -11.79 -64.28 -45.98
N LEU G 128 -11.73 -65.47 -45.37
CA LEU G 128 -11.95 -65.57 -43.93
C LEU G 128 -10.89 -64.81 -43.15
N SER G 129 -9.61 -64.93 -43.56
CA SER G 129 -8.55 -64.21 -42.89
C SER G 129 -8.72 -62.70 -43.04
N CYS G 130 -9.09 -62.25 -44.24
CA CYS G 130 -9.31 -60.83 -44.45
C CYS G 130 -10.47 -60.31 -43.60
N LEU G 131 -11.56 -61.08 -43.51
CA LEU G 131 -12.69 -60.68 -42.69
C LEU G 131 -12.30 -60.62 -41.22
N CYS G 132 -11.52 -61.60 -40.75
CA CYS G 132 -11.07 -61.59 -39.36
C CYS G 132 -10.19 -60.38 -39.08
N GLN G 133 -9.26 -60.08 -40.00
CA GLN G 133 -8.39 -58.93 -39.80
C GLN G 133 -9.18 -57.62 -39.79
N LEU G 134 -10.16 -57.50 -40.69
CA LEU G 134 -10.99 -56.30 -40.71
C LEU G 134 -11.81 -56.17 -39.43
N LEU G 135 -12.34 -57.28 -38.93
CA LEU G 135 -13.10 -57.24 -37.68
C LEU G 135 -12.22 -56.82 -36.52
N VAL G 136 -10.99 -57.37 -36.46
CA VAL G 136 -10.06 -56.97 -35.40
C VAL G 136 -9.73 -55.48 -35.50
N LEU G 137 -9.48 -54.99 -36.72
CA LEU G 137 -9.14 -53.58 -36.88
C LEU G 137 -10.30 -52.69 -36.49
N ALA G 138 -11.53 -53.06 -36.88
CA ALA G 138 -12.69 -52.24 -36.56
C ALA G 138 -12.98 -52.23 -35.07
N LEU G 139 -12.92 -53.40 -34.42
CA LEU G 139 -13.17 -53.44 -32.98
C LEU G 139 -12.00 -52.86 -32.20
N GLY G 140 -10.78 -53.04 -32.69
CA GLY G 140 -9.61 -52.51 -32.03
C GLY G 140 -9.32 -53.11 -30.67
N LEU G 141 -9.43 -54.43 -30.55
CA LEU G 141 -9.12 -55.10 -29.29
C LEU G 141 -7.63 -55.34 -29.09
N GLN G 142 -6.81 -55.11 -30.11
CA GLN G 142 -5.36 -55.27 -30.00
C GLN G 142 -4.75 -53.90 -29.72
N LYS G 143 -4.87 -53.47 -28.46
CA LYS G 143 -4.33 -52.20 -28.02
C LYS G 143 -3.01 -52.43 -27.29
N LEU G 144 -2.48 -51.36 -26.68
CA LEU G 144 -1.17 -51.39 -26.06
C LEU G 144 -1.31 -51.39 -24.54
N SER G 145 -0.48 -52.19 -23.88
CA SER G 145 -0.52 -52.32 -22.43
C SER G 145 0.25 -51.16 -21.80
N ALA G 146 0.48 -51.23 -20.49
CA ALA G 146 1.12 -50.14 -19.77
C ALA G 146 2.62 -50.08 -20.06
N VAL G 147 3.26 -51.24 -20.21
CA VAL G 147 4.71 -51.27 -20.41
C VAL G 147 5.09 -50.62 -21.75
N GLU G 148 4.32 -50.90 -22.80
CA GLU G 148 4.64 -50.32 -24.11
C GLU G 148 4.47 -48.81 -24.12
N VAL G 149 3.38 -48.31 -23.54
CA VAL G 149 3.16 -46.86 -23.52
C VAL G 149 4.19 -46.18 -22.63
N SER G 150 4.57 -46.82 -21.52
CA SER G 150 5.62 -46.25 -20.67
C SER G 150 6.95 -46.19 -21.42
N GLU G 151 7.29 -47.26 -22.15
CA GLU G 151 8.52 -47.26 -22.93
C GLU G 151 8.50 -46.18 -24.01
N LEU G 152 7.35 -46.01 -24.67
CA LEU G 152 7.25 -45.01 -25.73
C LEU G 152 7.29 -43.59 -25.18
N THR G 153 6.76 -43.37 -23.97
CA THR G 153 6.84 -42.04 -23.37
C THR G 153 8.24 -41.76 -22.84
N GLU G 154 8.97 -42.79 -22.42
CA GLU G 154 10.33 -42.59 -21.91
C GLU G 154 11.36 -42.48 -23.03
N SER G 155 11.08 -43.10 -24.18
CA SER G 155 12.09 -43.16 -25.24
C SER G 155 12.25 -41.83 -25.96
N SER G 156 11.16 -41.08 -26.12
CA SER G 156 11.19 -39.82 -26.86
C SER G 156 11.83 -38.75 -25.99
N LYS G 157 13.11 -38.46 -26.26
CA LYS G 157 13.86 -37.46 -25.52
C LYS G 157 13.85 -36.10 -26.20
N LYS G 158 13.15 -35.95 -27.33
CA LYS G 158 13.17 -34.71 -28.09
C LYS G 158 11.82 -34.02 -28.15
N ASN G 159 10.75 -34.63 -27.62
CA ASN G 159 9.43 -34.00 -27.66
C ASN G 159 9.34 -32.89 -26.63
N VAL G 160 9.99 -31.77 -26.89
CA VAL G 160 10.04 -30.67 -25.93
C VAL G 160 9.00 -29.60 -26.20
N ALA G 161 8.11 -29.81 -27.17
CA ALA G 161 7.14 -28.77 -27.53
C ALA G 161 6.19 -28.49 -26.38
N HIS G 162 5.55 -29.52 -25.83
CA HIS G 162 4.59 -29.32 -24.75
C HIS G 162 5.26 -28.77 -23.50
N GLY G 163 6.43 -29.30 -23.16
CA GLY G 163 7.14 -28.80 -21.99
C GLY G 163 7.54 -27.35 -22.13
N LEU G 164 8.06 -26.97 -23.30
CA LEU G 164 8.42 -25.58 -23.54
C LEU G 164 7.19 -24.68 -23.49
N ALA G 165 6.08 -25.11 -24.08
CA ALA G 165 4.87 -24.30 -24.06
C ALA G 165 4.39 -24.07 -22.64
N TRP G 166 4.29 -25.14 -21.85
CA TRP G 166 3.81 -25.02 -20.47
C TRP G 166 4.76 -24.19 -19.62
N SER G 167 6.07 -24.41 -19.78
CA SER G 167 7.04 -23.64 -19.01
C SER G 167 6.97 -22.16 -19.34
N TYR G 168 6.95 -21.83 -20.63
CA TYR G 168 6.83 -20.44 -21.06
C TYR G 168 5.57 -19.81 -20.49
N TYR G 169 4.43 -20.49 -20.66
CA TYR G 169 3.16 -19.98 -20.16
C TYR G 169 3.26 -19.67 -18.67
N ILE G 170 3.48 -20.71 -17.85
CA ILE G 170 3.43 -20.54 -16.40
C ILE G 170 4.47 -19.54 -15.93
N GLY G 171 5.69 -19.63 -16.45
CA GLY G 171 6.75 -18.77 -15.96
C GLY G 171 6.56 -17.30 -16.32
N TYR G 172 6.12 -17.01 -17.55
CA TYR G 172 6.15 -15.64 -18.04
C TYR G 172 4.77 -15.06 -18.29
N LEU G 173 3.91 -15.78 -19.02
CA LEU G 173 2.66 -15.17 -19.49
C LEU G 173 1.66 -15.01 -18.35
N LYS G 174 1.62 -15.97 -17.44
CA LYS G 174 0.69 -15.88 -16.32
C LYS G 174 1.07 -14.81 -15.31
N VAL G 175 2.26 -14.22 -15.44
CA VAL G 175 2.71 -13.21 -14.49
C VAL G 175 2.90 -11.83 -15.12
N VAL G 176 3.16 -11.73 -16.43
CA VAL G 176 3.40 -10.40 -17.01
C VAL G 176 2.18 -9.91 -17.77
N LEU G 177 1.39 -10.84 -18.31
CA LEU G 177 0.23 -10.44 -19.10
C LEU G 177 -0.84 -9.70 -18.29
N PRO G 178 -1.25 -10.17 -17.10
CA PRO G 178 -2.32 -9.44 -16.38
C PRO G 178 -1.97 -7.99 -16.06
N ARG G 179 -0.71 -7.69 -15.76
CA ARG G 179 -0.30 -6.33 -15.43
C ARG G 179 0.21 -5.61 -16.67
N LEU G 180 -0.66 -5.51 -17.67
CA LEU G 180 -0.37 -4.81 -18.91
C LEU G 180 -1.32 -3.65 -19.17
N LYS G 181 -2.63 -3.85 -19.04
CA LYS G 181 -3.57 -2.75 -19.28
C LYS G 181 -3.36 -1.62 -18.29
N GLU G 182 -3.20 -1.96 -17.01
CA GLU G 182 -2.96 -0.93 -15.98
C GLU G 182 -1.59 -0.28 -16.16
N CYS G 183 -0.60 -1.04 -16.64
CA CYS G 183 0.71 -0.46 -16.90
C CYS G 183 0.68 0.47 -18.10
N MET G 184 -0.24 0.23 -19.05
CA MET G 184 -0.34 1.06 -20.23
C MET G 184 -1.22 2.30 -20.02
N GLU G 185 -2.15 2.23 -19.06
CA GLU G 185 -3.03 3.37 -18.81
C GLU G 185 -2.25 4.62 -18.42
N GLU G 186 -1.22 4.46 -17.58
CA GLU G 186 -0.49 5.63 -17.09
C GLU G 186 0.23 6.36 -18.22
N ILE G 187 0.82 5.62 -19.15
CA ILE G 187 1.41 6.27 -20.32
C ILE G 187 0.33 6.85 -21.22
N SER G 188 -0.80 6.15 -21.33
CA SER G 188 -1.86 6.61 -22.22
C SER G 188 -2.43 7.95 -21.79
N ARG G 189 -2.56 8.17 -20.47
CA ARG G 189 -3.24 9.38 -19.98
C ARG G 189 -2.51 10.66 -20.38
N THR G 190 -1.23 10.57 -20.78
CA THR G 190 -0.48 11.72 -21.23
C THR G 190 -0.16 11.71 -22.72
N ASN G 191 -0.31 10.57 -23.40
CA ASN G 191 -0.03 10.47 -24.82
C ASN G 191 -1.33 10.24 -25.58
N PRO G 192 -1.83 11.20 -26.35
CA PRO G 192 -3.03 10.96 -27.16
C PRO G 192 -2.85 9.88 -28.20
N MET G 193 -1.61 9.60 -28.63
CA MET G 193 -1.36 8.55 -29.60
C MET G 193 -1.78 7.19 -29.05
N LEU G 194 -1.48 6.93 -27.78
CA LEU G 194 -1.90 5.66 -27.17
C LEU G 194 -3.41 5.63 -26.95
N ARG G 195 -4.01 6.78 -26.60
CA ARG G 195 -5.45 6.82 -26.39
C ARG G 195 -6.20 6.52 -27.68
N ALA G 196 -5.71 7.04 -28.82
CA ALA G 196 -6.39 6.82 -30.08
C ALA G 196 -6.44 5.33 -30.44
N HIS G 197 -5.33 4.62 -30.25
CA HIS G 197 -5.26 3.19 -30.53
C HIS G 197 -5.38 2.44 -29.20
N ARG G 198 -6.61 2.26 -28.75
CA ARG G 198 -6.88 1.58 -27.49
C ARG G 198 -7.22 0.10 -27.67
N ASP G 199 -7.67 -0.31 -28.86
CA ASP G 199 -8.08 -1.68 -29.08
C ASP G 199 -6.91 -2.63 -29.31
N THR G 200 -5.70 -2.11 -29.48
CA THR G 200 -4.55 -2.96 -29.78
C THR G 200 -3.49 -2.87 -28.69
N TRP G 201 -3.92 -2.93 -27.43
CA TRP G 201 -3.02 -2.85 -26.29
C TRP G 201 -2.58 -4.23 -25.82
N LYS G 202 -2.57 -5.22 -26.70
CA LYS G 202 -2.19 -6.57 -26.34
C LYS G 202 -0.68 -6.75 -26.45
N LEU G 203 -0.21 -7.95 -26.12
CA LEU G 203 1.19 -8.30 -26.28
C LEU G 203 1.34 -9.14 -27.54
N HIS G 204 2.15 -8.68 -28.49
CA HIS G 204 2.29 -9.31 -29.79
C HIS G 204 3.49 -10.25 -29.75
N ILE G 205 3.22 -11.55 -29.66
CA ILE G 205 4.25 -12.57 -29.62
C ILE G 205 4.57 -12.98 -31.05
N LEU G 206 5.84 -12.88 -31.44
CA LEU G 206 6.27 -13.31 -32.76
C LEU G 206 6.82 -14.73 -32.67
N VAL G 207 6.18 -15.65 -33.39
CA VAL G 207 6.61 -17.04 -33.37
C VAL G 207 6.87 -17.51 -34.81
N PRO G 208 8.00 -17.14 -35.39
CA PRO G 208 8.35 -17.65 -36.72
C PRO G 208 8.50 -19.17 -36.69
N LEU G 209 7.96 -19.82 -37.71
CA LEU G 209 8.05 -21.28 -37.77
C LEU G 209 9.49 -21.76 -37.93
N GLY G 210 10.41 -20.89 -38.33
CA GLY G 210 11.83 -21.19 -38.29
C GLY G 210 12.37 -21.04 -36.89
N CYS G 211 13.63 -20.61 -36.79
CA CYS G 211 14.24 -20.41 -35.50
C CYS G 211 15.12 -19.18 -35.39
N ASP G 212 15.19 -18.33 -36.41
CA ASP G 212 16.02 -17.13 -36.33
C ASP G 212 15.34 -16.06 -35.49
N ILE G 213 16.08 -15.49 -34.54
CA ILE G 213 15.60 -14.43 -33.67
C ILE G 213 16.50 -13.21 -33.88
N TRP G 214 15.91 -12.10 -34.29
CA TRP G 214 16.67 -10.88 -34.49
C TRP G 214 17.04 -10.26 -33.14
N ASP G 215 18.25 -9.68 -33.08
CA ASP G 215 18.67 -9.00 -31.87
C ASP G 215 17.76 -7.82 -31.56
N ASP G 216 17.41 -7.04 -32.59
CA ASP G 216 16.43 -5.98 -32.46
C ASP G 216 15.62 -5.89 -33.75
N LEU G 217 14.41 -5.35 -33.64
CA LEU G 217 13.52 -5.23 -34.80
C LEU G 217 13.81 -4.01 -35.65
N GLU G 218 14.72 -3.14 -35.22
CA GLU G 218 15.03 -1.94 -36.00
C GLU G 218 15.64 -2.30 -37.35
N LYS G 219 16.66 -3.15 -37.35
CA LYS G 219 17.33 -3.54 -38.58
C LYS G 219 16.67 -4.73 -39.27
N ALA G 220 15.78 -5.46 -38.57
CA ALA G 220 15.07 -6.55 -39.22
C ALA G 220 14.15 -6.03 -40.32
N ASP G 221 13.42 -4.94 -40.04
CA ASP G 221 12.57 -4.29 -41.02
C ASP G 221 12.70 -2.78 -40.85
N SER G 222 12.83 -2.08 -41.99
CA SER G 222 13.04 -0.64 -41.95
C SER G 222 11.80 0.14 -41.53
N ASN G 223 10.63 -0.49 -41.50
CA ASN G 223 9.39 0.19 -41.16
C ASN G 223 9.05 0.11 -39.68
N ILE G 224 9.87 -0.54 -38.87
CA ILE G 224 9.64 -0.67 -37.44
C ILE G 224 10.56 0.30 -36.72
N GLN G 225 9.97 1.22 -35.95
CA GLN G 225 10.70 2.26 -35.23
C GLN G 225 10.53 2.05 -33.74
N TYR G 226 11.65 2.00 -33.01
CA TYR G 226 11.61 1.94 -31.56
C TYR G 226 11.22 3.31 -30.99
N LEU G 227 10.39 3.29 -29.94
CA LEU G 227 9.90 4.53 -29.35
C LEU G 227 10.42 4.74 -27.93
N ALA G 228 10.16 3.81 -27.02
CA ALA G 228 10.54 3.96 -25.61
C ALA G 228 10.32 2.63 -24.91
N ASP G 229 10.78 2.57 -23.66
CA ASP G 229 10.59 1.41 -22.81
C ASP G 229 9.46 1.67 -21.83
N LEU G 230 8.68 0.63 -21.55
CA LEU G 230 7.60 0.75 -20.59
C LEU G 230 8.16 0.88 -19.17
N PRO G 231 7.47 1.61 -18.29
CA PRO G 231 7.93 1.73 -16.90
C PRO G 231 8.02 0.37 -16.23
N GLU G 232 8.92 0.30 -15.25
CA GLU G 232 9.33 -0.98 -14.69
C GLU G 232 8.17 -1.67 -13.98
N THR G 233 8.06 -2.98 -14.20
CA THR G 233 7.09 -3.81 -13.50
C THR G 233 7.81 -4.46 -12.32
N ILE G 234 7.58 -3.94 -11.13
CA ILE G 234 8.35 -4.30 -9.95
C ILE G 234 7.59 -5.38 -9.18
N LEU G 235 8.26 -6.52 -8.96
CA LEU G 235 7.74 -7.60 -8.15
C LEU G 235 8.69 -7.82 -6.98
N THR G 236 8.13 -7.87 -5.77
CA THR G 236 8.92 -8.04 -4.56
C THR G 236 8.94 -9.50 -4.15
N ARG G 237 10.12 -9.98 -3.73
CA ARG G 237 10.29 -11.35 -3.28
C ARG G 237 11.26 -11.36 -2.10
N ALA G 238 10.75 -11.69 -0.92
CA ALA G 238 11.53 -11.80 0.31
C ALA G 238 12.12 -10.46 0.75
N GLY G 239 11.83 -9.39 0.01
CA GLY G 239 12.27 -8.06 0.36
C GLY G 239 13.62 -7.65 -0.20
N ILE G 240 14.43 -8.62 -0.66
CA ILE G 240 15.75 -8.31 -1.20
C ILE G 240 15.79 -8.69 -2.68
N LYS G 241 15.05 -9.72 -3.04
CA LYS G 241 14.96 -10.16 -4.43
C LYS G 241 13.85 -9.39 -5.12
N ARG G 242 14.20 -8.70 -6.21
CA ARG G 242 13.24 -7.89 -6.97
C ARG G 242 13.21 -8.41 -8.40
N ARG G 243 12.04 -8.89 -8.83
CA ARG G 243 11.82 -9.32 -10.20
C ARG G 243 11.24 -8.14 -10.96
N VAL G 244 12.09 -7.44 -11.70
CA VAL G 244 11.73 -6.21 -12.39
C VAL G 244 11.68 -6.51 -13.89
N TYR G 245 10.66 -5.99 -14.56
CA TYR G 245 10.37 -6.32 -15.94
C TYR G 245 10.40 -5.08 -16.82
N LYS G 246 10.94 -5.23 -18.03
CA LYS G 246 10.87 -4.22 -19.06
C LYS G 246 10.15 -4.76 -20.29
N HIS G 247 9.31 -3.92 -20.89
CA HIS G 247 8.70 -4.21 -22.18
C HIS G 247 8.93 -3.03 -23.11
N SER G 248 9.38 -3.31 -24.32
CA SER G 248 9.74 -2.27 -25.28
C SER G 248 8.52 -1.95 -26.14
N LEU G 249 8.23 -0.66 -26.29
CA LEU G 249 7.11 -0.18 -27.09
C LEU G 249 7.64 0.33 -28.42
N TYR G 250 7.10 -0.19 -29.51
CA TYR G 250 7.55 0.15 -30.85
C TYR G 250 6.49 0.95 -31.59
N VAL G 251 6.91 1.52 -32.72
CA VAL G 251 6.03 2.23 -33.64
C VAL G 251 6.39 1.79 -35.05
N ILE G 252 5.38 1.37 -35.82
CA ILE G 252 5.60 0.82 -37.16
C ILE G 252 4.99 1.77 -38.18
N ARG G 253 5.71 2.00 -39.26
CA ARG G 253 5.29 2.92 -40.31
C ARG G 253 4.41 2.17 -41.30
N ASP G 254 3.15 2.59 -41.39
CA ASP G 254 2.20 2.03 -42.34
C ASP G 254 2.47 2.69 -43.69
N LYS G 255 1.55 2.54 -44.64
CA LYS G 255 1.59 3.32 -45.87
C LYS G 255 1.30 4.79 -45.54
N ASP G 256 1.18 5.61 -46.57
CA ASP G 256 1.09 7.05 -46.33
C ASP G 256 -0.27 7.41 -45.74
N ASN G 257 -0.60 6.81 -44.59
CA ASN G 257 -1.81 7.15 -43.84
C ASN G 257 -1.49 7.64 -42.44
N LYS G 258 -0.77 6.85 -41.64
CA LYS G 258 -0.49 7.18 -40.24
C LYS G 258 0.55 6.19 -39.71
N LEU G 259 0.80 6.25 -38.41
CA LEU G 259 1.73 5.36 -37.72
C LEU G 259 0.97 4.55 -36.68
N ARG G 260 1.47 3.34 -36.41
CA ARG G 260 0.80 2.41 -35.51
C ARG G 260 1.74 1.98 -34.39
N PRO G 261 1.37 2.18 -33.12
CA PRO G 261 2.20 1.69 -32.02
C PRO G 261 1.76 0.31 -31.53
N CYS G 262 2.75 -0.45 -31.08
CA CYS G 262 2.50 -1.80 -30.57
C CYS G 262 3.67 -2.24 -29.71
N VAL G 263 3.42 -3.27 -28.90
CA VAL G 263 4.44 -3.90 -28.06
C VAL G 263 4.81 -5.22 -28.71
N LEU G 264 6.08 -5.36 -29.10
CA LEU G 264 6.55 -6.52 -29.84
C LEU G 264 7.64 -7.25 -29.07
N GLU G 265 7.66 -8.57 -29.22
CA GLU G 265 8.72 -9.39 -28.66
C GLU G 265 8.67 -10.76 -29.32
N PHE G 266 9.78 -11.49 -29.22
CA PHE G 266 9.87 -12.84 -29.75
C PHE G 266 9.52 -13.85 -28.66
N ALA G 267 9.47 -15.13 -29.04
CA ALA G 267 9.17 -16.21 -28.12
C ALA G 267 10.48 -16.87 -27.68
N SER G 268 10.70 -16.88 -26.37
CA SER G 268 11.92 -17.49 -25.84
C SER G 268 12.09 -18.97 -26.19
N PRO G 269 11.05 -19.82 -26.17
CA PRO G 269 11.27 -21.23 -26.53
C PRO G 269 11.87 -21.44 -27.91
N LEU G 270 11.61 -20.55 -28.87
CA LEU G 270 12.29 -20.65 -30.15
C LEU G 270 13.79 -20.44 -30.00
N GLN G 271 14.18 -19.48 -29.16
CA GLN G 271 15.60 -19.29 -28.87
C GLN G 271 16.18 -20.51 -28.17
N THR G 272 15.40 -21.14 -27.28
CA THR G 272 15.86 -22.36 -26.63
C THR G 272 16.10 -23.47 -27.65
N LEU G 273 15.17 -23.64 -28.58
CA LEU G 273 15.34 -24.65 -29.63
C LEU G 273 16.57 -24.35 -30.49
N CYS G 274 16.76 -23.09 -30.85
CA CYS G 274 17.94 -22.72 -31.64
C CYS G 274 19.22 -22.99 -30.87
N ALA G 275 19.23 -22.73 -29.56
CA ALA G 275 20.42 -22.97 -28.75
C ALA G 275 20.72 -24.45 -28.64
N MET G 276 19.70 -25.28 -28.43
CA MET G 276 19.95 -26.71 -28.29
C MET G 276 20.14 -27.41 -29.62
N SER G 277 19.85 -26.73 -30.74
CA SER G 277 20.16 -27.30 -32.04
C SER G 277 21.67 -27.33 -32.30
N GLN G 278 22.39 -26.32 -31.80
CA GLN G 278 23.83 -26.24 -32.00
C GLN G 278 24.62 -27.15 -31.07
N ASP G 279 24.01 -27.67 -30.00
CA ASP G 279 24.73 -28.48 -29.05
C ASP G 279 25.16 -29.81 -29.67
N ASP G 280 26.40 -30.21 -29.37
CA ASP G 280 26.94 -31.45 -29.93
C ASP G 280 26.30 -32.67 -29.28
N CYS G 281 26.10 -32.65 -27.96
CA CYS G 281 25.52 -33.77 -27.25
C CYS G 281 24.02 -33.90 -27.48
N ALA G 282 23.36 -32.84 -27.96
CA ALA G 282 21.93 -32.91 -28.22
C ALA G 282 21.60 -33.72 -29.46
N ALA G 283 22.46 -33.68 -30.47
CA ALA G 283 22.20 -34.31 -31.77
C ALA G 283 20.88 -33.84 -32.35
N PHE G 284 20.61 -32.55 -32.21
CA PHE G 284 19.36 -31.94 -32.64
C PHE G 284 19.52 -31.44 -34.08
N SER G 285 18.88 -32.12 -35.02
CA SER G 285 19.00 -31.79 -36.43
C SER G 285 18.11 -30.61 -36.76
N ARG G 286 17.97 -30.30 -38.05
CA ARG G 286 17.18 -29.16 -38.49
C ARG G 286 15.84 -29.53 -39.09
N GLU G 287 15.70 -30.73 -39.66
CA GLU G 287 14.45 -31.12 -40.29
C GLU G 287 13.31 -31.20 -39.27
N GLN G 288 13.58 -31.78 -38.11
CA GLN G 288 12.56 -31.91 -37.07
C GLN G 288 12.49 -30.72 -36.13
N ARG G 289 13.45 -29.79 -36.23
CA ARG G 289 13.36 -28.55 -35.46
C ARG G 289 12.15 -27.73 -35.91
N LEU G 290 11.90 -27.70 -37.22
CA LEU G 290 10.71 -27.02 -37.74
C LEU G 290 9.44 -27.66 -37.19
N GLU G 291 9.39 -28.99 -37.14
CA GLU G 291 8.23 -29.68 -36.59
C GLU G 291 8.05 -29.37 -35.11
N GLN G 292 9.17 -29.33 -34.36
CA GLN G 292 9.08 -29.00 -32.94
C GLN G 292 8.57 -27.59 -32.73
N ALA G 293 9.04 -26.63 -33.54
CA ALA G 293 8.55 -25.26 -33.43
C ALA G 293 7.07 -25.17 -33.77
N ARG G 294 6.65 -25.89 -34.82
CA ARG G 294 5.24 -25.88 -35.20
C ARG G 294 4.36 -26.48 -34.09
N LEU G 295 4.81 -27.58 -33.50
CA LEU G 295 4.05 -28.18 -32.39
C LEU G 295 4.03 -27.26 -31.19
N PHE G 296 5.12 -26.55 -30.93
CA PHE G 296 5.13 -25.57 -29.85
C PHE G 296 4.11 -24.46 -30.11
N TYR G 297 4.04 -23.98 -31.34
CA TYR G 297 3.05 -22.95 -31.68
C TYR G 297 1.64 -23.46 -31.45
N ARG G 298 1.34 -24.67 -31.95
CA ARG G 298 0.00 -25.21 -31.79
C ARG G 298 -0.36 -25.43 -30.32
N SER G 299 0.58 -25.97 -29.54
CA SER G 299 0.33 -26.21 -28.12
C SER G 299 0.12 -24.90 -27.37
N LEU G 300 0.95 -23.89 -27.66
CA LEU G 300 0.78 -22.60 -27.00
C LEU G 300 -0.56 -21.98 -27.35
N ARG G 301 -0.97 -22.07 -28.61
CA ARG G 301 -2.28 -21.57 -29.00
C ARG G 301 -3.40 -22.28 -28.25
N ASP G 302 -3.31 -23.62 -28.16
CA ASP G 302 -4.36 -24.39 -27.53
C ASP G 302 -4.45 -24.11 -26.03
N ILE G 303 -3.30 -23.97 -25.35
CA ILE G 303 -3.32 -23.72 -23.92
C ILE G 303 -3.51 -22.25 -23.58
N LEU G 304 -3.42 -21.35 -24.56
CA LEU G 304 -3.73 -19.95 -24.34
C LEU G 304 -5.19 -19.63 -24.63
N GLY G 305 -5.79 -20.29 -25.61
CA GLY G 305 -7.18 -20.02 -25.95
C GLY G 305 -8.18 -20.48 -24.90
N SER G 306 -7.77 -21.37 -24.00
CA SER G 306 -8.65 -21.91 -22.97
C SER G 306 -8.40 -21.29 -21.60
N SER G 307 -7.61 -20.22 -21.53
CA SER G 307 -7.31 -19.58 -20.26
C SER G 307 -8.25 -18.41 -20.01
N LYS G 308 -8.69 -18.27 -18.76
CA LYS G 308 -9.58 -17.18 -18.38
C LYS G 308 -8.85 -15.95 -17.85
N GLU G 309 -7.58 -16.08 -17.48
CA GLU G 309 -6.83 -14.93 -16.98
C GLU G 309 -6.42 -14.00 -18.11
N CYS G 310 -5.74 -14.54 -19.12
CA CYS G 310 -5.35 -13.77 -20.31
C CYS G 310 -6.36 -14.01 -21.43
N ALA G 311 -7.56 -13.48 -21.22
CA ALA G 311 -8.64 -13.70 -22.18
C ALA G 311 -8.35 -13.00 -23.51
N GLY G 312 -7.99 -11.73 -23.47
CA GLY G 312 -7.74 -10.98 -24.69
C GLY G 312 -6.55 -10.06 -24.61
N LEU G 313 -5.54 -10.43 -23.81
CA LEU G 313 -4.37 -9.62 -23.61
C LEU G 313 -3.18 -10.06 -24.46
N TYR G 314 -3.42 -10.85 -25.50
CA TYR G 314 -2.33 -11.40 -26.30
C TYR G 314 -2.77 -11.56 -27.74
N ARG G 315 -1.79 -11.60 -28.64
CA ARG G 315 -2.02 -12.07 -30.01
C ARG G 315 -0.69 -12.56 -30.56
N LEU G 316 -0.51 -13.87 -30.62
CA LEU G 316 0.70 -14.47 -31.16
C LEU G 316 0.57 -14.58 -32.68
N ILE G 317 1.61 -14.14 -33.38
CA ILE G 317 1.61 -14.11 -34.84
C ILE G 317 2.71 -15.03 -35.34
N ALA G 318 2.35 -15.89 -36.31
CA ALA G 318 3.27 -16.89 -36.85
C ALA G 318 3.45 -16.64 -38.35
N TYR G 319 4.66 -16.89 -38.84
CA TYR G 319 4.97 -16.66 -40.23
C TYR G 319 6.12 -17.57 -40.65
N GLU G 320 6.25 -17.75 -41.97
CA GLU G 320 7.38 -18.45 -42.57
C GLU G 320 8.08 -17.49 -43.53
N GLU G 321 9.41 -17.51 -43.49
CA GLU G 321 10.19 -16.60 -44.31
C GLU G 321 9.98 -16.93 -45.79
N PRO G 322 9.60 -15.95 -46.62
CA PRO G 322 9.33 -16.24 -48.03
C PRO G 322 10.63 -16.49 -48.79
N ALA G 323 10.47 -17.13 -49.95
CA ALA G 323 11.63 -17.42 -50.80
C ALA G 323 12.30 -16.15 -51.29
N GLU G 324 11.51 -15.16 -51.69
CA GLU G 324 12.07 -13.89 -52.13
C GLU G 324 12.34 -13.00 -50.93
N PRO G 325 13.58 -12.55 -50.72
CA PRO G 325 13.86 -11.73 -49.53
C PRO G 325 13.30 -10.33 -49.63
N GLU G 326 11.99 -10.19 -49.45
CA GLU G 326 11.37 -8.87 -49.43
C GLU G 326 11.79 -8.11 -48.18
N SER G 327 12.02 -6.80 -48.34
CA SER G 327 12.49 -5.98 -47.25
C SER G 327 11.37 -5.49 -46.34
N HIS G 328 10.10 -5.68 -46.72
CA HIS G 328 8.98 -5.20 -45.93
C HIS G 328 7.91 -6.29 -45.83
N PHE G 329 8.35 -7.52 -45.53
CA PHE G 329 7.41 -8.64 -45.41
C PHE G 329 6.82 -8.71 -44.01
N LEU G 330 7.67 -8.61 -42.98
CA LEU G 330 7.21 -8.72 -41.61
C LEU G 330 6.37 -7.51 -41.22
N SER G 331 6.75 -6.33 -41.69
CA SER G 331 6.01 -5.11 -41.35
C SER G 331 4.58 -5.19 -41.87
N GLY G 332 4.40 -5.62 -43.12
CA GLY G 332 3.06 -5.75 -43.65
C GLY G 332 2.22 -6.75 -42.87
N LEU G 333 2.85 -7.83 -42.41
CA LEU G 333 2.14 -8.82 -41.60
C LEU G 333 1.68 -8.22 -40.28
N ILE G 334 2.52 -7.43 -39.62
CA ILE G 334 2.10 -6.81 -38.37
C ILE G 334 1.01 -5.77 -38.63
N LEU G 335 1.10 -5.05 -39.75
CA LEU G 335 0.04 -4.10 -40.08
C LEU G 335 -1.29 -4.80 -40.30
N TRP G 336 -1.29 -5.95 -40.98
CA TRP G 336 -2.53 -6.71 -41.14
C TRP G 336 -3.06 -7.19 -39.79
N HIS G 337 -2.19 -7.77 -38.96
CA HIS G 337 -2.62 -8.26 -37.66
C HIS G 337 -3.10 -7.14 -36.75
N LEU G 338 -2.62 -5.92 -36.96
CA LEU G 338 -3.07 -4.78 -36.17
C LEU G 338 -4.38 -4.23 -36.70
N GLN G 339 -4.57 -4.24 -38.03
CA GLN G 339 -5.84 -3.80 -38.59
C GLN G 339 -6.96 -4.79 -38.29
N GLN G 340 -6.64 -6.04 -37.99
CA GLN G 340 -7.70 -7.01 -37.70
C GLN G 340 -8.53 -6.63 -36.49
N GLN G 341 -7.92 -6.07 -35.45
CA GLN G 341 -8.72 -5.62 -34.30
C GLN G 341 -9.66 -4.49 -34.69
N GLN G 342 -9.19 -3.55 -35.50
CA GLN G 342 -10.00 -2.40 -35.89
C GLN G 342 -11.11 -2.80 -36.85
N SER H 9 -6.90 -10.71 -47.99
CA SER H 9 -6.76 -12.01 -47.35
C SER H 9 -5.78 -11.95 -46.19
N SER H 10 -4.57 -12.48 -46.41
CA SER H 10 -3.53 -12.49 -45.40
C SER H 10 -2.16 -12.46 -46.05
N PRO H 11 -1.24 -11.63 -45.55
CA PRO H 11 0.10 -11.57 -46.15
C PRO H 11 0.85 -12.88 -46.10
N ALA H 12 0.65 -13.69 -45.06
CA ALA H 12 1.36 -14.95 -44.90
C ALA H 12 0.52 -16.10 -45.45
N ARG H 13 1.11 -17.30 -45.43
CA ARG H 13 0.43 -18.50 -45.90
C ARG H 13 0.83 -19.65 -45.00
N LEU H 14 -0.07 -20.04 -44.08
CA LEU H 14 0.20 -21.09 -43.11
C LEU H 14 -0.78 -22.22 -43.31
N LEU H 15 -0.26 -23.45 -43.39
CA LEU H 15 -1.07 -24.66 -43.47
C LEU H 15 -0.81 -25.47 -42.21
N ILE H 16 -1.57 -25.18 -41.16
CA ILE H 16 -1.35 -25.82 -39.86
C ILE H 16 -1.87 -27.25 -39.91
N PRO H 17 -1.18 -28.20 -39.31
CA PRO H 17 -1.68 -29.59 -39.28
C PRO H 17 -2.68 -29.83 -38.17
N GLU H 18 -3.96 -29.54 -38.43
CA GLU H 18 -4.99 -29.77 -37.45
C GLU H 18 -5.08 -31.28 -37.14
N PRO H 19 -5.51 -31.64 -35.93
CA PRO H 19 -5.52 -33.05 -35.54
C PRO H 19 -6.48 -33.88 -36.38
N ARG H 20 -6.20 -35.17 -36.44
CA ARG H 20 -6.97 -36.09 -37.27
C ARG H 20 -8.40 -36.22 -36.76
N ALA H 21 -9.32 -36.51 -37.68
CA ALA H 21 -10.72 -36.68 -37.33
C ALA H 21 -11.06 -38.09 -36.90
N GLY H 22 -10.11 -39.02 -36.95
CA GLY H 22 -10.38 -40.40 -36.56
C GLY H 22 -11.37 -41.11 -37.44
N ARG H 23 -11.24 -40.98 -38.75
CA ARG H 23 -12.19 -41.57 -39.70
C ARG H 23 -11.70 -42.89 -40.28
N ALA H 24 -10.61 -43.45 -39.74
CA ALA H 24 -10.18 -44.78 -40.17
C ALA H 24 -11.13 -45.86 -39.67
N ARG H 25 -11.75 -45.64 -38.50
CA ARG H 25 -12.72 -46.60 -37.98
C ARG H 25 -13.93 -46.70 -38.90
N HIS H 26 -14.37 -45.57 -39.46
CA HIS H 26 -15.48 -45.60 -40.41
C HIS H 26 -15.11 -46.40 -41.66
N ALA H 27 -13.88 -46.23 -42.15
CA ALA H 27 -13.43 -47.03 -43.28
C ALA H 27 -13.41 -48.51 -42.94
N ALA H 28 -12.93 -48.85 -41.75
CA ALA H 28 -12.94 -50.25 -41.33
C ALA H 28 -14.36 -50.80 -41.28
N CYS H 29 -15.30 -50.00 -40.77
CA CYS H 29 -16.69 -50.43 -40.67
C CYS H 29 -17.30 -50.64 -42.06
N VAL H 30 -17.05 -49.72 -42.99
CA VAL H 30 -17.67 -49.85 -44.31
C VAL H 30 -17.06 -51.02 -45.07
N LEU H 31 -15.74 -51.24 -44.94
CA LEU H 31 -15.15 -52.43 -45.57
C LEU H 31 -15.67 -53.72 -44.93
N LEU H 32 -15.90 -53.71 -43.61
CA LEU H 32 -16.50 -54.88 -42.97
C LEU H 32 -17.91 -55.14 -43.49
N ALA H 33 -18.69 -54.08 -43.68
CA ALA H 33 -20.04 -54.22 -44.23
C ALA H 33 -20.00 -54.75 -45.66
N VAL H 34 -19.06 -54.26 -46.47
CA VAL H 34 -18.92 -54.75 -47.84
C VAL H 34 -18.54 -56.23 -47.83
N CYS H 35 -17.62 -56.62 -46.95
CA CYS H 35 -17.23 -58.03 -46.87
C CYS H 35 -18.41 -58.90 -46.43
N PHE H 36 -19.21 -58.41 -45.47
CA PHE H 36 -20.39 -59.16 -45.05
C PHE H 36 -21.38 -59.31 -46.19
N VAL H 37 -21.59 -58.24 -46.96
CA VAL H 37 -22.50 -58.31 -48.11
C VAL H 37 -21.99 -59.30 -49.14
N VAL H 38 -20.68 -59.28 -49.41
CA VAL H 38 -20.10 -60.21 -50.37
C VAL H 38 -20.27 -61.65 -49.89
N LEU H 39 -20.02 -61.90 -48.60
CA LEU H 39 -20.21 -63.24 -48.06
C LEU H 39 -21.68 -63.66 -48.12
N PHE H 40 -22.60 -62.72 -47.98
CA PHE H 40 -24.02 -63.05 -48.11
C PHE H 40 -24.35 -63.57 -49.51
N LEU H 41 -23.78 -62.94 -50.53
CA LEU H 41 -23.97 -63.42 -51.90
C LEU H 41 -23.24 -64.73 -52.12
N SER H 42 -23.75 -65.54 -53.04
CA SER H 42 -23.17 -66.84 -53.38
C SER H 42 -23.04 -67.74 -52.15
N LEU H 46 -20.75 -73.80 -44.78
CA LEU H 46 -21.02 -72.44 -44.31
C LEU H 46 -20.93 -72.36 -42.79
N ALA H 47 -21.75 -73.16 -42.11
CA ALA H 47 -21.71 -73.21 -40.66
C ALA H 47 -20.35 -73.67 -40.12
N PRO H 48 -19.73 -74.75 -40.63
CA PRO H 48 -18.40 -75.12 -40.12
C PRO H 48 -17.34 -74.06 -40.33
N ILE H 49 -17.52 -73.15 -41.28
CA ILE H 49 -16.56 -72.07 -41.51
C ILE H 49 -16.48 -71.15 -40.30
N THR H 50 -17.55 -71.07 -39.51
CA THR H 50 -17.51 -70.27 -38.28
C THR H 50 -16.47 -70.82 -37.30
N ARG H 51 -16.35 -72.13 -37.20
CA ARG H 51 -15.34 -72.73 -36.33
C ARG H 51 -13.94 -72.38 -36.81
N ARG H 52 -13.70 -72.43 -38.12
CA ARG H 52 -12.40 -72.04 -38.65
C ARG H 52 -12.10 -70.57 -38.38
N VAL H 53 -13.12 -69.71 -38.52
CA VAL H 53 -12.96 -68.29 -38.23
C VAL H 53 -12.60 -68.09 -36.76
N CYS H 54 -13.27 -68.81 -35.87
CA CYS H 54 -12.98 -68.70 -34.44
C CYS H 54 -11.57 -69.18 -34.13
N THR H 55 -11.13 -70.26 -34.76
CA THR H 55 -9.77 -70.75 -34.54
C THR H 55 -8.74 -69.75 -35.03
N GLN H 56 -8.98 -69.14 -36.20
CA GLN H 56 -8.07 -68.11 -36.69
C GLN H 56 -8.05 -66.90 -35.74
N LEU H 57 -9.21 -66.52 -35.21
CA LEU H 57 -9.26 -65.42 -34.26
C LEU H 57 -8.47 -65.74 -33.00
N ALA H 58 -8.58 -66.97 -32.50
CA ALA H 58 -7.80 -67.36 -31.32
C ALA H 58 -6.31 -67.37 -31.63
N ALA H 59 -5.94 -67.83 -32.82
CA ALA H 59 -4.52 -67.84 -33.21
C ALA H 59 -3.97 -66.42 -33.27
N LEU H 60 -4.76 -65.48 -33.80
CA LEU H 60 -4.33 -64.09 -33.81
C LEU H 60 -4.32 -63.49 -32.42
N GLN H 61 -5.23 -63.92 -31.54
CA GLN H 61 -5.35 -63.34 -30.21
C GLN H 61 -4.24 -63.81 -29.27
N LEU H 62 -3.73 -65.03 -29.44
CA LEU H 62 -2.68 -65.49 -28.54
C LEU H 62 -1.38 -64.69 -28.68
N GLY H 63 -1.25 -63.89 -29.74
CA GLY H 63 -0.08 -63.05 -29.89
C GLY H 63 0.08 -62.05 -28.76
N VAL H 64 -1.03 -61.44 -28.34
CA VAL H 64 -0.94 -60.47 -27.24
C VAL H 64 -0.61 -61.19 -25.94
N LEU H 65 -1.09 -62.42 -25.76
CA LEU H 65 -0.71 -63.20 -24.58
C LEU H 65 0.79 -63.49 -24.57
N LEU H 66 1.34 -63.87 -25.72
CA LEU H 66 2.78 -64.10 -25.81
C LEU H 66 3.56 -62.82 -25.54
N LYS H 67 3.09 -61.70 -26.09
CA LYS H 67 3.74 -60.42 -25.85
C LYS H 67 3.71 -60.05 -24.37
N GLY H 68 2.58 -60.30 -23.70
CA GLY H 68 2.49 -60.03 -22.27
C GLY H 68 3.42 -60.92 -21.47
N CYS H 69 3.55 -62.19 -21.86
CA CYS H 69 4.49 -63.08 -21.19
C CYS H 69 5.92 -62.58 -21.32
N CYS H 70 6.30 -62.16 -22.53
CA CYS H 70 7.65 -61.60 -22.72
C CYS H 70 7.83 -60.33 -21.92
N CYS H 71 6.81 -59.47 -21.88
CA CYS H 71 6.89 -58.21 -21.15
C CYS H 71 7.06 -58.45 -19.65
N LEU H 72 6.32 -59.41 -19.09
CA LEU H 72 6.48 -59.69 -17.67
C LEU H 72 7.83 -60.34 -17.38
N ALA H 73 8.31 -61.19 -18.30
CA ALA H 73 9.65 -61.75 -18.13
C ALA H 73 10.71 -60.66 -18.13
N GLU H 74 10.51 -59.60 -18.92
CA GLU H 74 11.45 -58.49 -18.93
C GLU H 74 11.31 -57.60 -17.70
N GLU H 75 10.07 -57.43 -17.21
CA GLU H 75 9.80 -56.52 -16.10
C GLU H 75 9.90 -57.17 -14.72
N ILE H 76 10.23 -58.46 -14.66
CA ILE H 76 10.51 -59.07 -13.36
C ILE H 76 11.62 -58.30 -12.64
N PHE H 77 12.64 -57.87 -13.40
CA PHE H 77 13.75 -57.13 -12.79
C PHE H 77 13.30 -55.78 -12.26
N HIS H 78 12.44 -55.08 -12.99
CA HIS H 78 11.99 -53.74 -12.62
C HIS H 78 10.77 -53.76 -11.71
N LEU H 79 10.29 -54.96 -11.34
CA LEU H 79 9.18 -55.07 -10.41
C LEU H 79 9.45 -54.31 -9.11
N HIS H 80 10.61 -54.56 -8.48
CA HIS H 80 10.92 -53.89 -7.23
C HIS H 80 11.14 -52.40 -7.42
N SER H 81 11.64 -51.99 -8.59
CA SER H 81 11.95 -50.58 -8.82
C SER H 81 10.69 -49.76 -9.07
N ARG H 82 9.68 -50.34 -9.71
CA ARG H 82 8.48 -49.58 -10.06
C ARG H 82 7.22 -50.06 -9.37
N HIS H 83 6.89 -51.35 -9.49
CA HIS H 83 5.56 -51.83 -9.11
C HIS H 83 5.53 -52.50 -7.74
N HIS H 84 6.65 -53.06 -7.28
CA HIS H 84 6.70 -53.80 -6.02
C HIS H 84 5.69 -54.95 -6.00
N LEU H 87 3.15 -57.92 -6.60
CA LEU H 87 3.41 -58.64 -7.84
C LEU H 87 2.25 -58.52 -8.81
N TRP H 88 1.06 -58.24 -8.28
CA TRP H 88 -0.12 -58.12 -9.13
C TRP H 88 -0.04 -56.89 -10.03
N GLN H 89 0.65 -55.83 -9.58
CA GLN H 89 0.81 -54.65 -10.42
C GLN H 89 1.63 -54.99 -11.67
N VAL H 90 2.67 -55.82 -11.51
CA VAL H 90 3.48 -56.23 -12.66
C VAL H 90 2.62 -56.98 -13.66
N LEU H 91 1.80 -57.91 -13.18
CA LEU H 91 0.93 -58.68 -14.07
C LEU H 91 -0.08 -57.77 -14.77
N CYS H 92 -0.64 -56.81 -14.03
CA CYS H 92 -1.61 -55.89 -14.63
C CYS H 92 -0.96 -55.01 -15.70
N SER H 93 0.28 -54.57 -15.47
CA SER H 93 0.94 -53.71 -16.43
C SER H 93 1.41 -54.49 -17.65
N CYS H 94 1.86 -55.73 -17.45
CA CYS H 94 2.42 -56.51 -18.55
C CYS H 94 1.35 -56.93 -19.55
N PHE H 95 0.10 -57.03 -19.11
CA PHE H 95 -0.94 -57.50 -19.99
C PHE H 95 -2.01 -56.42 -20.21
N PRO H 96 -2.55 -56.33 -21.41
CA PRO H 96 -3.67 -55.40 -21.63
C PRO H 96 -4.88 -55.84 -20.83
N PRO H 97 -5.70 -54.90 -20.37
CA PRO H 97 -6.89 -55.28 -19.60
C PRO H 97 -7.87 -56.14 -20.36
N ARG H 98 -7.98 -55.98 -21.68
CA ARG H 98 -8.89 -56.77 -22.50
C ARG H 98 -8.17 -58.04 -22.97
N TRP H 99 -7.92 -58.92 -22.01
CA TRP H 99 -7.20 -60.16 -22.28
C TRP H 99 -8.00 -61.42 -21.93
N HIS H 100 -9.14 -61.29 -21.25
CA HIS H 100 -9.93 -62.47 -20.88
C HIS H 100 -10.50 -63.15 -22.12
N LEU H 101 -10.94 -62.38 -23.12
CA LEU H 101 -11.55 -62.96 -24.30
C LEU H 101 -10.54 -63.78 -25.11
N ALA H 102 -9.26 -63.39 -25.07
CA ALA H 102 -8.24 -64.21 -25.72
C ALA H 102 -8.15 -65.58 -25.07
N LEU H 103 -8.18 -65.63 -23.74
CA LEU H 103 -8.18 -66.92 -23.04
C LEU H 103 -9.44 -67.71 -23.34
N LEU H 104 -10.58 -67.02 -23.45
CA LEU H 104 -11.83 -67.70 -23.80
C LEU H 104 -11.73 -68.33 -25.18
N LEU H 105 -11.16 -67.59 -26.15
CA LEU H 105 -10.99 -68.13 -27.49
C LEU H 105 -10.02 -69.31 -27.50
N VAL H 106 -8.94 -69.21 -26.73
CA VAL H 106 -7.98 -70.32 -26.65
C VAL H 106 -8.65 -71.55 -26.06
N GLY H 107 -9.42 -71.38 -24.99
CA GLY H 107 -10.13 -72.50 -24.40
C GLY H 107 -11.15 -73.11 -25.34
N GLY H 108 -11.87 -72.28 -26.08
CA GLY H 108 -12.81 -72.79 -27.07
C GLY H 108 -12.12 -73.59 -28.16
N SER H 109 -10.98 -73.09 -28.65
CA SER H 109 -10.22 -73.82 -29.66
C SER H 109 -9.71 -75.15 -29.10
N ALA H 110 -9.25 -75.16 -27.86
CA ALA H 110 -8.79 -76.40 -27.25
C ALA H 110 -9.94 -77.40 -27.09
N TYR H 111 -11.12 -76.91 -26.67
CA TYR H 111 -12.26 -77.80 -26.49
C TYR H 111 -12.75 -78.35 -27.83
N LEU H 112 -12.70 -77.52 -28.89
CA LEU H 112 -13.13 -77.99 -30.19
C LEU H 112 -12.24 -79.13 -30.69
N ASP H 113 -10.93 -79.03 -30.48
CA ASP H 113 -10.01 -80.08 -30.88
C ASP H 113 -9.95 -81.19 -29.84
N ARG H 123 -2.69 -81.45 -31.21
CA ARG H 123 -2.56 -80.01 -31.04
C ARG H 123 -1.49 -79.45 -31.97
N LEU H 124 -1.34 -80.06 -33.14
CA LEU H 124 -0.36 -79.58 -34.10
C LEU H 124 -0.72 -78.20 -34.63
N ALA H 125 -2.01 -77.95 -34.87
CA ALA H 125 -2.44 -76.64 -35.35
C ALA H 125 -2.13 -75.55 -34.35
N LEU H 126 -2.41 -75.80 -33.07
CA LEU H 126 -2.08 -74.82 -32.03
C LEU H 126 -0.58 -74.59 -31.95
N THR H 127 0.20 -75.68 -32.07
CA THR H 127 1.66 -75.55 -32.02
C THR H 127 2.17 -74.67 -33.15
N LEU H 128 1.70 -74.92 -34.38
CA LEU H 128 2.19 -74.14 -35.51
C LEU H 128 1.71 -72.69 -35.44
N SER H 129 0.48 -72.46 -34.97
CA SER H 129 -0.02 -71.09 -34.85
C SER H 129 0.78 -70.31 -33.81
N CYS H 130 1.02 -70.90 -32.64
CA CYS H 130 1.82 -70.23 -31.63
C CYS H 130 3.25 -70.03 -32.09
N LEU H 131 3.80 -71.01 -32.83
CA LEU H 131 5.14 -70.86 -33.37
C LEU H 131 5.22 -69.69 -34.34
N CYS H 132 4.21 -69.54 -35.21
CA CYS H 132 4.19 -68.41 -36.13
C CYS H 132 4.07 -67.09 -35.37
N GLN H 133 3.21 -67.04 -34.35
CA GLN H 133 3.03 -65.81 -33.60
C GLN H 133 4.32 -65.39 -32.89
N LEU H 134 4.96 -66.34 -32.20
CA LEU H 134 6.19 -66.01 -31.49
C LEU H 134 7.35 -65.78 -32.46
N LEU H 135 7.30 -66.36 -33.66
CA LEU H 135 8.29 -66.06 -34.68
C LEU H 135 8.16 -64.61 -35.14
N VAL H 136 6.93 -64.16 -35.36
CA VAL H 136 6.67 -62.75 -35.70
C VAL H 136 7.17 -61.85 -34.58
N LEU H 137 6.89 -62.23 -33.32
CA LEU H 137 7.35 -61.44 -32.19
C LEU H 137 8.88 -61.37 -32.14
N ALA H 138 9.55 -62.48 -32.43
CA ALA H 138 11.01 -62.53 -32.32
C ALA H 138 11.67 -61.71 -33.41
N LEU H 139 11.24 -61.87 -34.67
CA LEU H 139 11.86 -61.14 -35.75
C LEU H 139 11.59 -59.64 -35.70
N GLY H 140 10.52 -59.22 -35.02
CA GLY H 140 10.23 -57.80 -34.91
C GLY H 140 9.91 -57.14 -36.23
N LEU H 141 9.26 -57.87 -37.14
CA LEU H 141 8.88 -57.30 -38.43
C LEU H 141 7.57 -56.52 -38.36
N GLN H 142 6.90 -56.52 -37.22
CA GLN H 142 5.68 -55.75 -37.01
C GLN H 142 6.07 -54.50 -36.22
N LYS H 143 6.24 -53.38 -36.92
CA LYS H 143 6.66 -52.14 -36.31
C LYS H 143 5.72 -51.02 -36.71
N LEU H 144 5.62 -50.01 -35.84
CA LEU H 144 4.70 -48.91 -36.05
C LEU H 144 5.17 -48.04 -37.21
N SER H 145 4.23 -47.60 -38.04
CA SER H 145 4.54 -46.73 -39.16
C SER H 145 4.74 -45.30 -38.68
N ALA H 146 5.02 -44.41 -39.62
CA ALA H 146 5.24 -43.01 -39.28
C ALA H 146 3.99 -42.36 -38.72
N VAL H 147 2.83 -42.72 -39.27
CA VAL H 147 1.58 -42.10 -38.85
C VAL H 147 1.28 -42.43 -37.38
N GLU H 148 1.45 -43.69 -37.01
CA GLU H 148 1.15 -44.10 -35.63
C GLU H 148 2.06 -43.41 -34.62
N VAL H 149 3.36 -43.36 -34.90
CA VAL H 149 4.28 -42.73 -33.96
C VAL H 149 4.04 -41.22 -33.91
N SER H 150 3.73 -40.61 -35.06
CA SER H 150 3.42 -39.18 -35.05
C SER H 150 2.17 -38.88 -34.23
N GLU H 151 1.13 -39.71 -34.39
CA GLU H 151 -0.08 -39.52 -33.60
C GLU H 151 0.19 -39.72 -32.12
N LEU H 152 1.01 -40.72 -31.76
CA LEU H 152 1.32 -40.96 -30.36
C LEU H 152 2.12 -39.80 -29.76
N THR H 153 3.06 -39.24 -30.52
CA THR H 153 3.83 -38.10 -30.04
C THR H 153 2.96 -36.86 -29.88
N GLU H 154 2.05 -36.61 -30.83
CA GLU H 154 1.25 -35.40 -30.78
C GLU H 154 -0.01 -35.55 -29.93
N SER H 155 -0.31 -36.74 -29.45
CA SER H 155 -1.52 -36.96 -28.66
C SER H 155 -1.28 -36.79 -27.16
N SER H 156 -0.09 -37.12 -26.67
CA SER H 156 0.23 -36.96 -25.25
C SER H 156 0.40 -35.48 -24.93
N LYS H 157 -0.62 -34.88 -24.34
CA LYS H 157 -0.60 -33.45 -24.06
C LYS H 157 0.16 -33.10 -22.78
N LYS H 158 0.55 -34.09 -21.99
CA LYS H 158 1.26 -33.87 -20.74
C LYS H 158 2.51 -34.75 -20.72
N ASN H 159 3.58 -34.27 -21.34
CA ASN H 159 4.88 -34.93 -21.34
C ASN H 159 5.97 -33.90 -21.13
N VAL H 160 5.75 -33.00 -20.16
CA VAL H 160 6.56 -31.80 -19.99
C VAL H 160 7.93 -32.05 -19.38
N ALA H 161 8.27 -33.30 -19.07
CA ALA H 161 9.52 -33.57 -18.35
C ALA H 161 10.74 -33.19 -19.20
N HIS H 162 10.81 -33.72 -20.42
CA HIS H 162 11.97 -33.45 -21.26
C HIS H 162 12.07 -31.98 -21.65
N GLY H 163 10.93 -31.37 -22.01
CA GLY H 163 10.94 -29.96 -22.37
C GLY H 163 11.36 -29.08 -21.22
N LEU H 164 10.84 -29.35 -20.02
CA LEU H 164 11.24 -28.56 -18.86
C LEU H 164 12.71 -28.75 -18.52
N ALA H 165 13.21 -29.98 -18.62
CA ALA H 165 14.62 -30.22 -18.34
C ALA H 165 15.51 -29.44 -19.32
N TRP H 166 15.20 -29.53 -20.61
CA TRP H 166 16.00 -28.82 -21.61
C TRP H 166 15.91 -27.31 -21.43
N SER H 167 14.70 -26.78 -21.18
CA SER H 167 14.56 -25.35 -21.01
C SER H 167 15.30 -24.85 -19.78
N TYR H 168 15.20 -25.58 -18.66
CA TYR H 168 15.95 -25.21 -17.46
C TYR H 168 17.45 -25.20 -17.74
N TYR H 169 17.95 -26.29 -18.35
CA TYR H 169 19.38 -26.37 -18.63
C TYR H 169 19.85 -25.19 -19.48
N ILE H 170 19.19 -24.96 -20.61
CA ILE H 170 19.63 -23.93 -21.54
C ILE H 170 19.51 -22.55 -20.91
N GLY H 171 18.36 -22.26 -20.30
CA GLY H 171 18.12 -20.92 -19.77
C GLY H 171 19.03 -20.57 -18.60
N TYR H 172 19.19 -21.48 -17.65
CA TYR H 172 19.88 -21.16 -16.40
C TYR H 172 21.17 -21.93 -16.20
N LEU H 173 21.16 -23.23 -16.45
CA LEU H 173 22.27 -24.08 -15.99
C LEU H 173 23.52 -23.91 -16.83
N LYS H 174 23.43 -23.32 -18.01
CA LYS H 174 24.56 -23.18 -18.91
C LYS H 174 25.23 -21.81 -18.82
N VAL H 175 24.63 -20.86 -18.10
CA VAL H 175 25.13 -19.50 -18.09
C VAL H 175 25.71 -19.07 -16.75
N VAL H 176 25.33 -19.68 -15.63
CA VAL H 176 25.79 -19.26 -14.32
C VAL H 176 26.81 -20.21 -13.71
N LEU H 177 26.70 -21.51 -13.97
CA LEU H 177 27.65 -22.46 -13.39
C LEU H 177 29.09 -22.24 -13.83
N PRO H 178 29.40 -21.99 -15.11
CA PRO H 178 30.80 -21.70 -15.45
C PRO H 178 31.36 -20.47 -14.74
N ARG H 179 30.53 -19.48 -14.46
CA ARG H 179 30.95 -18.30 -13.69
C ARG H 179 30.57 -18.46 -12.22
N LEU H 180 31.15 -19.48 -11.59
CA LEU H 180 30.90 -19.77 -10.18
C LEU H 180 32.14 -19.67 -9.31
N LYS H 181 33.32 -19.99 -9.84
CA LYS H 181 34.54 -19.84 -9.05
C LYS H 181 34.80 -18.39 -8.71
N GLU H 182 34.60 -17.49 -9.67
CA GLU H 182 34.99 -16.09 -9.46
C GLU H 182 34.01 -15.36 -8.54
N CYS H 183 32.71 -15.65 -8.65
CA CYS H 183 31.75 -15.01 -7.75
C CYS H 183 32.05 -15.36 -6.30
N MET H 184 32.27 -16.64 -6.01
CA MET H 184 32.69 -17.01 -4.67
C MET H 184 34.09 -16.52 -4.36
N GLU H 185 34.89 -16.18 -5.38
CA GLU H 185 36.17 -15.53 -5.11
C GLU H 185 35.98 -14.15 -4.51
N GLU H 186 35.09 -13.33 -5.10
CA GLU H 186 34.80 -12.05 -4.45
C GLU H 186 34.13 -12.26 -3.09
N ILE H 187 33.30 -13.30 -2.98
CA ILE H 187 32.65 -13.59 -1.70
C ILE H 187 33.71 -13.85 -0.63
N SER H 188 34.71 -14.66 -0.96
CA SER H 188 35.81 -14.92 -0.04
C SER H 188 36.65 -13.67 0.20
N ARG H 189 36.75 -12.79 -0.80
CA ARG H 189 37.43 -11.52 -0.59
C ARG H 189 36.73 -10.71 0.48
N THR H 190 35.39 -10.73 0.49
CA THR H 190 34.65 -10.03 1.54
C THR H 190 34.94 -10.63 2.91
N ASN H 191 34.80 -11.95 3.04
CA ASN H 191 35.15 -12.65 4.27
C ASN H 191 35.89 -13.93 3.91
N PRO H 192 37.13 -14.12 4.39
CA PRO H 192 37.96 -15.22 3.90
C PRO H 192 37.79 -16.52 4.67
N MET H 193 36.70 -16.65 5.44
CA MET H 193 36.52 -17.82 6.28
C MET H 193 36.34 -19.10 5.46
N LEU H 194 35.95 -18.97 4.19
CA LEU H 194 35.65 -20.14 3.37
C LEU H 194 36.83 -20.61 2.53
N ARG H 195 38.01 -20.00 2.68
CA ARG H 195 39.17 -20.46 1.93
C ARG H 195 39.61 -21.87 2.32
N ALA H 196 39.26 -22.32 3.54
CA ALA H 196 39.63 -23.66 3.96
C ALA H 196 38.91 -24.72 3.13
N HIS H 197 37.64 -24.48 2.79
CA HIS H 197 36.84 -25.43 2.02
C HIS H 197 36.98 -25.10 0.55
N ARG H 198 38.10 -25.51 -0.05
CA ARG H 198 38.39 -25.28 -1.46
C ARG H 198 37.82 -26.35 -2.36
N ASP H 199 37.41 -27.50 -1.82
CA ASP H 199 36.95 -28.62 -2.61
C ASP H 199 35.43 -28.71 -2.70
N THR H 200 34.72 -27.66 -2.33
CA THR H 200 33.27 -27.62 -2.40
C THR H 200 32.80 -26.32 -3.05
N TRP H 201 33.40 -25.98 -4.19
CA TRP H 201 33.03 -24.77 -4.92
C TRP H 201 32.08 -25.12 -6.07
N LYS H 202 30.94 -25.70 -5.70
CA LYS H 202 29.93 -26.11 -6.67
C LYS H 202 28.55 -25.86 -6.09
N LEU H 203 27.65 -25.35 -6.94
CA LEU H 203 26.29 -25.07 -6.52
C LEU H 203 25.52 -26.36 -6.26
N HIS H 204 24.74 -26.36 -5.19
CA HIS H 204 23.92 -27.51 -4.81
C HIS H 204 22.48 -27.28 -5.23
N ILE H 205 21.93 -28.21 -6.01
CA ILE H 205 20.55 -28.14 -6.49
C ILE H 205 19.72 -29.09 -5.66
N LEU H 206 18.68 -28.57 -5.01
CA LEU H 206 17.76 -29.37 -4.21
C LEU H 206 16.52 -29.68 -5.04
N VAL H 207 16.34 -30.95 -5.38
CA VAL H 207 15.21 -31.37 -6.20
C VAL H 207 14.37 -32.41 -5.46
N PRO H 208 13.36 -31.99 -4.71
CA PRO H 208 12.46 -32.96 -4.09
C PRO H 208 11.59 -33.64 -5.14
N LEU H 209 11.45 -34.96 -5.02
CA LEU H 209 10.62 -35.69 -5.97
C LEU H 209 9.14 -35.33 -5.85
N GLY H 210 8.75 -34.64 -4.78
CA GLY H 210 7.43 -34.04 -4.71
C GLY H 210 7.40 -32.69 -5.39
N CYS H 211 6.68 -31.72 -4.83
CA CYS H 211 6.65 -30.39 -5.41
C CYS H 211 6.68 -29.26 -4.38
N ASP H 212 6.83 -29.55 -3.09
CA ASP H 212 6.89 -28.50 -2.09
C ASP H 212 8.17 -27.69 -2.21
N ILE H 213 8.03 -26.37 -2.14
CA ILE H 213 9.16 -25.45 -2.25
C ILE H 213 9.09 -24.45 -1.10
N TRP H 214 10.20 -24.29 -0.39
CA TRP H 214 10.31 -23.35 0.72
C TRP H 214 10.89 -22.04 0.19
N ASP H 215 10.07 -20.98 0.20
CA ASP H 215 10.54 -19.68 -0.27
C ASP H 215 11.66 -19.13 0.62
N ASP H 216 11.49 -19.20 1.93
CA ASP H 216 12.53 -18.78 2.88
C ASP H 216 13.20 -20.03 3.43
N LEU H 217 14.49 -20.19 3.12
CA LEU H 217 15.20 -21.41 3.49
C LEU H 217 15.47 -21.51 4.99
N GLU H 218 15.30 -20.41 5.73
CA GLU H 218 15.43 -20.47 7.19
C GLU H 218 14.36 -21.32 7.83
N LYS H 219 13.13 -21.26 7.35
CA LYS H 219 12.05 -22.00 8.01
C LYS H 219 12.05 -23.47 7.64
N ALA H 220 12.86 -23.88 6.66
CA ALA H 220 12.95 -25.29 6.32
C ALA H 220 13.61 -26.09 7.42
N ASP H 221 14.75 -25.62 7.93
CA ASP H 221 15.49 -26.33 8.96
C ASP H 221 16.14 -25.32 9.91
N SER H 222 16.41 -25.77 11.13
CA SER H 222 17.01 -24.91 12.14
C SER H 222 18.52 -24.79 12.00
N ASN H 223 19.16 -25.68 11.24
CA ASN H 223 20.62 -25.66 11.08
C ASN H 223 21.08 -24.94 9.82
N ILE H 224 20.17 -24.32 9.08
CA ILE H 224 20.48 -23.59 7.87
C ILE H 224 20.37 -22.10 8.18
N GLN H 225 21.49 -21.39 8.06
CA GLN H 225 21.53 -19.97 8.33
C GLN H 225 22.21 -19.23 7.18
N TYR H 226 21.74 -18.02 6.92
CA TYR H 226 22.33 -17.18 5.89
C TYR H 226 23.68 -16.64 6.35
N LEU H 227 24.53 -16.32 5.38
CA LEU H 227 25.82 -15.71 5.71
C LEU H 227 26.09 -14.44 4.91
N ALA H 228 25.60 -14.35 3.67
CA ALA H 228 25.87 -13.17 2.84
C ALA H 228 24.85 -13.10 1.72
N ASP H 229 24.04 -12.04 1.70
CA ASP H 229 23.17 -11.70 0.58
C ASP H 229 23.45 -10.26 0.14
N LEU H 230 24.25 -10.10 -0.90
CA LEU H 230 24.36 -8.81 -1.54
C LEU H 230 23.16 -8.59 -2.45
N PRO H 231 22.39 -7.52 -2.25
CA PRO H 231 21.14 -7.36 -3.02
C PRO H 231 21.40 -7.27 -4.51
N GLU H 232 20.50 -7.86 -5.29
CA GLU H 232 20.61 -7.88 -6.74
C GLU H 232 19.20 -7.84 -7.34
N THR H 233 19.08 -7.15 -8.47
CA THR H 233 17.81 -7.03 -9.18
C THR H 233 17.90 -7.82 -10.48
N ILE H 234 16.95 -8.73 -10.68
CA ILE H 234 16.88 -9.55 -11.89
C ILE H 234 16.05 -8.79 -12.91
N LEU H 235 16.69 -8.33 -13.98
CA LEU H 235 16.05 -7.48 -14.98
C LEU H 235 15.94 -8.22 -16.30
N THR H 236 14.74 -8.21 -16.88
CA THR H 236 14.49 -8.80 -18.19
C THR H 236 13.98 -7.70 -19.12
N ARG H 237 14.63 -7.55 -20.27
CA ARG H 237 14.26 -6.54 -21.26
C ARG H 237 13.62 -7.23 -22.45
N ALA H 238 12.32 -7.01 -22.62
CA ALA H 238 11.57 -7.56 -23.76
C ALA H 238 11.71 -9.07 -23.85
N GLY H 239 11.68 -9.75 -22.71
CA GLY H 239 11.79 -11.19 -22.66
C GLY H 239 13.20 -11.73 -22.57
N ILE H 240 14.22 -10.88 -22.62
CA ILE H 240 15.62 -11.30 -22.54
C ILE H 240 16.09 -11.08 -21.11
N LYS H 241 16.47 -12.17 -20.45
CA LYS H 241 16.84 -12.14 -19.04
C LYS H 241 18.32 -11.83 -18.88
N ARG H 242 18.63 -10.94 -17.94
CA ARG H 242 20.02 -10.58 -17.65
C ARG H 242 20.67 -11.66 -16.78
N ARG H 243 22.00 -11.69 -16.84
CA ARG H 243 22.75 -12.69 -16.10
C ARG H 243 22.70 -12.41 -14.60
N VAL H 244 22.96 -13.45 -13.81
CA VAL H 244 22.97 -13.36 -12.35
C VAL H 244 24.42 -13.28 -11.90
N TYR H 245 24.74 -12.22 -11.15
CA TYR H 245 26.11 -11.96 -10.72
C TYR H 245 26.31 -12.24 -9.23
N LYS H 246 25.33 -12.84 -8.55
CA LYS H 246 25.44 -13.08 -7.12
C LYS H 246 24.73 -14.38 -6.77
N HIS H 247 25.33 -15.13 -5.86
CA HIS H 247 24.74 -16.33 -5.30
C HIS H 247 24.67 -16.21 -3.79
N SER H 248 23.58 -16.69 -3.20
CA SER H 248 23.37 -16.57 -1.77
C SER H 248 24.15 -17.65 -1.03
N LEU H 249 25.05 -17.22 -0.15
CA LEU H 249 25.86 -18.14 0.64
C LEU H 249 25.19 -18.44 1.96
N TYR H 250 25.25 -19.70 2.38
CA TYR H 250 24.64 -20.16 3.60
C TYR H 250 25.70 -20.77 4.51
N VAL H 251 25.31 -21.06 5.75
CA VAL H 251 26.13 -21.84 6.67
C VAL H 251 25.26 -22.94 7.27
N ILE H 252 25.78 -24.16 7.28
CA ILE H 252 25.07 -25.32 7.82
C ILE H 252 25.68 -25.66 9.17
N ARG H 253 24.84 -25.73 10.19
CA ARG H 253 25.31 -26.04 11.55
C ARG H 253 25.51 -27.54 11.68
N ASP H 254 26.78 -27.95 11.80
CA ASP H 254 27.13 -29.35 12.02
C ASP H 254 26.97 -29.67 13.50
N LYS H 255 27.49 -30.80 13.95
CA LYS H 255 27.54 -31.11 15.37
C LYS H 255 28.41 -30.09 16.09
N ASP H 256 28.53 -30.19 17.41
CA ASP H 256 29.23 -29.16 18.16
C ASP H 256 30.73 -29.24 17.95
N ASN H 257 31.17 -29.12 16.70
CA ASN H 257 32.58 -29.09 16.37
C ASN H 257 32.98 -27.92 15.48
N LYS H 258 32.14 -27.55 14.51
CA LYS H 258 32.46 -26.49 13.56
C LYS H 258 31.21 -26.17 12.75
N LEU H 259 31.35 -25.29 11.76
CA LEU H 259 30.28 -24.92 10.85
C LEU H 259 30.77 -25.11 9.42
N ARG H 260 29.82 -25.27 8.49
CA ARG H 260 30.15 -25.52 7.10
C ARG H 260 29.33 -24.61 6.20
N PRO H 261 29.97 -23.87 5.29
CA PRO H 261 29.22 -23.01 4.36
C PRO H 261 28.79 -23.75 3.11
N CYS H 262 27.66 -23.32 2.56
CA CYS H 262 27.05 -24.01 1.43
C CYS H 262 26.31 -23.02 0.54
N VAL H 263 26.10 -23.42 -0.70
CA VAL H 263 25.27 -22.69 -1.65
C VAL H 263 24.11 -23.60 -2.04
N LEU H 264 22.88 -23.11 -1.88
CA LEU H 264 21.69 -23.91 -2.10
C LEU H 264 20.76 -23.23 -3.11
N GLU H 265 20.04 -24.06 -3.87
CA GLU H 265 19.08 -23.57 -4.84
C GLU H 265 18.11 -24.70 -5.18
N PHE H 266 16.84 -24.34 -5.32
CA PHE H 266 15.79 -25.27 -5.72
C PHE H 266 15.65 -25.28 -7.24
N ALA H 267 14.69 -26.06 -7.71
CA ALA H 267 14.44 -26.21 -9.14
C ALA H 267 13.14 -25.50 -9.50
N SER H 268 13.22 -24.53 -10.40
CA SER H 268 12.02 -23.86 -10.91
C SER H 268 11.05 -24.82 -11.61
N PRO H 269 11.49 -25.79 -12.43
CA PRO H 269 10.51 -26.70 -13.04
C PRO H 269 9.62 -27.41 -12.04
N LEU H 270 10.09 -27.65 -10.82
CA LEU H 270 9.20 -28.21 -9.79
C LEU H 270 8.09 -27.23 -9.45
N GLN H 271 8.41 -25.93 -9.38
CA GLN H 271 7.37 -24.92 -9.20
C GLN H 271 6.41 -24.91 -10.38
N THR H 272 6.94 -25.12 -11.59
CA THR H 272 6.08 -25.21 -12.77
C THR H 272 5.12 -26.39 -12.67
N LEU H 273 5.63 -27.54 -12.22
CA LEU H 273 4.76 -28.70 -12.01
C LEU H 273 3.69 -28.41 -10.96
N CYS H 274 4.07 -27.76 -9.86
CA CYS H 274 3.11 -27.44 -8.82
C CYS H 274 2.02 -26.51 -9.34
N ALA H 275 2.40 -25.48 -10.11
CA ALA H 275 1.42 -24.56 -10.65
C ALA H 275 0.54 -25.23 -11.69
N MET H 276 1.10 -26.16 -12.47
CA MET H 276 0.30 -26.92 -13.43
C MET H 276 -0.74 -27.78 -12.70
N SER H 277 -0.33 -28.41 -11.60
CA SER H 277 -1.27 -29.20 -10.80
C SER H 277 -2.36 -28.32 -10.21
N GLN H 278 -1.98 -27.14 -9.69
CA GLN H 278 -2.97 -26.24 -9.10
C GLN H 278 -3.85 -25.61 -10.15
N ASP H 279 -3.39 -25.53 -11.40
CA ASP H 279 -4.16 -24.87 -12.45
C ASP H 279 -5.45 -25.63 -12.74
N ASP H 280 -6.54 -24.89 -12.91
CA ASP H 280 -7.85 -25.51 -13.09
C ASP H 280 -7.99 -26.14 -14.47
N CYS H 281 -7.56 -25.42 -15.52
CA CYS H 281 -7.75 -25.90 -16.87
C CYS H 281 -6.73 -26.97 -17.26
N ALA H 282 -5.68 -27.16 -16.45
CA ALA H 282 -4.67 -28.14 -16.80
C ALA H 282 -5.17 -29.57 -16.60
N ALA H 283 -5.93 -29.80 -15.52
CA ALA H 283 -6.40 -31.14 -15.15
C ALA H 283 -5.23 -32.11 -15.01
N PHE H 284 -4.34 -31.78 -14.07
CA PHE H 284 -3.08 -32.49 -13.87
C PHE H 284 -3.10 -33.10 -12.48
N SER H 285 -3.15 -34.43 -12.42
CA SER H 285 -3.37 -35.15 -11.18
C SER H 285 -2.06 -35.26 -10.39
N ARG H 286 -2.06 -36.08 -9.34
CA ARG H 286 -0.93 -36.22 -8.43
C ARG H 286 0.01 -37.35 -8.83
N GLU H 287 -0.53 -38.51 -9.22
CA GLU H 287 0.32 -39.60 -9.69
C GLU H 287 1.10 -39.18 -10.92
N GLN H 288 0.43 -38.50 -11.86
CA GLN H 288 1.13 -37.97 -13.03
C GLN H 288 2.17 -36.94 -12.61
N ARG H 289 1.88 -36.16 -11.57
CA ARG H 289 2.85 -35.17 -11.10
C ARG H 289 4.12 -35.84 -10.57
N LEU H 290 3.96 -36.89 -9.76
CA LEU H 290 5.13 -37.61 -9.26
C LEU H 290 5.91 -38.28 -10.40
N GLU H 291 5.20 -38.88 -11.35
CA GLU H 291 5.88 -39.51 -12.47
C GLU H 291 6.66 -38.48 -13.29
N GLN H 292 6.05 -37.33 -13.55
CA GLN H 292 6.72 -36.28 -14.31
C GLN H 292 7.90 -35.72 -13.55
N ALA H 293 7.79 -35.60 -12.23
CA ALA H 293 8.92 -35.11 -11.43
C ALA H 293 10.10 -36.09 -11.49
N ARG H 294 9.82 -37.39 -11.37
CA ARG H 294 10.90 -38.37 -11.47
C ARG H 294 11.53 -38.36 -12.86
N LEU H 295 10.70 -38.27 -13.91
CA LEU H 295 11.24 -38.24 -15.26
C LEU H 295 12.05 -36.98 -15.50
N PHE H 296 11.61 -35.84 -14.97
CA PHE H 296 12.35 -34.59 -15.09
C PHE H 296 13.69 -34.69 -14.38
N TYR H 297 13.72 -35.28 -13.19
CA TYR H 297 14.99 -35.45 -12.47
C TYR H 297 15.94 -36.33 -13.27
N ARG H 298 15.43 -37.45 -13.81
CA ARG H 298 16.29 -38.33 -14.59
C ARG H 298 16.81 -37.64 -15.84
N SER H 299 15.94 -36.90 -16.54
CA SER H 299 16.36 -36.21 -17.75
C SER H 299 17.40 -35.13 -17.44
N LEU H 300 17.19 -34.37 -16.37
CA LEU H 300 18.15 -33.34 -15.99
C LEU H 300 19.50 -33.94 -15.62
N ARG H 301 19.49 -35.05 -14.87
CA ARG H 301 20.73 -35.72 -14.51
C ARG H 301 21.47 -36.21 -15.75
N ASP H 302 20.74 -36.82 -16.69
CA ASP H 302 21.38 -37.33 -17.91
C ASP H 302 21.90 -36.20 -18.79
N ILE H 303 21.19 -35.07 -18.83
CA ILE H 303 21.64 -33.93 -19.62
C ILE H 303 22.91 -33.32 -19.02
N LEU H 304 22.91 -33.11 -17.70
CA LEU H 304 24.06 -32.52 -17.05
C LEU H 304 25.27 -33.44 -17.05
N GLY H 305 25.05 -34.76 -16.97
CA GLY H 305 26.16 -35.68 -16.90
C GLY H 305 26.96 -35.77 -18.18
N SER H 306 26.36 -35.38 -19.30
CA SER H 306 27.02 -35.44 -20.60
C SER H 306 27.37 -34.05 -21.13
N SER H 307 27.58 -33.08 -20.25
CA SER H 307 27.93 -31.72 -20.63
C SER H 307 29.44 -31.51 -20.48
N LYS H 308 29.90 -30.38 -21.00
CA LYS H 308 31.32 -30.02 -20.95
C LYS H 308 31.59 -28.79 -20.09
N GLU H 309 30.76 -27.76 -20.18
CA GLU H 309 30.97 -26.58 -19.34
C GLU H 309 30.71 -26.90 -17.88
N CYS H 310 29.67 -27.66 -17.58
CA CYS H 310 29.31 -28.03 -16.22
C CYS H 310 29.92 -29.37 -15.82
N ALA H 311 31.24 -29.48 -15.96
CA ALA H 311 31.91 -30.75 -15.69
C ALA H 311 31.84 -31.12 -14.21
N GLY H 312 32.20 -30.17 -13.34
CA GLY H 312 32.22 -30.45 -11.91
C GLY H 312 31.77 -29.28 -11.06
N LEU H 313 30.93 -28.41 -11.62
CA LEU H 313 30.46 -27.22 -10.93
C LEU H 313 28.99 -27.34 -10.52
N TYR H 314 28.55 -28.54 -10.17
CA TYR H 314 27.17 -28.74 -9.75
C TYR H 314 27.07 -30.00 -8.92
N ARG H 315 25.99 -30.09 -8.15
CA ARG H 315 25.63 -31.30 -7.44
C ARG H 315 24.14 -31.23 -7.13
N LEU H 316 23.38 -32.19 -7.64
CA LEU H 316 21.93 -32.20 -7.49
C LEU H 316 21.53 -33.24 -6.45
N ILE H 317 20.67 -32.83 -5.52
CA ILE H 317 20.25 -33.66 -4.40
C ILE H 317 18.77 -33.96 -4.55
N ALA H 318 18.45 -35.24 -4.76
CA ALA H 318 17.08 -35.68 -4.89
C ALA H 318 16.68 -36.45 -3.63
N TYR H 319 15.53 -36.10 -3.06
CA TYR H 319 15.07 -36.74 -1.84
C TYR H 319 13.54 -36.87 -1.88
N GLU H 320 13.04 -37.90 -1.22
CA GLU H 320 11.62 -38.09 -1.00
C GLU H 320 11.31 -37.86 0.47
N GLU H 321 10.27 -37.09 0.73
CA GLU H 321 9.94 -36.74 2.10
C GLU H 321 9.59 -37.99 2.90
N PRO H 322 10.17 -38.18 4.08
CA PRO H 322 9.91 -39.41 4.84
C PRO H 322 8.51 -39.41 5.44
N ALA H 323 7.97 -40.62 5.62
CA ALA H 323 6.66 -40.77 6.25
C ALA H 323 6.68 -40.27 7.69
N GLU H 324 7.70 -40.64 8.44
CA GLU H 324 7.82 -40.17 9.81
C GLU H 324 8.30 -38.73 9.82
N PRO H 325 7.69 -37.86 10.64
CA PRO H 325 8.10 -36.45 10.66
C PRO H 325 9.42 -36.27 11.40
N GLU H 326 10.38 -35.62 10.74
CA GLU H 326 11.67 -35.30 11.32
C GLU H 326 11.97 -33.83 11.07
N SER H 327 12.41 -33.13 12.13
CA SER H 327 12.66 -31.70 12.04
C SER H 327 14.07 -31.37 11.59
N HIS H 328 14.98 -32.34 11.57
CA HIS H 328 16.38 -32.10 11.19
C HIS H 328 16.84 -33.14 10.18
N PHE H 329 16.02 -33.38 9.16
CA PHE H 329 16.34 -34.35 8.12
C PHE H 329 17.03 -33.71 6.92
N LEU H 330 16.45 -32.63 6.40
CA LEU H 330 17.00 -31.98 5.21
C LEU H 330 18.41 -31.45 5.47
N SER H 331 18.62 -30.82 6.64
CA SER H 331 19.96 -30.35 6.99
C SER H 331 20.91 -31.52 7.15
N GLY H 332 20.45 -32.63 7.71
CA GLY H 332 21.30 -33.80 7.83
C GLY H 332 21.68 -34.39 6.48
N LEU H 333 20.73 -34.38 5.53
CA LEU H 333 21.03 -34.87 4.19
C LEU H 333 22.05 -33.96 3.50
N ILE H 334 21.92 -32.65 3.65
CA ILE H 334 22.91 -31.74 3.09
C ILE H 334 24.27 -31.98 3.75
N LEU H 335 24.28 -32.22 5.06
CA LEU H 335 25.54 -32.47 5.75
C LEU H 335 26.20 -33.75 5.24
N TRP H 336 25.39 -34.79 4.97
CA TRP H 336 25.94 -36.01 4.39
C TRP H 336 26.52 -35.75 3.01
N HIS H 337 25.82 -34.96 2.19
CA HIS H 337 26.34 -34.65 0.86
C HIS H 337 27.67 -33.89 0.95
N LEU H 338 27.75 -32.92 1.87
CA LEU H 338 29.00 -32.20 2.09
C LEU H 338 30.11 -33.13 2.57
N GLN H 339 29.79 -34.06 3.48
CA GLN H 339 30.81 -34.99 3.96
C GLN H 339 31.34 -35.87 2.83
N GLN H 340 30.43 -36.35 1.96
CA GLN H 340 30.87 -37.15 0.82
C GLN H 340 31.56 -36.31 -0.24
N GLN H 341 31.34 -35.00 -0.26
CA GLN H 341 31.97 -34.14 -1.27
C GLN H 341 33.45 -33.91 -0.97
N GLN H 342 33.87 -34.11 0.28
CA GLN H 342 35.26 -33.90 0.66
C GLN H 342 36.18 -34.91 -0.01
#